data_1VYG
# 
_entry.id   1VYG 
# 
_audit_conform.dict_name       mmcif_pdbx.dic 
_audit_conform.dict_version    5.382 
_audit_conform.dict_location   http://mmcif.pdb.org/dictionaries/ascii/mmcif_pdbx.dic 
# 
loop_
_database_2.database_id 
_database_2.database_code 
_database_2.pdbx_database_accession 
_database_2.pdbx_DOI 
PDB   1VYG         pdb_00001vyg 10.2210/pdb1vyg/pdb 
PDBE  EBI-15117    ?            ?                   
WWPDB D_1290015117 ?            ?                   
# 
_pdbx_database_related.db_name        PDB 
_pdbx_database_related.db_id          1VYF 
_pdbx_database_related.content_type   unspecified 
_pdbx_database_related.details        'SCHISTOSOMA MANSONI FATTY ACID BINDING PROTEIN IN COMPLEX WITH OLEIC ACID' 
# 
_pdbx_database_status.status_code                     REL 
_pdbx_database_status.entry_id                        1VYG 
_pdbx_database_status.deposit_site                    PDBE 
_pdbx_database_status.process_site                    PDBE 
_pdbx_database_status.SG_entry                        . 
_pdbx_database_status.recvd_initial_deposition_date   2004-04-29 
_pdbx_database_status.pdb_format_compatible           Y 
_pdbx_database_status.status_code_sf                  REL 
_pdbx_database_status.status_code_mr                  ? 
_pdbx_database_status.status_code_cs                  ? 
_pdbx_database_status.methods_development_category    ? 
_pdbx_database_status.status_code_nmr_data            ? 
# 
loop_
_audit_author.name 
_audit_author.pdbx_ordinal 
'Angelucci, F.' 1 
'Johnson, K.A.' 2 
'Baiocco, P.'   3 
'Miele, A.E.'   4 
'Bellelli, A.'  5 
# 
_citation.id                        primary 
_citation.title                     
'Schistosoma Mansoni Fatty Acid Binding Protein: Specificity and Functional Control as Revealed by Crystallographic Structure' 
_citation.journal_abbrev            Biochemistry 
_citation.journal_volume            43 
_citation.page_first                13000 
_citation.page_last                 ? 
_citation.year                      2004 
_citation.journal_id_ASTM           BICHAW 
_citation.country                   US 
_citation.journal_id_ISSN           0006-2960 
_citation.journal_id_CSD            0033 
_citation.book_publisher            ? 
_citation.pdbx_database_id_PubMed   15476393 
_citation.pdbx_database_id_DOI      10.1021/BI048505F 
# 
loop_
_citation_author.citation_id 
_citation_author.name 
_citation_author.ordinal 
_citation_author.identifier_ORCID 
primary 'Angelucci, F.'  1  ? 
primary 'Johnson, K.A.'  2  ? 
primary 'Baiocco, P.'    3  ? 
primary 'Miele, A.E.'    4  ? 
primary 'Brunori, M.'    5  ? 
primary 'Valle, C.'      6  ? 
primary 'Vigorosi, F.'   7  ? 
primary 'Troiani, A.R.'  8  ? 
primary 'Liberti, P.'    9  ? 
primary 'Cioli, D.'      10 ? 
primary 'Klinkert, M.Q.' 11 ? 
primary 'Bellelli, A.'   12 ? 
# 
_cell.entry_id           1VYG 
_cell.length_a           42.290 
_cell.length_b           91.010 
_cell.length_c           35.330 
_cell.angle_alpha        90.00 
_cell.angle_beta         90.00 
_cell.angle_gamma        90.00 
_cell.Z_PDB              4 
_cell.pdbx_unique_axis   ? 
# 
_symmetry.entry_id                         1VYG 
_symmetry.space_group_name_H-M             'P 21 21 2' 
_symmetry.pdbx_full_space_group_name_H-M   ? 
_symmetry.cell_setting                     ? 
_symmetry.Int_Tables_number                18 
# 
loop_
_entity.id 
_entity.type 
_entity.src_method 
_entity.pdbx_description 
_entity.formula_weight 
_entity.pdbx_number_of_molecules 
_entity.pdbx_ec 
_entity.pdbx_mutation 
_entity.pdbx_fragment 
_entity.details 
1 polymer     man 'FATTY ACID BINDING PROTEIN' 15010.914 1  ? ? ? '2 ADDITIONAL AMINO ACIDS AT THE N-TERMINUS' 
2 non-polymer syn 'ARACHIDONIC ACID'           304.467   1  ? ? ? ?                                            
3 water       nat water                        18.015    76 ? ? ? ?                                            
# 
_entity_name_com.entity_id   1 
_entity_name_com.name        SM14 
# 
_entity_poly.entity_id                      1 
_entity_poly.type                           'polypeptide(L)' 
_entity_poly.nstd_linkage                   no 
_entity_poly.nstd_monomer                   no 
_entity_poly.pdbx_seq_one_letter_code       
;GSMSSFLGKWKLSESHNFDAVMSKLGVSWATRQIGNTVTPTVTFTMDGDKMTMLTESTFKNLSCTFKFGEEFDEKTSDGR
NVKSVVEKNSESKLTQTQVDPKNTTVIVREVDGDTMKTTVTVGDVTAIRNYKRLS
;
_entity_poly.pdbx_seq_one_letter_code_can   
;GSMSSFLGKWKLSESHNFDAVMSKLGVSWATRQIGNTVTPTVTFTMDGDKMTMLTESTFKNLSCTFKFGEEFDEKTSDGR
NVKSVVEKNSESKLTQTQVDPKNTTVIVREVDGDTMKTTVTVGDVTAIRNYKRLS
;
_entity_poly.pdbx_strand_id                 A 
_entity_poly.pdbx_target_identifier         ? 
# 
loop_
_entity_poly_seq.entity_id 
_entity_poly_seq.num 
_entity_poly_seq.mon_id 
_entity_poly_seq.hetero 
1 1   GLY n 
1 2   SER n 
1 3   MET n 
1 4   SER n 
1 5   SER n 
1 6   PHE n 
1 7   LEU n 
1 8   GLY n 
1 9   LYS n 
1 10  TRP n 
1 11  LYS n 
1 12  LEU n 
1 13  SER n 
1 14  GLU n 
1 15  SER n 
1 16  HIS n 
1 17  ASN n 
1 18  PHE n 
1 19  ASP n 
1 20  ALA n 
1 21  VAL n 
1 22  MET n 
1 23  SER n 
1 24  LYS n 
1 25  LEU n 
1 26  GLY n 
1 27  VAL n 
1 28  SER n 
1 29  TRP n 
1 30  ALA n 
1 31  THR n 
1 32  ARG n 
1 33  GLN n 
1 34  ILE n 
1 35  GLY n 
1 36  ASN n 
1 37  THR n 
1 38  VAL n 
1 39  THR n 
1 40  PRO n 
1 41  THR n 
1 42  VAL n 
1 43  THR n 
1 44  PHE n 
1 45  THR n 
1 46  MET n 
1 47  ASP n 
1 48  GLY n 
1 49  ASP n 
1 50  LYS n 
1 51  MET n 
1 52  THR n 
1 53  MET n 
1 54  LEU n 
1 55  THR n 
1 56  GLU n 
1 57  SER n 
1 58  THR n 
1 59  PHE n 
1 60  LYS n 
1 61  ASN n 
1 62  LEU n 
1 63  SER n 
1 64  CYS n 
1 65  THR n 
1 66  PHE n 
1 67  LYS n 
1 68  PHE n 
1 69  GLY n 
1 70  GLU n 
1 71  GLU n 
1 72  PHE n 
1 73  ASP n 
1 74  GLU n 
1 75  LYS n 
1 76  THR n 
1 77  SER n 
1 78  ASP n 
1 79  GLY n 
1 80  ARG n 
1 81  ASN n 
1 82  VAL n 
1 83  LYS n 
1 84  SER n 
1 85  VAL n 
1 86  VAL n 
1 87  GLU n 
1 88  LYS n 
1 89  ASN n 
1 90  SER n 
1 91  GLU n 
1 92  SER n 
1 93  LYS n 
1 94  LEU n 
1 95  THR n 
1 96  GLN n 
1 97  THR n 
1 98  GLN n 
1 99  VAL n 
1 100 ASP n 
1 101 PRO n 
1 102 LYS n 
1 103 ASN n 
1 104 THR n 
1 105 THR n 
1 106 VAL n 
1 107 ILE n 
1 108 VAL n 
1 109 ARG n 
1 110 GLU n 
1 111 VAL n 
1 112 ASP n 
1 113 GLY n 
1 114 ASP n 
1 115 THR n 
1 116 MET n 
1 117 LYS n 
1 118 THR n 
1 119 THR n 
1 120 VAL n 
1 121 THR n 
1 122 VAL n 
1 123 GLY n 
1 124 ASP n 
1 125 VAL n 
1 126 THR n 
1 127 ALA n 
1 128 ILE n 
1 129 ARG n 
1 130 ASN n 
1 131 TYR n 
1 132 LYS n 
1 133 ARG n 
1 134 LEU n 
1 135 SER n 
# 
_entity_src_gen.entity_id                          1 
_entity_src_gen.pdbx_src_id                        1 
_entity_src_gen.pdbx_alt_source_flag               sample 
_entity_src_gen.pdbx_seq_type                      ? 
_entity_src_gen.pdbx_beg_seq_num                   ? 
_entity_src_gen.pdbx_end_seq_num                   ? 
_entity_src_gen.gene_src_common_name               'BLOOD FLUKE' 
_entity_src_gen.gene_src_genus                     ? 
_entity_src_gen.pdbx_gene_src_gene                 ? 
_entity_src_gen.gene_src_species                   ? 
_entity_src_gen.gene_src_strain                    'BRAZILIAN BH' 
_entity_src_gen.gene_src_tissue                    ? 
_entity_src_gen.gene_src_tissue_fraction           ? 
_entity_src_gen.gene_src_details                   ? 
_entity_src_gen.pdbx_gene_src_fragment             ? 
_entity_src_gen.pdbx_gene_src_scientific_name      'SCHISTOSOMA MANSONI' 
_entity_src_gen.pdbx_gene_src_ncbi_taxonomy_id     6183 
_entity_src_gen.pdbx_gene_src_variant              ? 
_entity_src_gen.pdbx_gene_src_cell_line            ? 
_entity_src_gen.pdbx_gene_src_atcc                 ? 
_entity_src_gen.pdbx_gene_src_organ                ? 
_entity_src_gen.pdbx_gene_src_organelle            ? 
_entity_src_gen.pdbx_gene_src_cell                 ? 
_entity_src_gen.pdbx_gene_src_cellular_location    ? 
_entity_src_gen.host_org_common_name               ? 
_entity_src_gen.pdbx_host_org_scientific_name      'ESCHERICHIA COLI' 
_entity_src_gen.pdbx_host_org_ncbi_taxonomy_id     469008 
_entity_src_gen.host_org_genus                     ? 
_entity_src_gen.pdbx_host_org_gene                 ? 
_entity_src_gen.pdbx_host_org_organ                ? 
_entity_src_gen.host_org_species                   ? 
_entity_src_gen.pdbx_host_org_tissue               ? 
_entity_src_gen.pdbx_host_org_tissue_fraction      ? 
_entity_src_gen.pdbx_host_org_strain               'BL21(DE3)' 
_entity_src_gen.pdbx_host_org_variant              ? 
_entity_src_gen.pdbx_host_org_cell_line            ? 
_entity_src_gen.pdbx_host_org_atcc                 ? 
_entity_src_gen.pdbx_host_org_culture_collection   ? 
_entity_src_gen.pdbx_host_org_cell                 ? 
_entity_src_gen.pdbx_host_org_organelle            ? 
_entity_src_gen.pdbx_host_org_cellular_location    ? 
_entity_src_gen.pdbx_host_org_vector_type          ? 
_entity_src_gen.pdbx_host_org_vector               ? 
_entity_src_gen.host_org_details                   ? 
_entity_src_gen.expression_system_id               ? 
_entity_src_gen.plasmid_name                       PDEST17 
_entity_src_gen.plasmid_details                    ? 
_entity_src_gen.pdbx_description                   CDNA 
# 
loop_
_struct_ref.id 
_struct_ref.db_name 
_struct_ref.db_code 
_struct_ref.entity_id 
_struct_ref.pdbx_seq_one_letter_code 
_struct_ref.pdbx_align_begin 
_struct_ref.pdbx_db_accession 
_struct_ref.pdbx_db_isoform 
1 PDB 1VYG       1 ? ? 1VYG   ? 
2 UNP FABP_SCHMA 1 ? ? P29498 ? 
# 
loop_
_struct_ref_seq.align_id 
_struct_ref_seq.ref_id 
_struct_ref_seq.pdbx_PDB_id_code 
_struct_ref_seq.pdbx_strand_id 
_struct_ref_seq.seq_align_beg 
_struct_ref_seq.pdbx_seq_align_beg_ins_code 
_struct_ref_seq.seq_align_end 
_struct_ref_seq.pdbx_seq_align_end_ins_code 
_struct_ref_seq.pdbx_db_accession 
_struct_ref_seq.db_align_beg 
_struct_ref_seq.pdbx_db_align_beg_ins_code 
_struct_ref_seq.db_align_end 
_struct_ref_seq.pdbx_db_align_end_ins_code 
_struct_ref_seq.pdbx_auth_seq_align_beg 
_struct_ref_seq.pdbx_auth_seq_align_end 
1 1 1VYG A 1 ? 2   ? 1VYG   -1 ? 0   ? -1 0   
2 2 1VYG A 3 ? 135 ? P29498 1  ? 133 ? 1  133 
# 
loop_
_chem_comp.id 
_chem_comp.type 
_chem_comp.mon_nstd_flag 
_chem_comp.name 
_chem_comp.pdbx_synonyms 
_chem_comp.formula 
_chem_comp.formula_weight 
ACD non-polymer         . 'ARACHIDONIC ACID' ? 'C20 H32 O2'     304.467 
ALA 'L-peptide linking' y ALANINE            ? 'C3 H7 N O2'     89.093  
ARG 'L-peptide linking' y ARGININE           ? 'C6 H15 N4 O2 1' 175.209 
ASN 'L-peptide linking' y ASPARAGINE         ? 'C4 H8 N2 O3'    132.118 
ASP 'L-peptide linking' y 'ASPARTIC ACID'    ? 'C4 H7 N O4'     133.103 
CYS 'L-peptide linking' y CYSTEINE           ? 'C3 H7 N O2 S'   121.158 
GLN 'L-peptide linking' y GLUTAMINE          ? 'C5 H10 N2 O3'   146.144 
GLU 'L-peptide linking' y 'GLUTAMIC ACID'    ? 'C5 H9 N O4'     147.129 
GLY 'peptide linking'   y GLYCINE            ? 'C2 H5 N O2'     75.067  
HIS 'L-peptide linking' y HISTIDINE          ? 'C6 H10 N3 O2 1' 156.162 
HOH non-polymer         . WATER              ? 'H2 O'           18.015  
ILE 'L-peptide linking' y ISOLEUCINE         ? 'C6 H13 N O2'    131.173 
LEU 'L-peptide linking' y LEUCINE            ? 'C6 H13 N O2'    131.173 
LYS 'L-peptide linking' y LYSINE             ? 'C6 H15 N2 O2 1' 147.195 
MET 'L-peptide linking' y METHIONINE         ? 'C5 H11 N O2 S'  149.211 
PHE 'L-peptide linking' y PHENYLALANINE      ? 'C9 H11 N O2'    165.189 
PRO 'L-peptide linking' y PROLINE            ? 'C5 H9 N O2'     115.130 
SER 'L-peptide linking' y SERINE             ? 'C3 H7 N O3'     105.093 
THR 'L-peptide linking' y THREONINE          ? 'C4 H9 N O3'     119.119 
TRP 'L-peptide linking' y TRYPTOPHAN         ? 'C11 H12 N2 O2'  204.225 
TYR 'L-peptide linking' y TYROSINE           ? 'C9 H11 N O3'    181.189 
VAL 'L-peptide linking' y VALINE             ? 'C5 H11 N O2'    117.146 
# 
_exptl.entry_id          1VYG 
_exptl.method            'X-RAY DIFFRACTION' 
_exptl.crystals_number   1 
# 
_exptl_crystal.id                    1 
_exptl_crystal.density_meas          ? 
_exptl_crystal.density_Matthews      2.28 
_exptl_crystal.density_percent_sol   37.1 
_exptl_crystal.description           ? 
# 
_exptl_crystal_grow.crystal_id      1 
_exptl_crystal_grow.method          ? 
_exptl_crystal_grow.temp            ? 
_exptl_crystal_grow.temp_details    ? 
_exptl_crystal_grow.pH              6.00 
_exptl_crystal_grow.pdbx_pH_range   ? 
_exptl_crystal_grow.pdbx_details    '30% PEG 8K,0.1M MES, 0.2M NA ACETATE, 5MM BME, pH 6.00' 
# 
_diffrn.id                     1 
_diffrn.ambient_temp           100.0 
_diffrn.ambient_temp_details   ? 
_diffrn.crystal_id             1 
# 
_diffrn_detector.diffrn_id              1 
_diffrn_detector.detector               CCD 
_diffrn_detector.type                   MARRESEARCH 
_diffrn_detector.pdbx_collection_date   2003-02-15 
_diffrn_detector.details                ? 
# 
_diffrn_radiation.diffrn_id                        1 
_diffrn_radiation.wavelength_id                    1 
_diffrn_radiation.pdbx_monochromatic_or_laue_m_l   M 
_diffrn_radiation.monochromator                    ? 
_diffrn_radiation.pdbx_diffrn_protocol             'SINGLE WAVELENGTH' 
_diffrn_radiation.pdbx_scattering_type             x-ray 
# 
_diffrn_radiation_wavelength.id           1 
_diffrn_radiation_wavelength.wavelength   1.0 
_diffrn_radiation_wavelength.wt           1.0 
# 
_diffrn_source.diffrn_id                   1 
_diffrn_source.source                      SYNCHROTRON 
_diffrn_source.type                        'ELETTRA BEAMLINE 5.2R' 
_diffrn_source.pdbx_synchrotron_site       ELETTRA 
_diffrn_source.pdbx_synchrotron_beamline   5.2R 
_diffrn_source.pdbx_wavelength             1.0 
_diffrn_source.pdbx_wavelength_list        ? 
# 
_reflns.pdbx_diffrn_id               1 
_reflns.pdbx_ordinal                 1 
_reflns.entry_id                     1VYG 
_reflns.observed_criterion_sigma_I   ? 
_reflns.observed_criterion_sigma_F   ? 
_reflns.d_resolution_low             25.000 
_reflns.d_resolution_high            2.400 
_reflns.number_obs                   5746 
_reflns.number_all                   ? 
_reflns.percent_possible_obs         95.5 
_reflns.pdbx_Rmerge_I_obs            0.06700 
_reflns.pdbx_Rsym_value              ? 
_reflns.pdbx_netI_over_sigmaI        19.6000 
_reflns.B_iso_Wilson_estimate        55.07 
_reflns.pdbx_redundancy              5.500 
# 
_reflns_shell.pdbx_diffrn_id         1 
_reflns_shell.pdbx_ordinal           1 
_reflns_shell.d_res_high             2.40 
_reflns_shell.d_res_low              2.49 
_reflns_shell.percent_possible_all   86.9 
_reflns_shell.Rmerge_I_obs           0.17000 
_reflns_shell.pdbx_Rsym_value        ? 
_reflns_shell.meanI_over_sigI_obs    8.800 
_reflns_shell.pdbx_redundancy        5.50 
# 
_refine.pdbx_refine_id                           'X-RAY DIFFRACTION' 
_refine.entry_id                                 1VYG 
_refine.pdbx_diffrn_id                           1 
_refine.pdbx_TLS_residual_ADP_flag               ? 
_refine.ls_number_reflns_obs                     5148 
_refine.ls_number_reflns_all                     ? 
_refine.pdbx_ls_sigma_I                          ? 
_refine.pdbx_ls_sigma_F                          ? 
_refine.pdbx_data_cutoff_high_absF               ? 
_refine.pdbx_data_cutoff_low_absF                ? 
_refine.pdbx_data_cutoff_high_rms_absF           ? 
_refine.ls_d_res_low                             20.0 
_refine.ls_d_res_high                            2.4 
_refine.ls_percent_reflns_obs                    94.55 
_refine.ls_R_factor_obs                          0.217 
_refine.ls_R_factor_all                          ? 
_refine.ls_R_factor_R_work                       0.213 
_refine.ls_R_factor_R_free                       0.283 
_refine.ls_R_factor_R_free_error                 ? 
_refine.ls_R_factor_R_free_error_details         ? 
_refine.ls_percent_reflns_R_free                 4.6 
_refine.ls_number_reflns_R_free                  246 
_refine.ls_number_parameters                     ? 
_refine.ls_number_restraints                     ? 
_refine.occupancy_min                            ? 
_refine.occupancy_max                            ? 
_refine.correlation_coeff_Fo_to_Fc               ? 
_refine.correlation_coeff_Fo_to_Fc_free          ? 
_refine.B_iso_mean                               45.801 
_refine.aniso_B[1][1]                            -1.93 
_refine.aniso_B[2][2]                            -2.27 
_refine.aniso_B[3][3]                            4.2 
_refine.aniso_B[1][2]                            0.0 
_refine.aniso_B[1][3]                            0.0 
_refine.aniso_B[2][3]                            0.0 
_refine.solvent_model_details                    ? 
_refine.solvent_model_param_ksol                 ? 
_refine.solvent_model_param_bsol                 ? 
_refine.pdbx_solvent_vdw_probe_radii             ? 
_refine.pdbx_solvent_ion_probe_radii             ? 
_refine.pdbx_solvent_shrinkage_radii             ? 
_refine.pdbx_ls_cross_valid_method               THROUGHOUT 
_refine.details                                  ? 
_refine.pdbx_starting_model                      'PDBE ENTRY 1VYF' 
_refine.pdbx_method_to_determine_struct          'MOLECULAR REPLACEMENT' 
_refine.pdbx_isotropic_thermal_model             ? 
_refine.pdbx_stereochemistry_target_values       ? 
_refine.pdbx_stereochem_target_val_spec_case     ? 
_refine.pdbx_R_Free_selection_details            RANDOM 
_refine.pdbx_overall_ESU_R                       0.786 
_refine.pdbx_overall_ESU_R_Free                  0.334 
_refine.overall_SU_ML                            0.215 
_refine.pdbx_overall_phase_error                 ? 
_refine.overall_SU_B                             ? 
_refine.overall_SU_R_Cruickshank_DPI             ? 
_refine.pdbx_overall_SU_R_free_Cruickshank_DPI   ? 
_refine.pdbx_overall_SU_R_Blow_DPI               ? 
_refine.pdbx_overall_SU_R_free_Blow_DPI          ? 
# 
_refine_hist.pdbx_refine_id                   'X-RAY DIFFRACTION' 
_refine_hist.cycle_id                         LAST 
_refine_hist.pdbx_number_atoms_protein        1047 
_refine_hist.pdbx_number_atoms_nucleic_acid   0 
_refine_hist.pdbx_number_atoms_ligand         22 
_refine_hist.number_atoms_solvent             76 
_refine_hist.number_atoms_total               1145 
_refine_hist.d_res_high                       2.4 
_refine_hist.d_res_low                        20.0 
# 
_struct.entry_id                  1VYG 
_struct.title                     'schistosoma mansoni fatty acid binding protein in complex with arachidonic acid' 
_struct.pdbx_model_details        ? 
_struct.pdbx_CASP_flag            ? 
_struct.pdbx_model_type_details   ? 
# 
_struct_keywords.entry_id        1VYG 
_struct_keywords.pdbx_keywords   'TRANSPORT PROTEIN' 
_struct_keywords.text            'FATTY ACID BINDING PROTEIN, TRANSPORT PROTEIN' 
# 
loop_
_struct_asym.id 
_struct_asym.pdbx_blank_PDB_chainid_flag 
_struct_asym.pdbx_modified 
_struct_asym.entity_id 
_struct_asym.details 
A N N 1 ? 
B N N 2 ? 
C N N 3 ? 
# 
_struct_biol.id   1 
# 
loop_
_struct_conf.conf_type_id 
_struct_conf.id 
_struct_conf.pdbx_PDB_helix_id 
_struct_conf.beg_label_comp_id 
_struct_conf.beg_label_asym_id 
_struct_conf.beg_label_seq_id 
_struct_conf.pdbx_beg_PDB_ins_code 
_struct_conf.end_label_comp_id 
_struct_conf.end_label_asym_id 
_struct_conf.end_label_seq_id 
_struct_conf.pdbx_end_PDB_ins_code 
_struct_conf.beg_auth_comp_id 
_struct_conf.beg_auth_asym_id 
_struct_conf.beg_auth_seq_id 
_struct_conf.end_auth_comp_id 
_struct_conf.end_auth_asym_id 
_struct_conf.end_auth_seq_id 
_struct_conf.pdbx_PDB_helix_class 
_struct_conf.details 
_struct_conf.pdbx_PDB_helix_length 
HELX_P HELX_P1 1 ASN A 17 ? LYS A 24 ? ASN A 15 LYS A 22 1 ? 8  
HELX_P HELX_P2 2 SER A 28 ? VAL A 38 ? SER A 26 VAL A 36 1 ? 11 
# 
_struct_conf_type.id          HELX_P 
_struct_conf_type.criteria    ? 
_struct_conf_type.reference   ? 
# 
_struct_sheet.id               AA 
_struct_sheet.type             ? 
_struct_sheet.number_strands   10 
_struct_sheet.details          ? 
# 
loop_
_struct_sheet_order.sheet_id 
_struct_sheet_order.range_id_1 
_struct_sheet_order.range_id_2 
_struct_sheet_order.offset 
_struct_sheet_order.sense 
AA 1 2  ? anti-parallel 
AA 2 3  ? anti-parallel 
AA 3 4  ? anti-parallel 
AA 4 5  ? anti-parallel 
AA 5 6  ? anti-parallel 
AA 6 7  ? anti-parallel 
AA 7 8  ? anti-parallel 
AA 8 9  ? anti-parallel 
AA 9 10 ? anti-parallel 
# 
loop_
_struct_sheet_range.sheet_id 
_struct_sheet_range.id 
_struct_sheet_range.beg_label_comp_id 
_struct_sheet_range.beg_label_asym_id 
_struct_sheet_range.beg_label_seq_id 
_struct_sheet_range.pdbx_beg_PDB_ins_code 
_struct_sheet_range.end_label_comp_id 
_struct_sheet_range.end_label_asym_id 
_struct_sheet_range.end_label_seq_id 
_struct_sheet_range.pdbx_end_PDB_ins_code 
_struct_sheet_range.beg_auth_comp_id 
_struct_sheet_range.beg_auth_asym_id 
_struct_sheet_range.beg_auth_seq_id 
_struct_sheet_range.end_auth_comp_id 
_struct_sheet_range.end_auth_asym_id 
_struct_sheet_range.end_auth_seq_id 
AA 1  ASN A 61  ? PHE A 66  ? ASN A 59  PHE A 64  
AA 2  LYS A 50  ? GLU A 56  ? LYS A 48  GLU A 54  
AA 3  THR A 41  ? ASP A 47  ? THR A 39  ASP A 45  
AA 4  GLY A 8   ? HIS A 16  ? GLY A 6   HIS A 14  
AA 5  VAL A 125 ? ARG A 133 ? VAL A 123 ARG A 131 
AA 6  THR A 115 ? VAL A 122 ? THR A 113 VAL A 120 
AA 7  THR A 104 ? ASP A 112 ? THR A 102 ASP A 110 
AA 8  LYS A 93  ? VAL A 99  ? LYS A 91  VAL A 97  
AA 9  ASN A 81  ? LYS A 88  ? ASN A 79  LYS A 86  
AA 10 PHE A 72  ? LYS A 75  ? PHE A 70  LYS A 73  
# 
loop_
_pdbx_struct_sheet_hbond.sheet_id 
_pdbx_struct_sheet_hbond.range_id_1 
_pdbx_struct_sheet_hbond.range_id_2 
_pdbx_struct_sheet_hbond.range_1_label_atom_id 
_pdbx_struct_sheet_hbond.range_1_label_comp_id 
_pdbx_struct_sheet_hbond.range_1_label_asym_id 
_pdbx_struct_sheet_hbond.range_1_label_seq_id 
_pdbx_struct_sheet_hbond.range_1_PDB_ins_code 
_pdbx_struct_sheet_hbond.range_1_auth_atom_id 
_pdbx_struct_sheet_hbond.range_1_auth_comp_id 
_pdbx_struct_sheet_hbond.range_1_auth_asym_id 
_pdbx_struct_sheet_hbond.range_1_auth_seq_id 
_pdbx_struct_sheet_hbond.range_2_label_atom_id 
_pdbx_struct_sheet_hbond.range_2_label_comp_id 
_pdbx_struct_sheet_hbond.range_2_label_asym_id 
_pdbx_struct_sheet_hbond.range_2_label_seq_id 
_pdbx_struct_sheet_hbond.range_2_PDB_ins_code 
_pdbx_struct_sheet_hbond.range_2_auth_atom_id 
_pdbx_struct_sheet_hbond.range_2_auth_comp_id 
_pdbx_struct_sheet_hbond.range_2_auth_asym_id 
_pdbx_struct_sheet_hbond.range_2_auth_seq_id 
AA 1 2  N PHE A 66  ? N PHE A 64  O MET A 51  ? O MET A 49  
AA 2 3  N GLU A 56  ? N GLU A 54  O THR A 41  ? O THR A 39  
AA 3 4  N PHE A 44  ? N PHE A 42  O GLY A 8   ? O GLY A 6   
AA 4 5  N HIS A 16  ? N HIS A 14  O ILE A 128 ? O ILE A 126 
AA 5 6  N TYR A 131 ? N TYR A 129 O MET A 116 ? O MET A 114 
AA 6 7  N THR A 121 ? N THR A 119 O VAL A 106 ? O VAL A 104 
AA 7 8  N ARG A 109 ? N ARG A 107 O LEU A 94  ? O LEU A 92  
AA 8 9  N VAL A 99  ? N VAL A 97  O LYS A 83  ? O LYS A 81  
AA 9 10 N SER A 84  ? N SER A 82  O PHE A 72  ? O PHE A 70  
# 
_struct_site.id                   AC1 
_struct_site.pdbx_evidence_code   Software 
_struct_site.pdbx_auth_asym_id    ? 
_struct_site.pdbx_auth_comp_id    ? 
_struct_site.pdbx_auth_seq_id     ? 
_struct_site.pdbx_auth_ins_code   ? 
_struct_site.pdbx_num_residues    16 
_struct_site.details              'BINDING SITE FOR RESIDUE ACD A1134' 
# 
loop_
_struct_site_gen.id 
_struct_site_gen.site_id 
_struct_site_gen.pdbx_num_res 
_struct_site_gen.label_comp_id 
_struct_site_gen.label_asym_id 
_struct_site_gen.label_seq_id 
_struct_site_gen.pdbx_auth_ins_code 
_struct_site_gen.auth_comp_id 
_struct_site_gen.auth_asym_id 
_struct_site_gen.auth_seq_id 
_struct_site_gen.label_atom_id 
_struct_site_gen.label_alt_id 
_struct_site_gen.symmetry 
_struct_site_gen.details 
1  AC1 16 MET A 22  ? MET A 20   . ? 1_555 ? 
2  AC1 16 LEU A 25  ? LEU A 23   . ? 1_555 ? 
3  AC1 16 VAL A 27  ? VAL A 25   . ? 1_555 ? 
4  AC1 16 GLY A 35  ? GLY A 33   . ? 1_555 ? 
5  AC1 16 SER A 57  ? SER A 55   . ? 1_555 ? 
6  AC1 16 LYS A 60  ? LYS A 58   . ? 1_555 ? 
7  AC1 16 SER A 77  ? SER A 75   . ? 1_555 ? 
8  AC1 16 ASP A 78  ? ASP A 76   . ? 1_555 ? 
9  AC1 16 ARG A 80  ? ARG A 78   . ? 1_555 ? 
10 AC1 16 ILE A 107 ? ILE A 105  . ? 1_555 ? 
11 AC1 16 ARG A 109 ? ARG A 107  . ? 1_555 ? 
12 AC1 16 THR A 118 ? THR A 116  . ? 1_555 ? 
13 AC1 16 ARG A 129 ? ARG A 127  . ? 1_555 ? 
14 AC1 16 TYR A 131 ? TYR A 129  . ? 1_555 ? 
15 AC1 16 HOH C .   ? HOH A 2075 . ? 1_555 ? 
16 AC1 16 HOH C .   ? HOH A 2076 . ? 1_555 ? 
# 
_atom_sites.entry_id                    1VYG 
_atom_sites.fract_transf_matrix[1][1]   0.00610194 
_atom_sites.fract_transf_matrix[1][2]   -0.01100181 
_atom_sites.fract_transf_matrix[1][3]   -0.02002148 
_atom_sites.fract_transf_matrix[2][1]   -0.00755728 
_atom_sites.fract_transf_matrix[2][2]   0.00579091 
_atom_sites.fract_transf_matrix[2][3]   -0.00548534 
_atom_sites.fract_transf_matrix[3][1]   0.01920447 
_atom_sites.fract_transf_matrix[3][2]   0.02012912 
_atom_sites.fract_transf_matrix[3][3]   -0.00520801 
_atom_sites.fract_transf_vector[1]      0.428245 
_atom_sites.fract_transf_vector[2]      0.353467 
_atom_sites.fract_transf_vector[3]      0.261448 
# 
loop_
_atom_type.symbol 
C 
N 
O 
S 
# 
loop_
_atom_site.group_PDB 
_atom_site.id 
_atom_site.type_symbol 
_atom_site.label_atom_id 
_atom_site.label_alt_id 
_atom_site.label_comp_id 
_atom_site.label_asym_id 
_atom_site.label_entity_id 
_atom_site.label_seq_id 
_atom_site.pdbx_PDB_ins_code 
_atom_site.Cartn_x 
_atom_site.Cartn_y 
_atom_site.Cartn_z 
_atom_site.occupancy 
_atom_site.B_iso_or_equiv 
_atom_site.pdbx_formal_charge 
_atom_site.auth_seq_id 
_atom_site.auth_comp_id 
_atom_site.auth_asym_id 
_atom_site.auth_atom_id 
_atom_site.pdbx_PDB_model_num 
ATOM   1    N N   . GLY A 1 1   ? 0.995   -4.955  -19.666 1.00 72.01 ? -1   GLY A N   1 
ATOM   2    C CA  . GLY A 1 1   ? 2.319   -4.317  -19.919 1.00 72.08 ? -1   GLY A CA  1 
ATOM   3    C C   . GLY A 1 1   ? 2.687   -3.351  -18.811 1.00 72.15 ? -1   GLY A C   1 
ATOM   4    O O   . GLY A 1 1   ? 1.807   -2.683  -18.260 1.00 72.13 ? -1   GLY A O   1 
ATOM   5    N N   . SER A 1 2   ? 3.985   -3.263  -18.504 1.00 72.14 ? 0    SER A N   1 
ATOM   6    C CA  . SER A 1 2   ? 4.478   -2.510  -17.341 1.00 72.06 ? 0    SER A CA  1 
ATOM   7    C C   . SER A 1 2   ? 3.467   -2.587  -16.191 1.00 71.73 ? 0    SER A C   1 
ATOM   8    O O   . SER A 1 2   ? 2.586   -1.734  -16.084 1.00 72.42 ? 0    SER A O   1 
ATOM   9    C CB  . SER A 1 2   ? 4.796   -1.045  -17.708 1.00 72.13 ? 0    SER A CB  1 
ATOM   10   O OG  . SER A 1 2   ? 5.474   -0.369  -16.648 1.00 71.56 ? 0    SER A OG  1 
ATOM   11   N N   . MET A 1 3   ? 3.593   -3.622  -15.359 1.00 70.92 ? 1    MET A N   1 
ATOM   12   C CA  . MET A 1 3   ? 2.715   -3.864  -14.195 1.00 70.38 ? 1    MET A CA  1 
ATOM   13   C C   . MET A 1 3   ? 1.389   -4.485  -14.591 1.00 69.06 ? 1    MET A C   1 
ATOM   14   O O   . MET A 1 3   ? 0.352   -4.136  -14.046 1.00 69.46 ? 1    MET A O   1 
ATOM   15   C CB  . MET A 1 3   ? 2.479   -2.582  -13.370 1.00 70.52 ? 1    MET A CB  1 
ATOM   16   C CG  . MET A 1 3   ? 3.746   -1.772  -13.102 1.00 71.48 ? 1    MET A CG  1 
ATOM   17   S SD  . MET A 1 3   ? 5.256   -2.790  -13.116 1.00 72.44 ? 1    MET A SD  1 
ATOM   18   C CE  . MET A 1 3   ? 5.351   -3.195  -11.347 1.00 73.84 ? 1    MET A CE  1 
ATOM   19   N N   . SER A 1 4   ? 1.451   -5.430  -15.519 1.00 67.46 ? 2    SER A N   1 
ATOM   20   C CA  . SER A 1 4   ? 0.264   -6.070  -16.083 1.00 66.35 ? 2    SER A CA  1 
ATOM   21   C C   . SER A 1 4   ? -0.425  -6.956  -15.055 1.00 64.73 ? 2    SER A C   1 
ATOM   22   O O   . SER A 1 4   ? -1.652  -7.106  -15.050 1.00 64.58 ? 2    SER A O   1 
ATOM   23   C CB  . SER A 1 4   ? 0.644   -6.927  -17.304 1.00 66.43 ? 2    SER A CB  1 
ATOM   24   O OG  . SER A 1 4   ? 1.871   -6.499  -17.866 1.00 67.47 ? 2    SER A OG  1 
ATOM   25   N N   . SER A 1 5   ? 0.393   -7.580  -14.222 1.00 62.70 ? 3    SER A N   1 
ATOM   26   C CA  . SER A 1 5   ? -0.086  -8.452  -13.163 1.00 61.15 ? 3    SER A CA  1 
ATOM   27   C C   . SER A 1 5   ? -0.780  -7.641  -12.057 1.00 59.33 ? 3    SER A C   1 
ATOM   28   O O   . SER A 1 5   ? -1.651  -8.151  -11.353 1.00 58.78 ? 3    SER A O   1 
ATOM   29   C CB  . SER A 1 5   ? 1.087   -9.255  -12.589 1.00 61.26 ? 3    SER A CB  1 
ATOM   30   O OG  . SER A 1 5   ? 2.331   -8.602  -12.816 1.00 61.67 ? 3    SER A OG  1 
ATOM   31   N N   . PHE A 1 6   ? -0.380  -6.382  -11.911 1.00 57.15 ? 4    PHE A N   1 
ATOM   32   C CA  . PHE A 1 6   ? -0.968  -5.505  -10.905 1.00 55.77 ? 4    PHE A CA  1 
ATOM   33   C C   . PHE A 1 6   ? -2.329  -4.986  -11.275 1.00 54.80 ? 4    PHE A C   1 
ATOM   34   O O   . PHE A 1 6   ? -3.081  -4.626  -10.393 1.00 54.84 ? 4    PHE A O   1 
ATOM   35   C CB  . PHE A 1 6   ? -0.070  -4.312  -10.629 1.00 55.32 ? 4    PHE A CB  1 
ATOM   36   C CG  . PHE A 1 6   ? 0.946   -4.584  -9.600  1.00 53.55 ? 4    PHE A CG  1 
ATOM   37   C CD1 . PHE A 1 6   ? 2.205   -5.031  -9.960  1.00 52.57 ? 4    PHE A CD1 1 
ATOM   38   C CD2 . PHE A 1 6   ? 0.640   -4.442  -8.264  1.00 51.72 ? 4    PHE A CD2 1 
ATOM   39   C CE1 . PHE A 1 6   ? 3.134   -5.307  -9.009  1.00 50.04 ? 4    PHE A CE1 1 
ATOM   40   C CE2 . PHE A 1 6   ? 1.579   -4.695  -7.313  1.00 50.01 ? 4    PHE A CE2 1 
ATOM   41   C CZ  . PHE A 1 6   ? 2.822   -5.142  -7.687  1.00 49.59 ? 4    PHE A CZ  1 
ATOM   42   N N   . LEU A 1 7   ? -2.634  -4.928  -12.568 1.00 53.76 ? 5    LEU A N   1 
ATOM   43   C CA  . LEU A 1 7   ? -3.918  -4.421  -13.034 1.00 52.89 ? 5    LEU A CA  1 
ATOM   44   C C   . LEU A 1 7   ? -5.089  -5.244  -12.520 1.00 51.88 ? 5    LEU A C   1 
ATOM   45   O O   . LEU A 1 7   ? -4.983  -6.454  -12.333 1.00 51.62 ? 5    LEU A O   1 
ATOM   46   C CB  . LEU A 1 7   ? -3.958  -4.382  -14.558 1.00 53.07 ? 5    LEU A CB  1 
ATOM   47   C CG  . LEU A 1 7   ? -3.345  -3.146  -15.224 1.00 53.63 ? 5    LEU A CG  1 
ATOM   48   C CD1 . LEU A 1 7   ? -2.450  -2.290  -14.318 1.00 52.33 ? 5    LEU A CD1 1 
ATOM   49   C CD2 . LEU A 1 7   ? -2.585  -3.594  -16.452 1.00 54.58 ? 5    LEU A CD2 1 
ATOM   50   N N   . GLY A 1 8   ? -6.204  -4.561  -12.292 1.00 50.52 ? 6    GLY A N   1 
ATOM   51   C CA  . GLY A 1 8   ? -7.378  -5.179  -11.723 1.00 49.78 ? 6    GLY A CA  1 
ATOM   52   C C   . GLY A 1 8   ? -7.583  -4.845  -10.261 1.00 48.61 ? 6    GLY A C   1 
ATOM   53   O O   . GLY A 1 8   ? -6.969  -3.935  -9.730  1.00 47.45 ? 6    GLY A O   1 
ATOM   54   N N   . LYS A 1 9   ? -8.474  -5.602  -9.626  1.00 47.99 ? 7    LYS A N   1 
ATOM   55   C CA  . LYS A 1 9   ? -8.845  -5.369  -8.245  1.00 47.86 ? 7    LYS A CA  1 
ATOM   56   C C   . LYS A 1 9   ? -8.324  -6.483  -7.359  1.00 47.03 ? 7    LYS A C   1 
ATOM   57   O O   . LYS A 1 9   ? -7.995  -7.572  -7.827  1.00 46.61 ? 7    LYS A O   1 
ATOM   58   C CB  . LYS A 1 9   ? -10.362 -5.247  -8.088  1.00 48.27 ? 7    LYS A CB  1 
ATOM   59   C CG  . LYS A 1 9   ? -11.055 -4.393  -9.157  1.00 50.44 ? 7    LYS A CG  1 
ATOM   60   C CD  . LYS A 1 9   ? -11.879 -3.258  -8.575  1.00 52.13 ? 7    LYS A CD  1 
ATOM   61   C CE  . LYS A 1 9   ? -13.123 -3.753  -7.940  1.00 53.09 ? 7    LYS A CE  1 
ATOM   62   N NZ  . LYS A 1 9   ? -12.731 -4.419  -6.683  1.00 54.98 ? 7    LYS A NZ  1 
ATOM   63   N N   . TRP A 1 10  ? -8.281  -6.179  -6.069  1.00 46.37 ? 8    TRP A N   1 
ATOM   64   C CA  . TRP A 1 10  ? -7.628  -7.001  -5.068  1.00 45.56 ? 8    TRP A CA  1 
ATOM   65   C C   . TRP A 1 10  ? -8.290  -6.727  -3.740  1.00 45.56 ? 8    TRP A C   1 
ATOM   66   O O   . TRP A 1 10  ? -8.489  -5.587  -3.390  1.00 45.03 ? 8    TRP A O   1 
ATOM   67   C CB  . TRP A 1 10  ? -6.148  -6.626  -4.948  1.00 45.11 ? 8    TRP A CB  1 
ATOM   68   C CG  . TRP A 1 10  ? -5.324  -6.763  -6.198  1.00 43.98 ? 8    TRP A CG  1 
ATOM   69   C CD1 . TRP A 1 10  ? -5.050  -5.785  -7.117  1.00 41.14 ? 8    TRP A CD1 1 
ATOM   70   C CD2 . TRP A 1 10  ? -4.639  -7.931  -6.650  1.00 42.68 ? 8    TRP A CD2 1 
ATOM   71   N NE1 . TRP A 1 10  ? -4.245  -6.279  -8.106  1.00 39.37 ? 8    TRP A NE1 1 
ATOM   72   C CE2 . TRP A 1 10  ? -3.983  -7.593  -7.851  1.00 40.85 ? 8    TRP A CE2 1 
ATOM   73   C CE3 . TRP A 1 10  ? -4.509  -9.232  -6.160  1.00 42.86 ? 8    TRP A CE3 1 
ATOM   74   C CZ2 . TRP A 1 10  ? -3.218  -8.493  -8.554  1.00 41.07 ? 8    TRP A CZ2 1 
ATOM   75   C CZ3 . TRP A 1 10  ? -3.737  -10.128 -6.867  1.00 42.42 ? 8    TRP A CZ3 1 
ATOM   76   C CH2 . TRP A 1 10  ? -3.102  -9.755  -8.050  1.00 42.03 ? 8    TRP A CH2 1 
ATOM   77   N N   . LYS A 1 11  ? -8.642  -7.771  -3.002  1.00 46.44 ? 9    LYS A N   1 
ATOM   78   C CA  . LYS A 1 11  ? -9.233  -7.617  -1.671  1.00 46.64 ? 9    LYS A CA  1 
ATOM   79   C C   . LYS A 1 11  ? -8.253  -8.199  -0.679  1.00 46.18 ? 9    LYS A C   1 
ATOM   80   O O   . LYS A 1 11  ? -7.692  -9.254  -0.932  1.00 45.99 ? 9    LYS A O   1 
ATOM   81   C CB  . LYS A 1 11  ? -10.569 -8.346  -1.576  1.00 47.05 ? 9    LYS A CB  1 
ATOM   82   C CG  . LYS A 1 11  ? -11.331 -8.149  -0.226  1.00 48.47 ? 9    LYS A CG  1 
ATOM   83   C CD  . LYS A 1 11  ? -12.708 -7.488  -0.436  1.00 49.84 ? 9    LYS A CD  1 
ATOM   84   C CE  . LYS A 1 11  ? -13.736 -7.862  0.631   1.00 51.31 ? 9    LYS A CE  1 
ATOM   85   N NZ  . LYS A 1 11  ? -15.018 -8.381  0.027   1.00 51.77 ? 9    LYS A NZ  1 
ATOM   86   N N   . LEU A 1 12  ? -8.040  -7.504  0.436   1.00 45.86 ? 10   LEU A N   1 
ATOM   87   C CA  . LEU A 1 12  ? -7.264  -8.039  1.548   1.00 45.51 ? 10   LEU A CA  1 
ATOM   88   C C   . LEU A 1 12  ? -7.908  -9.319  2.050   1.00 45.78 ? 10   LEU A C   1 
ATOM   89   O O   . LEU A 1 12  ? -9.125  -9.393  2.156   1.00 46.14 ? 10   LEU A O   1 
ATOM   90   C CB  . LEU A 1 12  ? -7.191  -7.019  2.685   1.00 45.24 ? 10   LEU A CB  1 
ATOM   91   C CG  . LEU A 1 12  ? -6.396  -7.387  3.933   1.00 43.08 ? 10   LEU A CG  1 
ATOM   92   C CD1 . LEU A 1 12  ? -4.926  -7.281  3.704   1.00 42.04 ? 10   LEU A CD1 1 
ATOM   93   C CD2 . LEU A 1 12  ? -6.803  -6.485  5.047   1.00 42.44 ? 10   LEU A CD2 1 
ATOM   94   N N   . SER A 1 13  ? -7.085  -10.330 2.324   1.00 45.94 ? 11   SER A N   1 
ATOM   95   C CA  . SER A 1 13  ? -7.548  -11.581 2.890   1.00 46.03 ? 11   SER A CA  1 
ATOM   96   C C   . SER A 1 13  ? -6.836  -11.908 4.174   1.00 45.62 ? 11   SER A C   1 
ATOM   97   O O   . SER A 1 13  ? -7.447  -12.451 5.084   1.00 46.41 ? 11   SER A O   1 
ATOM   98   C CB  . SER A 1 13  ? -7.372  -12.734 1.903   1.00 46.51 ? 11   SER A CB  1 
ATOM   99   O OG  . SER A 1 13  ? -6.053  -12.799 1.413   1.00 47.10 ? 11   SER A OG  1 
ATOM   100  N N   . GLU A 1 14  ? -5.545  -11.627 4.259   1.00 45.32 ? 12   GLU A N   1 
ATOM   101  C CA  . GLU A 1 14  ? -4.838  -11.800 5.532   1.00 44.91 ? 12   GLU A CA  1 
ATOM   102  C C   . GLU A 1 14  ? -3.830  -10.705 5.815   1.00 44.43 ? 12   GLU A C   1 
ATOM   103  O O   . GLU A 1 14  ? -3.205  -10.162 4.921   1.00 43.50 ? 12   GLU A O   1 
ATOM   104  C CB  . GLU A 1 14  ? -4.134  -13.142 5.616   1.00 44.61 ? 12   GLU A CB  1 
ATOM   105  C CG  . GLU A 1 14  ? -4.370  -14.042 4.434   1.00 46.22 ? 12   GLU A CG  1 
ATOM   106  C CD  . GLU A 1 14  ? -3.372  -15.161 4.386   1.00 47.66 ? 12   GLU A CD  1 
ATOM   107  O OE1 . GLU A 1 14  ? -2.885  -15.475 3.268   1.00 45.46 ? 12   GLU A OE1 1 
ATOM   108  O OE2 . GLU A 1 14  ? -3.094  -15.715 5.487   1.00 50.85 ? 12   GLU A OE2 1 
ATOM   109  N N   . SER A 1 15  ? -3.688  -10.416 7.096   1.00 44.17 ? 13   SER A N   1 
ATOM   110  C CA  . SER A 1 15  ? -2.779  -9.403  7.567   1.00 44.63 ? 13   SER A CA  1 
ATOM   111  C C   . SER A 1 15  ? -2.036  -9.974  8.770   1.00 44.35 ? 13   SER A C   1 
ATOM   112  O O   . SER A 1 15  ? -2.661  -10.416 9.711   1.00 44.73 ? 13   SER A O   1 
ATOM   113  C CB  . SER A 1 15  ? -3.575  -8.167  7.965   1.00 44.38 ? 13   SER A CB  1 
ATOM   114  O OG  . SER A 1 15  ? -2.728  -7.169  8.520   1.00 45.77 ? 13   SER A OG  1 
ATOM   115  N N   . HIS A 1 16  ? -0.715  -9.972  8.737   1.00 44.45 ? 14   HIS A N   1 
ATOM   116  C CA  . HIS A 1 16  ? 0.069   -10.476 9.853   1.00 44.96 ? 14   HIS A CA  1 
ATOM   117  C C   . HIS A 1 16  ? 1.017   -9.392  10.352  1.00 45.12 ? 14   HIS A C   1 
ATOM   118  O O   . HIS A 1 16  ? 1.761   -8.789  9.578   1.00 44.90 ? 14   HIS A O   1 
ATOM   119  C CB  A HIS A 1 16  ? 0.847   -11.729 9.424   0.50 45.00 ? 14   HIS A CB  1 
ATOM   120  C CB  B HIS A 1 16  ? 0.767   -11.770 9.465   0.50 44.98 ? 14   HIS A CB  1 
ATOM   121  C CG  A HIS A 1 16  ? 1.623   -12.388 10.528  0.50 46.40 ? 14   HIS A CG  1 
ATOM   122  C CG  B HIS A 1 16  ? -0.187  -12.910 9.320   0.50 45.91 ? 14   HIS A CG  1 
ATOM   123  N ND1 A HIS A 1 16  ? 1.808   -13.751 10.593  0.50 47.24 ? 14   HIS A ND1 1 
ATOM   124  N ND1 B HIS A 1 16  ? -0.612  -13.663 10.390  0.50 48.06 ? 14   HIS A ND1 1 
ATOM   125  C CD2 A HIS A 1 16  ? 2.278   -11.878 11.596  0.50 47.64 ? 14   HIS A CD2 1 
ATOM   126  C CD2 B HIS A 1 16  ? -0.867  -13.369 8.245   0.50 47.59 ? 14   HIS A CD2 1 
ATOM   127  C CE1 A HIS A 1 16  ? 2.540   -14.049 11.651  0.50 47.57 ? 14   HIS A CE1 1 
ATOM   128  C CE1 B HIS A 1 16  ? -1.481  -14.569 9.975   0.50 48.80 ? 14   HIS A CE1 1 
ATOM   129  N NE2 A HIS A 1 16  ? 2.839   -12.928 12.276  0.50 47.75 ? 14   HIS A NE2 1 
ATOM   130  N NE2 B HIS A 1 16  ? -1.653  -14.412 8.675   0.50 49.27 ? 14   HIS A NE2 1 
ATOM   131  N N   . ASN A 1 17  ? 0.900   -9.110  11.646  1.00 45.54 ? 15   ASN A N   1 
ATOM   132  C CA  . ASN A 1 17  ? 1.784   -8.219  12.394  1.00 45.94 ? 15   ASN A CA  1 
ATOM   133  C C   . ASN A 1 17  ? 1.569   -6.754  12.049  1.00 46.30 ? 15   ASN A C   1 
ATOM   134  O O   . ASN A 1 17  ? 2.497   -5.962  12.142  1.00 46.84 ? 15   ASN A O   1 
ATOM   135  C CB  . ASN A 1 17  ? 3.268   -8.609  12.215  1.00 46.10 ? 15   ASN A CB  1 
ATOM   136  C CG  . ASN A 1 17  ? 4.177   -7.919  13.197  1.00 46.06 ? 15   ASN A CG  1 
ATOM   137  O OD1 . ASN A 1 17  ? 5.311   -7.578  12.880  1.00 44.16 ? 15   ASN A OD1 1 
ATOM   138  N ND2 . ASN A 1 17  ? 3.679   -7.702  14.401  1.00 48.68 ? 15   ASN A ND2 1 
ATOM   139  N N   . PHE A 1 18  ? 0.346   -6.390  11.677  1.00 46.47 ? 16   PHE A N   1 
ATOM   140  C CA  . PHE A 1 18  ? 0.069   -5.042  11.186  1.00 47.30 ? 16   PHE A CA  1 
ATOM   141  C C   . PHE A 1 18  ? -0.074  -4.014  12.309  1.00 48.16 ? 16   PHE A C   1 
ATOM   142  O O   . PHE A 1 18  ? 0.207   -2.830  12.103  1.00 48.16 ? 16   PHE A O   1 
ATOM   143  C CB  . PHE A 1 18  ? -1.187  -5.032  10.305  1.00 47.15 ? 16   PHE A CB  1 
ATOM   144  C CG  . PHE A 1 18  ? -1.409  -3.740  9.542   1.00 46.99 ? 16   PHE A CG  1 
ATOM   145  C CD1 . PHE A 1 18  ? -2.636  -3.108  9.574   1.00 46.40 ? 16   PHE A CD1 1 
ATOM   146  C CD2 . PHE A 1 18  ? -0.397  -3.177  8.772   1.00 48.55 ? 16   PHE A CD2 1 
ATOM   147  C CE1 . PHE A 1 18  ? -2.845  -1.931  8.872   1.00 48.42 ? 16   PHE A CE1 1 
ATOM   148  C CE2 . PHE A 1 18  ? -0.606  -1.990  8.072   1.00 48.57 ? 16   PHE A CE2 1 
ATOM   149  C CZ  . PHE A 1 18  ? -1.825  -1.375  8.118   1.00 48.62 ? 16   PHE A CZ  1 
ATOM   150  N N   . ASP A 1 19  ? -0.517  -4.450  13.486  1.00 49.13 ? 17   ASP A N   1 
ATOM   151  C CA  . ASP A 1 19  ? -0.611  -3.543  14.623  1.00 49.43 ? 17   ASP A CA  1 
ATOM   152  C C   . ASP A 1 19  ? 0.763   -3.067  15.079  1.00 49.68 ? 17   ASP A C   1 
ATOM   153  O O   . ASP A 1 19  ? 0.896   -1.955  15.587  1.00 49.48 ? 17   ASP A O   1 
ATOM   154  C CB  . ASP A 1 19  ? -1.348  -4.169  15.791  1.00 49.81 ? 17   ASP A CB  1 
ATOM   155  C CG  . ASP A 1 19  ? -1.901  -3.121  16.754  1.00 50.87 ? 17   ASP A CG  1 
ATOM   156  O OD1 . ASP A 1 19  ? -1.417  -3.039  17.910  1.00 52.82 ? 17   ASP A OD1 1 
ATOM   157  O OD2 . ASP A 1 19  ? -2.821  -2.342  16.442  1.00 51.76 ? 17   ASP A OD2 1 
ATOM   158  N N   . ALA A 1 20  ? 1.777   -3.908  14.900  1.00 49.55 ? 18   ALA A N   1 
ATOM   159  C CA  . ALA A 1 20  ? 3.138   -3.522  15.220  1.00 49.93 ? 18   ALA A CA  1 
ATOM   160  C C   . ALA A 1 20  ? 3.607   -2.345  14.370  1.00 50.47 ? 18   ALA A C   1 
ATOM   161  O O   . ALA A 1 20  ? 4.181   -1.393  14.919  1.00 50.25 ? 18   ALA A O   1 
ATOM   162  C CB  . ALA A 1 20  ? 4.087   -4.695  15.058  1.00 49.81 ? 18   ALA A CB  1 
ATOM   163  N N   . VAL A 1 21  ? 3.358   -2.386  13.052  1.00 50.71 ? 19   VAL A N   1 
ATOM   164  C CA  . VAL A 1 21  ? 3.984   -1.401  12.169  1.00 51.21 ? 19   VAL A CA  1 
ATOM   165  C C   . VAL A 1 21  ? 3.369   -0.053  12.396  1.00 51.59 ? 19   VAL A C   1 
ATOM   166  O O   . VAL A 1 21  ? 4.053   0.967   12.316  1.00 52.07 ? 19   VAL A O   1 
ATOM   167  C CB  . VAL A 1 21  ? 3.939   -1.709  10.632  1.00 51.19 ? 19   VAL A CB  1 
ATOM   168  C CG1 . VAL A 1 21  ? 4.339   -3.132  10.329  1.00 50.48 ? 19   VAL A CG1 1 
ATOM   169  C CG2 . VAL A 1 21  ? 2.569   -1.325  9.989   1.00 51.98 ? 19   VAL A CG2 1 
ATOM   170  N N   . MET A 1 22  ? 2.085   -0.040  12.697  1.00 51.95 ? 20   MET A N   1 
ATOM   171  C CA  . MET A 1 22  ? 1.384   1.220   12.734  1.00 52.42 ? 20   MET A CA  1 
ATOM   172  C C   . MET A 1 22  ? 1.079   1.735   14.162  1.00 52.56 ? 20   MET A C   1 
ATOM   173  O O   . MET A 1 22  ? 0.586   2.828   14.327  1.00 52.64 ? 20   MET A O   1 
ATOM   174  C CB  A MET A 1 22  ? 0.132   1.145   11.889  0.50 52.50 ? 20   MET A CB  1 
ATOM   175  C CB  B MET A 1 22  ? 0.164   1.138   11.791  0.50 52.59 ? 20   MET A CB  1 
ATOM   176  C CG  A MET A 1 22  ? -0.932  0.290   12.464  0.50 52.44 ? 20   MET A CG  1 
ATOM   177  C CG  B MET A 1 22  ? -1.217  1.255   12.386  0.50 53.13 ? 20   MET A CG  1 
ATOM   178  S SD  A MET A 1 22  ? -2.212  0.120   11.258  0.50 54.01 ? 20   MET A SD  1 
ATOM   179  S SD  B MET A 1 22  ? -1.869  -0.270  13.055  0.50 54.08 ? 20   MET A SD  1 
ATOM   180  C CE  A MET A 1 22  ? -3.363  -0.979  12.211  0.50 51.71 ? 20   MET A CE  1 
ATOM   181  C CE  B MET A 1 22  ? -1.033  -0.374  14.370  0.50 54.44 ? 20   MET A CE  1 
ATOM   182  N N   . SER A 1 23  ? 1.421   0.953   15.181  1.00 52.93 ? 21   SER A N   1 
ATOM   183  C CA  . SER A 1 23  ? 1.644   1.489   16.519  1.00 53.39 ? 21   SER A CA  1 
ATOM   184  C C   . SER A 1 23  ? 2.923   2.295   16.439  1.00 53.17 ? 21   SER A C   1 
ATOM   185  O O   . SER A 1 23  ? 3.015   3.369   17.019  1.00 53.55 ? 21   SER A O   1 
ATOM   186  C CB  . SER A 1 23  ? 1.855   0.379   17.546  1.00 53.37 ? 21   SER A CB  1 
ATOM   187  O OG  . SER A 1 23  ? 0.727   -0.466  17.601  1.00 56.25 ? 21   SER A OG  1 
ATOM   188  N N   . LYS A 1 24  ? 3.904   1.742   15.726  1.00 52.59 ? 22   LYS A N   1 
ATOM   189  C CA  . LYS A 1 24  ? 5.197   2.369   15.520  1.00 52.48 ? 22   LYS A CA  1 
ATOM   190  C C   . LYS A 1 24  ? 5.080   3.612   14.656  1.00 52.48 ? 22   LYS A C   1 
ATOM   191  O O   . LYS A 1 24  ? 5.904   4.515   14.761  1.00 53.00 ? 22   LYS A O   1 
ATOM   192  C CB  . LYS A 1 24  ? 6.185   1.359   14.917  1.00 52.27 ? 22   LYS A CB  1 
ATOM   193  C CG  . LYS A 1 24  ? 7.346   1.958   14.169  1.00 52.26 ? 22   LYS A CG  1 
ATOM   194  C CD  . LYS A 1 24  ? 8.489   0.975   14.000  1.00 51.97 ? 22   LYS A CD  1 
ATOM   195  C CE  . LYS A 1 24  ? 9.619   1.262   14.949  1.00 51.73 ? 22   LYS A CE  1 
ATOM   196  N NZ  . LYS A 1 24  ? 10.837  0.491   14.596  1.00 51.84 ? 22   LYS A NZ  1 
ATOM   197  N N   . LEU A 1 25  ? 4.049   3.679   13.820  1.00 52.62 ? 23   LEU A N   1 
ATOM   198  C CA  . LEU A 1 25  ? 3.742   4.900   13.075  1.00 52.40 ? 23   LEU A CA  1 
ATOM   199  C C   . LEU A 1 25  ? 3.000   5.948   13.893  1.00 52.13 ? 23   LEU A C   1 
ATOM   200  O O   . LEU A 1 25  ? 2.738   7.039   13.416  1.00 52.88 ? 23   LEU A O   1 
ATOM   201  C CB  . LEU A 1 25  ? 2.943   4.569   11.809  1.00 52.25 ? 23   LEU A CB  1 
ATOM   202  C CG  . LEU A 1 25  ? 3.784   3.776   10.810  1.00 52.07 ? 23   LEU A CG  1 
ATOM   203  C CD1 . LEU A 1 25  ? 2.912   3.103   9.775   1.00 51.57 ? 23   LEU A CD1 1 
ATOM   204  C CD2 . LEU A 1 25  ? 4.842   4.694   10.142  1.00 51.60 ? 23   LEU A CD2 1 
ATOM   205  N N   . GLY A 1 26  ? 2.651   5.625   15.121  1.00 52.08 ? 24   GLY A N   1 
ATOM   206  C CA  . GLY A 1 26  ? 1.900   6.538   15.948  1.00 52.16 ? 24   GLY A CA  1 
ATOM   207  C C   . GLY A 1 26  ? 0.450   6.681   15.520  1.00 52.11 ? 24   GLY A C   1 
ATOM   208  O O   . GLY A 1 26  ? -0.261  7.555   16.024  1.00 52.85 ? 24   GLY A O   1 
ATOM   209  N N   . VAL A 1 27  ? -0.018  5.826   14.622  1.00 51.73 ? 25   VAL A N   1 
ATOM   210  C CA  . VAL A 1 27  ? -1.436  5.820   14.285  1.00 51.88 ? 25   VAL A CA  1 
ATOM   211  C C   . VAL A 1 27  ? -2.195  5.777   15.599  1.00 51.65 ? 25   VAL A C   1 
ATOM   212  O O   . VAL A 1 27  ? -1.793  5.059   16.513  1.00 52.38 ? 25   VAL A O   1 
ATOM   213  C CB  . VAL A 1 27  ? -1.829  4.614   13.416  1.00 51.76 ? 25   VAL A CB  1 
ATOM   214  C CG1 . VAL A 1 27  ? -3.326  4.619   13.109  1.00 51.81 ? 25   VAL A CG1 1 
ATOM   215  C CG2 . VAL A 1 27  ? -1.054  4.635   12.126  1.00 52.39 ? 25   VAL A CG2 1 
ATOM   216  N N   . SER A 1 28  ? -3.267  6.557   15.716  1.00 51.02 ? 26   SER A N   1 
ATOM   217  C CA  . SER A 1 28  ? -3.991  6.632   16.980  1.00 50.48 ? 26   SER A CA  1 
ATOM   218  C C   . SER A 1 28  ? -4.530  5.254   17.309  1.00 50.39 ? 26   SER A C   1 
ATOM   219  O O   . SER A 1 28  ? -4.563  4.380   16.462  1.00 49.86 ? 26   SER A O   1 
ATOM   220  C CB  . SER A 1 28  ? -5.144  7.630   16.907  1.00 50.38 ? 26   SER A CB  1 
ATOM   221  O OG  . SER A 1 28  ? -6.199  7.122   16.112  1.00 49.28 ? 26   SER A OG  1 
ATOM   222  N N   . TRP A 1 29  ? -4.963  5.065   18.544  1.00 50.25 ? 27   TRP A N   1 
ATOM   223  C CA  . TRP A 1 29  ? -5.560  3.807   18.930  1.00 50.26 ? 27   TRP A CA  1 
ATOM   224  C C   . TRP A 1 29  ? -6.746  3.482   18.043  1.00 50.15 ? 27   TRP A C   1 
ATOM   225  O O   . TRP A 1 29  ? -6.879  2.344   17.579  1.00 50.92 ? 27   TRP A O   1 
ATOM   226  C CB  . TRP A 1 29  ? -6.050  3.848   20.380  1.00 50.26 ? 27   TRP A CB  1 
ATOM   227  C CG  . TRP A 1 29  ? -6.707  2.580   20.757  1.00 51.00 ? 27   TRP A CG  1 
ATOM   228  C CD1 . TRP A 1 29  ? -8.044  2.335   20.810  1.00 50.88 ? 27   TRP A CD1 1 
ATOM   229  C CD2 . TRP A 1 29  ? -6.058  1.350   21.075  1.00 51.47 ? 27   TRP A CD2 1 
ATOM   230  N NE1 . TRP A 1 29  ? -8.272  1.029   21.169  1.00 50.96 ? 27   TRP A NE1 1 
ATOM   231  C CE2 . TRP A 1 29  ? -7.067  0.401   21.345  1.00 51.96 ? 27   TRP A CE2 1 
ATOM   232  C CE3 . TRP A 1 29  ? -4.720  0.959   21.187  1.00 51.68 ? 27   TRP A CE3 1 
ATOM   233  C CZ2 . TRP A 1 29  ? -6.782  -0.920  21.713  1.00 51.88 ? 27   TRP A CZ2 1 
ATOM   234  C CZ3 . TRP A 1 29  ? -4.434  -0.348  21.551  1.00 52.95 ? 27   TRP A CZ3 1 
ATOM   235  C CH2 . TRP A 1 29  ? -5.461  -1.274  21.810  1.00 52.72 ? 27   TRP A CH2 1 
ATOM   236  N N   . ALA A 1 30  ? -7.618  4.475   17.858  1.00 49.26 ? 28   ALA A N   1 
ATOM   237  C CA  . ALA A 1 30  ? -8.874  4.291   17.159  1.00 49.04 ? 28   ALA A CA  1 
ATOM   238  C C   . ALA A 1 30  ? -8.696  3.955   15.684  1.00 48.53 ? 28   ALA A C   1 
ATOM   239  O O   . ALA A 1 30  ? -9.415  3.123   15.151  1.00 48.19 ? 28   ALA A O   1 
ATOM   240  C CB  . ALA A 1 30  ? -9.757  5.529   17.311  1.00 49.12 ? 28   ALA A CB  1 
ATOM   241  N N   . THR A 1 31  ? -7.748  4.601   15.023  1.00 48.09 ? 29   THR A N   1 
ATOM   242  C CA  . THR A 1 31  ? -7.536  4.352   13.606  1.00 47.79 ? 29   THR A CA  1 
ATOM   243  C C   . THR A 1 31  ? -6.820  3.020   13.450  1.00 47.70 ? 29   THR A C   1 
ATOM   244  O O   . THR A 1 31  ? -7.101  2.298   12.512  1.00 48.08 ? 29   THR A O   1 
ATOM   245  C CB  . THR A 1 31  ? -6.785  5.511   12.953  1.00 47.75 ? 29   THR A CB  1 
ATOM   246  O OG1 . THR A 1 31  ? -7.585  6.695   13.047  1.00 49.51 ? 29   THR A OG1 1 
ATOM   247  C CG2 . THR A 1 31  ? -6.644  5.330   11.450  1.00 48.04 ? 29   THR A CG2 1 
ATOM   248  N N   . ARG A 1 32  ? -5.935  2.675   14.388  1.00 47.34 ? 30   ARG A N   1 
ATOM   249  C CA  . ARG A 1 32  ? -5.303  1.366   14.393  1.00 47.09 ? 30   ARG A CA  1 
ATOM   250  C C   . ARG A 1 32  ? -6.306  0.245   14.474  1.00 47.49 ? 30   ARG A C   1 
ATOM   251  O O   . ARG A 1 32  ? -6.151  -0.764  13.788  1.00 46.74 ? 30   ARG A O   1 
ATOM   252  C CB  . ARG A 1 32  ? -4.373  1.207   15.562  1.00 47.10 ? 30   ARG A CB  1 
ATOM   253  C CG  . ARG A 1 32  ? -3.098  1.951   15.381  1.00 47.27 ? 30   ARG A CG  1 
ATOM   254  C CD  . ARG A 1 32  ? -2.171  1.935   16.564  1.00 46.64 ? 30   ARG A CD  1 
ATOM   255  N NE  . ARG A 1 32  ? -2.242  0.678   17.298  1.00 47.48 ? 30   ARG A NE  1 
ATOM   256  C CZ  . ARG A 1 32  ? -1.925  0.539   18.573  1.00 48.41 ? 30   ARG A CZ  1 
ATOM   257  N NH1 . ARG A 1 32  ? -1.461  1.570   19.278  1.00 48.94 ? 30   ARG A NH1 1 
ATOM   258  N NH2 . ARG A 1 32  ? -2.051  -0.644  19.145  1.00 49.37 ? 30   ARG A NH2 1 
ATOM   259  N N   . GLN A 1 33  ? -7.324  0.416   15.313  1.00 48.12 ? 31   GLN A N   1 
ATOM   260  C CA  . GLN A 1 33  ? -8.324  -0.628  15.511  1.00 48.52 ? 31   GLN A CA  1 
ATOM   261  C C   . GLN A 1 33  ? -9.047  -0.870  14.209  1.00 48.82 ? 31   GLN A C   1 
ATOM   262  O O   . GLN A 1 33  ? -9.189  -2.033  13.784  1.00 49.83 ? 31   GLN A O   1 
ATOM   263  C CB  . GLN A 1 33  ? -9.313  -0.279  16.633  1.00 48.28 ? 31   GLN A CB  1 
ATOM   264  C CG  . GLN A 1 33  ? -8.780  -0.463  18.075  1.00 50.02 ? 31   GLN A CG  1 
ATOM   265  C CD  . GLN A 1 33  ? -7.507  -1.343  18.218  1.00 51.07 ? 31   GLN A CD  1 
ATOM   266  O OE1 . GLN A 1 33  ? -7.580  -2.572  18.159  1.00 52.82 ? 31   GLN A OE1 1 
ATOM   267  N NE2 . GLN A 1 33  ? -6.362  -0.704  18.447  1.00 51.31 ? 31   GLN A NE2 1 
ATOM   268  N N   . ILE A 1 34  ? -9.485  0.216   13.567  1.00 49.00 ? 32   ILE A N   1 
ATOM   269  C CA  . ILE A 1 34  ? -10.071 0.158   12.222  1.00 48.79 ? 32   ILE A CA  1 
ATOM   270  C C   . ILE A 1 34  ? -9.109  -0.481  11.224  1.00 48.57 ? 32   ILE A C   1 
ATOM   271  O O   . ILE A 1 34  ? -9.531  -1.236  10.377  1.00 49.00 ? 32   ILE A O   1 
ATOM   272  C CB  . ILE A 1 34  ? -10.458 1.560   11.704  1.00 48.79 ? 32   ILE A CB  1 
ATOM   273  C CG1 . ILE A 1 34  ? -11.465 2.249   12.627  1.00 49.57 ? 32   ILE A CG1 1 
ATOM   274  C CG2 . ILE A 1 34  ? -11.049 1.482   10.284  1.00 48.93 ? 32   ILE A CG2 1 
ATOM   275  C CD1 . ILE A 1 34  ? -12.846 1.679   12.559  1.00 51.03 ? 32   ILE A CD1 1 
ATOM   276  N N   . GLY A 1 35  ? -7.821  -0.166  11.310  1.00 48.95 ? 33   GLY A N   1 
ATOM   277  C CA  . GLY A 1 35  ? -6.817  -0.794  10.465  1.00 49.35 ? 33   GLY A CA  1 
ATOM   278  C C   . GLY A 1 35  ? -6.771  -2.304  10.605  1.00 49.71 ? 33   GLY A C   1 
ATOM   279  O O   . GLY A 1 35  ? -6.595  -3.036  9.634   1.00 49.94 ? 33   GLY A O   1 
ATOM   280  N N   . ASN A 1 36  ? -6.956  -2.767  11.831  1.00 50.34 ? 34   ASN A N   1 
ATOM   281  C CA  . ASN A 1 36  ? -6.938  -4.192  12.144  1.00 51.00 ? 34   ASN A CA  1 
ATOM   282  C C   . ASN A 1 36  ? -8.248  -4.936  11.818  1.00 51.39 ? 34   ASN A C   1 
ATOM   283  O O   . ASN A 1 36  ? -8.255  -6.160  11.816  1.00 51.65 ? 34   ASN A O   1 
ATOM   284  C CB  . ASN A 1 36  ? -6.559  -4.382  13.621  1.00 50.88 ? 34   ASN A CB  1 
ATOM   285  C CG  . ASN A 1 36  ? -5.226  -3.716  13.969  1.00 50.84 ? 34   ASN A CG  1 
ATOM   286  O OD1 . ASN A 1 36  ? -4.305  -3.685  13.151  1.00 50.37 ? 34   ASN A OD1 1 
ATOM   287  N ND2 . ASN A 1 36  ? -5.129  -3.171  15.174  1.00 50.38 ? 34   ASN A ND2 1 
ATOM   288  N N   . THR A 1 37  ? -9.339  -4.213  11.549  1.00 51.86 ? 35   THR A N   1 
ATOM   289  C CA  . THR A 1 37  ? -10.602 -4.850  11.176  1.00 52.49 ? 35   THR A CA  1 
ATOM   290  C C   . THR A 1 37  ? -10.857 -4.847  9.669   1.00 52.47 ? 35   THR A C   1 
ATOM   291  O O   . THR A 1 37  ? -11.101 -5.905  9.078   1.00 52.56 ? 35   THR A O   1 
ATOM   292  C CB  . THR A 1 37  ? -11.811 -4.182  11.877  1.00 52.79 ? 35   THR A CB  1 
ATOM   293  O OG1 . THR A 1 37  ? -11.819 -2.778  11.613  1.00 52.91 ? 35   THR A OG1 1 
ATOM   294  C CG2 . THR A 1 37  ? -11.711 -4.291  13.393  1.00 54.04 ? 35   THR A CG2 1 
ATOM   295  N N   . VAL A 1 38  ? -10.806 -3.673  9.044   1.00 52.27 ? 36   VAL A N   1 
ATOM   296  C CA  . VAL A 1 38  ? -11.280 -3.543  7.667   1.00 52.14 ? 36   VAL A CA  1 
ATOM   297  C C   . VAL A 1 38  ? -10.398 -4.262  6.660   1.00 51.60 ? 36   VAL A C   1 
ATOM   298  O O   . VAL A 1 38  ? -9.197  -4.439  6.859   1.00 51.16 ? 36   VAL A O   1 
ATOM   299  C CB  . VAL A 1 38  ? -11.430 -2.086  7.200   1.00 52.39 ? 36   VAL A CB  1 
ATOM   300  C CG1 . VAL A 1 38  ? -12.082 -1.235  8.279   1.00 53.26 ? 36   VAL A CG1 1 
ATOM   301  C CG2 . VAL A 1 38  ? -10.088 -1.514  6.765   1.00 52.53 ? 36   VAL A CG2 1 
ATOM   302  N N   . THR A 1 39  ? -11.041 -4.659  5.571   1.00 51.12 ? 37   THR A N   1 
ATOM   303  C CA  . THR A 1 39  ? -10.417 -5.402  4.499   1.00 50.84 ? 37   THR A CA  1 
ATOM   304  C C   . THR A 1 39  ? -10.576 -4.563  3.233   1.00 49.81 ? 37   THR A C   1 
ATOM   305  O O   . THR A 1 39  ? -11.580 -4.648  2.541   1.00 49.93 ? 37   THR A O   1 
ATOM   306  C CB  . THR A 1 39  ? -11.070 -6.798  4.359   1.00 50.79 ? 37   THR A CB  1 
ATOM   307  O OG1 . THR A 1 39  ? -12.483 -6.675  4.188   1.00 51.83 ? 37   THR A OG1 1 
ATOM   308  C CG2 . THR A 1 39  ? -10.963 -7.577  5.659   1.00 51.31 ? 37   THR A CG2 1 
ATOM   309  N N   . PRO A 1 40  ? -9.587  -3.731  2.944   1.00 48.88 ? 38   PRO A N   1 
ATOM   310  C CA  . PRO A 1 40  ? -9.667  -2.856  1.793   1.00 48.37 ? 38   PRO A CA  1 
ATOM   311  C C   . PRO A 1 40  ? -9.632  -3.625  0.493   1.00 47.99 ? 38   PRO A C   1 
ATOM   312  O O   . PRO A 1 40  ? -9.207  -4.781  0.449   1.00 47.57 ? 38   PRO A O   1 
ATOM   313  C CB  . PRO A 1 40  ? -8.400  -2.011  1.923   1.00 47.86 ? 38   PRO A CB  1 
ATOM   314  C CG  . PRO A 1 40  ? -7.988  -2.167  3.265   1.00 47.79 ? 38   PRO A CG  1 
ATOM   315  C CD  . PRO A 1 40  ? -8.303  -3.549  3.637   1.00 48.76 ? 38   PRO A CD  1 
ATOM   316  N N   . THR A 1 41  ? -10.068 -2.941  -0.555  1.00 47.76 ? 39   THR A N   1 
ATOM   317  C CA  . THR A 1 41  ? -10.013 -3.435  -1.899  1.00 47.87 ? 39   THR A CA  1 
ATOM   318  C C   . THR A 1 41  ? -9.215  -2.424  -2.666  1.00 47.82 ? 39   THR A C   1 
ATOM   319  O O   . THR A 1 41  ? -9.651  -1.303  -2.843  1.00 48.20 ? 39   THR A O   1 
ATOM   320  C CB  . THR A 1 41  ? -11.436 -3.568  -2.461  1.00 48.04 ? 39   THR A CB  1 
ATOM   321  O OG1 . THR A 1 41  ? -12.123 -4.602  -1.745  1.00 48.89 ? 39   THR A OG1 1 
ATOM   322  C CG2 . THR A 1 41  ? -11.453 -4.086  -3.894  1.00 47.79 ? 39   THR A CG2 1 
ATOM   323  N N   . VAL A 1 42  ? -8.025  -2.806  -3.100  1.00 47.71 ? 40   VAL A N   1 
ATOM   324  C CA  . VAL A 1 42  ? -7.222  -1.913  -3.915  1.00 47.61 ? 40   VAL A CA  1 
ATOM   325  C C   . VAL A 1 42  ? -7.307  -2.309  -5.390  1.00 47.11 ? 40   VAL A C   1 
ATOM   326  O O   . VAL A 1 42  ? -7.382  -3.466  -5.745  1.00 46.39 ? 40   VAL A O   1 
ATOM   327  C CB  . VAL A 1 42  ? -5.762  -1.755  -3.399  1.00 47.47 ? 40   VAL A CB  1 
ATOM   328  C CG1 . VAL A 1 42  ? -5.673  -2.077  -1.913  1.00 48.18 ? 40   VAL A CG1 1 
ATOM   329  C CG2 . VAL A 1 42  ? -4.793  -2.599  -4.159  1.00 48.84 ? 40   VAL A CG2 1 
ATOM   330  N N   . THR A 1 43  ? -7.328  -1.291  -6.226  1.00 47.23 ? 41   THR A N   1 
ATOM   331  C CA  . THR A 1 43  ? -7.466  -1.423  -7.647  1.00 47.50 ? 41   THR A CA  1 
ATOM   332  C C   . THR A 1 43  ? -6.246  -0.756  -8.216  1.00 48.10 ? 41   THR A C   1 
ATOM   333  O O   . THR A 1 43  ? -5.860  0.293   -7.754  1.00 48.75 ? 41   THR A O   1 
ATOM   334  C CB  . THR A 1 43  ? -8.750  -0.678  -8.063  1.00 47.84 ? 41   THR A CB  1 
ATOM   335  O OG1 . THR A 1 43  ? -9.865  -1.160  -7.293  1.00 45.15 ? 41   THR A OG1 1 
ATOM   336  C CG2 . THR A 1 43  ? -9.131  -0.949  -9.511  1.00 48.02 ? 41   THR A CG2 1 
ATOM   337  N N   . PHE A 1 44  ? -5.598  -1.372  -9.178  1.00 49.16 ? 42   PHE A N   1 
ATOM   338  C CA  . PHE A 1 44  ? -4.584  -0.686  -9.951  1.00 50.20 ? 42   PHE A CA  1 
ATOM   339  C C   . PHE A 1 44  ? -5.072  -0.529  -11.388 1.00 51.21 ? 42   PHE A C   1 
ATOM   340  O O   . PHE A 1 44  ? -5.775  -1.389  -11.896 1.00 51.25 ? 42   PHE A O   1 
ATOM   341  C CB  . PHE A 1 44  ? -3.270  -1.459  -9.954  1.00 50.15 ? 42   PHE A CB  1 
ATOM   342  C CG  . PHE A 1 44  ? -2.704  -1.718  -8.590  1.00 50.73 ? 42   PHE A CG  1 
ATOM   343  C CD1 . PHE A 1 44  ? -3.076  -2.831  -7.875  1.00 49.92 ? 42   PHE A CD1 1 
ATOM   344  C CD2 . PHE A 1 44  ? -1.761  -0.865  -8.043  1.00 51.62 ? 42   PHE A CD2 1 
ATOM   345  C CE1 . PHE A 1 44  ? -2.549  -3.069  -6.628  1.00 51.25 ? 42   PHE A CE1 1 
ATOM   346  C CE2 . PHE A 1 44  ? -1.223  -1.106  -6.789  1.00 51.16 ? 42   PHE A CE2 1 
ATOM   347  C CZ  . PHE A 1 44  ? -1.622  -2.197  -6.080  1.00 51.00 ? 42   PHE A CZ  1 
ATOM   348  N N   . THR A 1 45  ? -4.706  0.587   -12.013 1.00 52.98 ? 43   THR A N   1 
ATOM   349  C CA  . THR A 1 45  ? -4.788  0.769   -13.460 1.00 54.37 ? 43   THR A CA  1 
ATOM   350  C C   . THR A 1 45  ? -3.524  1.475   -13.927 1.00 56.27 ? 43   THR A C   1 
ATOM   351  O O   . THR A 1 45  ? -3.009  2.376   -13.255 1.00 55.74 ? 43   THR A O   1 
ATOM   352  C CB  . THR A 1 45  ? -6.025  1.610   -13.896 1.00 54.17 ? 43   THR A CB  1 
ATOM   353  O OG1 . THR A 1 45  ? -5.991  2.904   -13.285 1.00 52.86 ? 43   THR A OG1 1 
ATOM   354  C CG2 . THR A 1 45  ? -7.320  0.993   -13.409 1.00 54.10 ? 43   THR A CG2 1 
ATOM   355  N N   . MET A 1 46  ? -3.020  1.044   -15.076 1.00 58.61 ? 44   MET A N   1 
ATOM   356  C CA  . MET A 1 46  ? -1.909  1.732   -15.720 1.00 60.60 ? 44   MET A CA  1 
ATOM   357  C C   . MET A 1 46  ? -2.530  2.616   -16.806 1.00 61.95 ? 44   MET A C   1 
ATOM   358  O O   . MET A 1 46  ? -3.346  2.144   -17.618 1.00 61.71 ? 44   MET A O   1 
ATOM   359  C CB  . MET A 1 46  ? -0.902  0.739   -16.321 1.00 60.98 ? 44   MET A CB  1 
ATOM   360  C CG  . MET A 1 46  ? 0.389   0.560   -15.506 1.00 62.09 ? 44   MET A CG  1 
ATOM   361  S SD  . MET A 1 46  ? 1.412   2.050   -15.461 1.00 64.73 ? 44   MET A SD  1 
ATOM   362  C CE  . MET A 1 46  ? 3.018   1.372   -15.683 1.00 66.07 ? 44   MET A CE  1 
ATOM   363  N N   . ASP A 1 47  ? -2.149  3.891   -16.795 1.00 63.09 ? 45   ASP A N   1 
ATOM   364  C CA  . ASP A 1 47  ? -2.618  4.868   -17.777 1.00 64.11 ? 45   ASP A CA  1 
ATOM   365  C C   . ASP A 1 47  ? -1.437  5.630   -18.377 1.00 64.66 ? 45   ASP A C   1 
ATOM   366  O O   . ASP A 1 47  ? -1.050  6.716   -17.913 1.00 64.41 ? 45   ASP A O   1 
ATOM   367  C CB  . ASP A 1 47  ? -3.603  5.807   -17.115 1.00 64.41 ? 45   ASP A CB  1 
ATOM   368  C CG  . ASP A 1 47  ? -4.654  5.060   -16.353 1.00 65.35 ? 45   ASP A CG  1 
ATOM   369  O OD1 . ASP A 1 47  ? -5.559  4.514   -17.031 1.00 66.27 ? 45   ASP A OD1 1 
ATOM   370  O OD2 . ASP A 1 47  ? -4.625  4.936   -15.101 1.00 65.47 ? 45   ASP A OD2 1 
ATOM   371  N N   . GLY A 1 48  ? -0.870  5.031   -19.419 1.00 65.20 ? 46   GLY A N   1 
ATOM   372  C CA  . GLY A 1 48  ? 0.359   5.515   -19.999 1.00 65.62 ? 46   GLY A CA  1 
ATOM   373  C C   . GLY A 1 48  ? 1.449   5.249   -18.992 1.00 66.02 ? 46   GLY A C   1 
ATOM   374  O O   . GLY A 1 48  ? 1.506   4.155   -18.420 1.00 66.50 ? 46   GLY A O   1 
ATOM   375  N N   . ASP A 1 49  ? 2.279   6.260   -18.742 1.00 66.13 ? 47   ASP A N   1 
ATOM   376  C CA  . ASP A 1 49  ? 3.418   6.132   -17.821 1.00 66.21 ? 47   ASP A CA  1 
ATOM   377  C C   . ASP A 1 49  ? 3.034   6.423   -16.348 1.00 65.53 ? 47   ASP A C   1 
ATOM   378  O O   . ASP A 1 49  ? 3.909   6.444   -15.472 1.00 65.54 ? 47   ASP A O   1 
ATOM   379  C CB  . ASP A 1 49  ? 4.606   7.022   -18.270 1.00 66.60 ? 47   ASP A CB  1 
ATOM   380  C CG  . ASP A 1 49  ? 4.173   8.234   -19.100 1.00 68.08 ? 47   ASP A CG  1 
ATOM   381  O OD1 . ASP A 1 49  ? 3.883   9.300   -18.499 1.00 70.45 ? 47   ASP A OD1 1 
ATOM   382  O OD2 . ASP A 1 49  ? 4.097   8.211   -20.358 1.00 68.80 ? 47   ASP A OD2 1 
ATOM   383  N N   . LYS A 1 50  ? 1.740   6.639   -16.088 1.00 64.42 ? 48   LYS A N   1 
ATOM   384  C CA  . LYS A 1 50  ? 1.241   6.905   -14.747 1.00 63.77 ? 48   LYS A CA  1 
ATOM   385  C C   . LYS A 1 50  ? 0.320   5.771   -14.291 1.00 62.45 ? 48   LYS A C   1 
ATOM   386  O O   . LYS A 1 50  ? -0.653  5.468   -14.959 1.00 62.33 ? 48   LYS A O   1 
ATOM   387  C CB  . LYS A 1 50  ? 0.503   8.251   -14.707 1.00 64.20 ? 48   LYS A CB  1 
ATOM   388  C CG  . LYS A 1 50  ? 1.428   9.468   -14.523 1.00 65.60 ? 48   LYS A CG  1 
ATOM   389  C CD  . LYS A 1 50  ? 0.665   10.717  -14.016 1.00 67.45 ? 48   LYS A CD  1 
ATOM   390  C CE  . LYS A 1 50  ? 1.178   11.233  -12.635 1.00 67.62 ? 48   LYS A CE  1 
ATOM   391  N NZ  . LYS A 1 50  ? 2.060   12.439  -12.726 1.00 66.01 ? 48   LYS A NZ  1 
ATOM   392  N N   . MET A 1 51  ? 0.657   5.140   -13.165 1.00 60.88 ? 49   MET A N   1 
ATOM   393  C CA  . MET A 1 51  ? -0.197  4.139   -12.515 1.00 59.66 ? 49   MET A CA  1 
ATOM   394  C C   . MET A 1 51  ? -1.041  4.762   -11.404 1.00 58.01 ? 49   MET A C   1 
ATOM   395  O O   . MET A 1 51  ? -0.619  5.696   -10.731 1.00 57.36 ? 49   MET A O   1 
ATOM   396  C CB  . MET A 1 51  ? 0.662   3.026   -11.907 1.00 59.85 ? 49   MET A CB  1 
ATOM   397  C CG  . MET A 1 51  ? -0.130  1.838   -11.377 1.00 60.80 ? 49   MET A CG  1 
ATOM   398  S SD  . MET A 1 51  ? 0.905   0.618   -10.517 1.00 62.34 ? 49   MET A SD  1 
ATOM   399  C CE  . MET A 1 51  ? 0.444   -0.878  -11.349 1.00 60.92 ? 49   MET A CE  1 
ATOM   400  N N   . THR A 1 52  ? -2.241  4.231   -11.223 1.00 56.62 ? 50   THR A N   1 
ATOM   401  C CA  . THR A 1 52  ? -3.125  4.665   -10.154 1.00 55.44 ? 50   THR A CA  1 
ATOM   402  C C   . THR A 1 52  ? -3.510  3.488   -9.293  1.00 54.20 ? 50   THR A C   1 
ATOM   403  O O   . THR A 1 52  ? -3.862  2.427   -9.790  1.00 53.37 ? 50   THR A O   1 
ATOM   404  C CB  . THR A 1 52  ? -4.370  5.364   -10.719 1.00 55.29 ? 50   THR A CB  1 
ATOM   405  O OG1 . THR A 1 52  ? -3.962  6.553   -11.395 1.00 55.25 ? 50   THR A OG1 1 
ATOM   406  C CG2 . THR A 1 52  ? -5.231  5.919   -9.614  1.00 55.76 ? 50   THR A CG2 1 
ATOM   407  N N   . MET A 1 53  ? -3.420  3.701   -7.987  1.00 53.13 ? 51   MET A N   1 
ATOM   408  C CA  . MET A 1 53  ? -3.797  2.712   -7.003  1.00 52.44 ? 51   MET A CA  1 
ATOM   409  C C   . MET A 1 53  ? -4.919  3.290   -6.157  1.00 51.53 ? 51   MET A C   1 
ATOM   410  O O   . MET A 1 53  ? -4.711  4.238   -5.407  1.00 50.98 ? 51   MET A O   1 
ATOM   411  C CB  . MET A 1 53  ? -2.606  2.353   -6.108  1.00 52.51 ? 51   MET A CB  1 
ATOM   412  C CG  . MET A 1 53  ? -2.965  1.289   -5.074  1.00 54.13 ? 51   MET A CG  1 
ATOM   413  S SD  . MET A 1 53  ? -1.707  0.936   -3.844  1.00 56.34 ? 51   MET A SD  1 
ATOM   414  C CE  . MET A 1 53  ? -2.654  1.142   -2.389  1.00 56.08 ? 51   MET A CE  1 
ATOM   415  N N   . LEU A 1 54  ? -6.104  2.705   -6.268  1.00 50.55 ? 52   LEU A N   1 
ATOM   416  C CA  . LEU A 1 54  ? -7.245  3.131   -5.482  1.00 50.44 ? 52   LEU A CA  1 
ATOM   417  C C   . LEU A 1 54  ? -7.463  2.164   -4.334  1.00 49.96 ? 52   LEU A C   1 
ATOM   418  O O   . LEU A 1 54  ? -7.452  0.983   -4.543  1.00 49.88 ? 52   LEU A O   1 
ATOM   419  C CB  . LEU A 1 54  ? -8.479  3.181   -6.393  1.00 50.60 ? 52   LEU A CB  1 
ATOM   420  C CG  . LEU A 1 54  ? -9.884  3.150   -5.795  1.00 50.89 ? 52   LEU A CG  1 
ATOM   421  C CD1 . LEU A 1 54  ? -10.167 4.441   -5.057  1.00 50.98 ? 52   LEU A CD1 1 
ATOM   422  C CD2 . LEU A 1 54  ? -10.885 2.925   -6.886  1.00 51.55 ? 52   LEU A CD2 1 
ATOM   423  N N   . THR A 1 55  ? -7.680  2.663   -3.125  1.00 50.21 ? 53   THR A N   1 
ATOM   424  C CA  . THR A 1 55  ? -7.997  1.810   -1.975  1.00 50.49 ? 53   THR A CA  1 
ATOM   425  C C   . THR A 1 55  ? -9.369  2.151   -1.455  1.00 51.10 ? 53   THR A C   1 
ATOM   426  O O   . THR A 1 55  ? -9.657  3.319   -1.199  1.00 51.09 ? 53   THR A O   1 
ATOM   427  C CB  . THR A 1 55  ? -6.940  1.973   -0.856  1.00 50.59 ? 53   THR A CB  1 
ATOM   428  O OG1 . THR A 1 55  ? -5.658  1.516   -1.323  1.00 50.03 ? 53   THR A OG1 1 
ATOM   429  C CG2 . THR A 1 55  ? -7.246  1.049   0.365   1.00 50.52 ? 53   THR A CG2 1 
ATOM   430  N N   . GLU A 1 56  ? -10.221 1.138   -1.320  1.00 51.87 ? 54   GLU A N   1 
ATOM   431  C CA  . GLU A 1 56  ? -11.571 1.327   -0.842  1.00 53.00 ? 54   GLU A CA  1 
ATOM   432  C C   . GLU A 1 56  ? -11.827 0.498   0.393   1.00 53.40 ? 54   GLU A C   1 
ATOM   433  O O   . GLU A 1 56  ? -11.751 -0.718  0.355   1.00 53.91 ? 54   GLU A O   1 
ATOM   434  C CB  . GLU A 1 56  ? -12.608 0.931   -1.896  1.00 53.66 ? 54   GLU A CB  1 
ATOM   435  C CG  . GLU A 1 56  ? -12.618 1.783   -3.148  1.00 55.06 ? 54   GLU A CG  1 
ATOM   436  C CD  . GLU A 1 56  ? -13.479 1.166   -4.222  1.00 57.19 ? 54   GLU A CD  1 
ATOM   437  O OE1 . GLU A 1 56  ? -13.078 0.096   -4.751  1.00 59.19 ? 54   GLU A OE1 1 
ATOM   438  O OE2 . GLU A 1 56  ? -14.551 1.738   -4.523  1.00 56.38 ? 54   GLU A OE2 1 
ATOM   439  N N   . SER A 1 57  ? -12.148 1.170   1.488   1.00 54.08 ? 55   SER A N   1 
ATOM   440  C CA  . SER A 1 57  ? -12.670 0.508   2.671   1.00 54.50 ? 55   SER A CA  1 
ATOM   441  C C   . SER A 1 57  ? -13.852 1.305   3.172   1.00 54.87 ? 55   SER A C   1 
ATOM   442  O O   . SER A 1 57  ? -14.226 2.336   2.606   1.00 55.13 ? 55   SER A O   1 
ATOM   443  C CB  . SER A 1 57  ? -11.594 0.408   3.758   1.00 54.34 ? 55   SER A CB  1 
ATOM   444  O OG  . SER A 1 57  ? -11.009 1.675   4.018   1.00 54.54 ? 55   SER A OG  1 
ATOM   445  N N   . THR A 1 58  ? -14.437 0.826   4.251   1.00 55.52 ? 56   THR A N   1 
ATOM   446  C CA  . THR A 1 58  ? -15.471 1.577   4.955   1.00 55.64 ? 56   THR A CA  1 
ATOM   447  C C   . THR A 1 58  ? -14.857 2.824   5.612   1.00 55.77 ? 56   THR A C   1 
ATOM   448  O O   . THR A 1 58  ? -15.533 3.827   5.774   1.00 56.19 ? 56   THR A O   1 
ATOM   449  C CB  . THR A 1 58  ? -16.168 0.673   5.997   1.00 55.50 ? 56   THR A CB  1 
ATOM   450  O OG1 . THR A 1 58  ? -15.186 0.002   6.798   1.00 53.94 ? 56   THR A OG1 1 
ATOM   451  C CG2 . THR A 1 58  ? -16.943 -0.470  5.291   1.00 55.65 ? 56   THR A CG2 1 
ATOM   452  N N   . PHE A 1 59  ? -13.575 2.764   5.962   1.00 55.59 ? 57   PHE A N   1 
ATOM   453  C CA  . PHE A 1 59  ? -12.912 3.889   6.603   1.00 55.66 ? 57   PHE A CA  1 
ATOM   454  C C   . PHE A 1 59  ? -12.788 5.074   5.646   1.00 56.16 ? 57   PHE A C   1 
ATOM   455  O O   . PHE A 1 59  ? -13.469 6.092   5.814   1.00 57.03 ? 57   PHE A O   1 
ATOM   456  C CB  . PHE A 1 59  ? -11.534 3.464   7.108   1.00 55.30 ? 57   PHE A CB  1 
ATOM   457  C CG  . PHE A 1 59  ? -10.788 4.549   7.821   1.00 53.99 ? 57   PHE A CG  1 
ATOM   458  C CD1 . PHE A 1 59  ? -9.462  4.791   7.529   1.00 52.65 ? 57   PHE A CD1 1 
ATOM   459  C CD2 . PHE A 1 59  ? -11.411 5.310   8.805   1.00 53.32 ? 57   PHE A CD2 1 
ATOM   460  C CE1 . PHE A 1 59  ? -8.770  5.770   8.177   1.00 51.81 ? 57   PHE A CE1 1 
ATOM   461  C CE2 . PHE A 1 59  ? -10.716 6.278   9.473   1.00 52.30 ? 57   PHE A CE2 1 
ATOM   462  C CZ  . PHE A 1 59  ? -9.391  6.514   9.156   1.00 52.69 ? 57   PHE A CZ  1 
ATOM   463  N N   . LYS A 1 60  ? -11.918 4.926   4.650   1.00 56.29 ? 58   LYS A N   1 
ATOM   464  C CA  . LYS A 1 60  ? -11.729 5.905   3.589   1.00 56.15 ? 58   LYS A CA  1 
ATOM   465  C C   . LYS A 1 60  ? -11.596 5.210   2.248   1.00 55.75 ? 58   LYS A C   1 
ATOM   466  O O   . LYS A 1 60  ? -11.195 4.042   2.168   1.00 55.78 ? 58   LYS A O   1 
ATOM   467  C CB  . LYS A 1 60  ? -10.459 6.701   3.837   1.00 56.31 ? 58   LYS A CB  1 
ATOM   468  C CG  . LYS A 1 60  ? -10.459 7.428   5.154   1.00 57.80 ? 58   LYS A CG  1 
ATOM   469  C CD  . LYS A 1 60  ? -9.244  8.305   5.337   1.00 58.90 ? 58   LYS A CD  1 
ATOM   470  C CE  . LYS A 1 60  ? -9.412  9.158   6.591   1.00 59.95 ? 58   LYS A CE  1 
ATOM   471  N NZ  . LYS A 1 60  ? -8.141  9.810   7.038   1.00 60.76 ? 58   LYS A NZ  1 
ATOM   472  N N   . ASN A 1 61  ? -11.940 5.940   1.200   1.00 55.14 ? 59   ASN A N   1 
ATOM   473  C CA  . ASN A 1 61  ? -11.543 5.585   -0.152  1.00 54.99 ? 59   ASN A CA  1 
ATOM   474  C C   . ASN A 1 61  ? -10.525 6.595   -0.608  1.00 55.11 ? 59   ASN A C   1 
ATOM   475  O O   . ASN A 1 61  ? -10.897 7.663   -1.016  1.00 55.18 ? 59   ASN A O   1 
ATOM   476  C CB  . ASN A 1 61  ? -12.731 5.584   -1.117  1.00 54.49 ? 59   ASN A CB  1 
ATOM   477  C CG  . ASN A 1 61  ? -13.842 4.690   -0.663  1.00 54.04 ? 59   ASN A CG  1 
ATOM   478  O OD1 . ASN A 1 61  ? -14.976 5.118   -0.558  1.00 56.02 ? 59   ASN A OD1 1 
ATOM   479  N ND2 . ASN A 1 61  ? -13.524 3.440   -0.377  1.00 52.01 ? 59   ASN A ND2 1 
ATOM   480  N N   . LEU A 1 62  ? -9.241  6.280   -0.501  1.00 55.81 ? 60   LEU A N   1 
ATOM   481  C CA  . LEU A 1 62  ? -8.210  7.142   -1.061  1.00 56.65 ? 60   LEU A CA  1 
ATOM   482  C C   . LEU A 1 62  ? -7.747  6.594   -2.392  1.00 56.51 ? 60   LEU A C   1 
ATOM   483  O O   . LEU A 1 62  ? -7.909  5.424   -2.695  1.00 56.60 ? 60   LEU A O   1 
ATOM   484  C CB  . LEU A 1 62  ? -6.992  7.246   -0.146  1.00 57.14 ? 60   LEU A CB  1 
ATOM   485  C CG  . LEU A 1 62  ? -7.249  7.469   1.347   1.00 59.66 ? 60   LEU A CG  1 
ATOM   486  C CD1 . LEU A 1 62  ? -6.539  6.399   2.178   1.00 61.26 ? 60   LEU A CD1 1 
ATOM   487  C CD2 . LEU A 1 62  ? -6.847  8.886   1.809   1.00 60.61 ? 60   LEU A CD2 1 
ATOM   488  N N   . SER A 1 63  ? -7.138  7.452   -3.180  1.00 56.42 ? 61   SER A N   1 
ATOM   489  C CA  . SER A 1 63  ? -6.525  7.024   -4.419  1.00 56.16 ? 61   SER A CA  1 
ATOM   490  C C   . SER A 1 63  ? -5.342  7.907   -4.688  1.00 55.90 ? 61   SER A C   1 
ATOM   491  O O   . SER A 1 63  ? -5.318  9.065   -4.289  1.00 55.62 ? 61   SER A O   1 
ATOM   492  C CB  . SER A 1 63  ? -7.522  7.097   -5.573  1.00 56.20 ? 61   SER A CB  1 
ATOM   493  O OG  . SER A 1 63  ? -7.053  7.964   -6.576  1.00 55.45 ? 61   SER A OG  1 
ATOM   494  N N   . CYS A 1 64  ? -4.335  7.355   -5.344  1.00 56.03 ? 62   CYS A N   1 
ATOM   495  C CA  . CYS A 1 64  ? -3.244  8.191   -5.783  1.00 56.40 ? 62   CYS A CA  1 
ATOM   496  C C   . CYS A 1 64  ? -2.590  7.683   -7.035  1.00 56.10 ? 62   CYS A C   1 
ATOM   497  O O   . CYS A 1 64  ? -2.659  6.499   -7.375  1.00 55.99 ? 62   CYS A O   1 
ATOM   498  C CB  . CYS A 1 64  ? -2.223  8.396   -4.674  1.00 56.81 ? 62   CYS A CB  1 
ATOM   499  S SG  . CYS A 1 64  ? -1.259  6.953   -4.354  1.00 57.93 ? 62   CYS A SG  1 
ATOM   500  N N   . THR A 1 65  ? -1.970  8.636   -7.719  1.00 55.64 ? 63   THR A N   1 
ATOM   501  C CA  . THR A 1 65  ? -1.486  8.451   -9.062  1.00 55.35 ? 63   THR A CA  1 
ATOM   502  C C   . THR A 1 65  ? -0.041  8.885   -9.109  1.00 55.01 ? 63   THR A C   1 
ATOM   503  O O   . THR A 1 65  ? 0.325   9.967   -8.616  1.00 55.02 ? 63   THR A O   1 
ATOM   504  C CB  . THR A 1 65  ? -2.361  9.272   -10.005 1.00 55.23 ? 63   THR A CB  1 
ATOM   505  O OG1 . THR A 1 65  ? -3.611  8.579   -10.190 1.00 56.02 ? 63   THR A OG1 1 
ATOM   506  C CG2 . THR A 1 65  ? -1.766  9.375   -11.401 1.00 54.70 ? 63   THR A CG2 1 
ATOM   507  N N   . PHE A 1 66  ? 0.773   8.042   -9.725  1.00 54.73 ? 64   PHE A N   1 
ATOM   508  C CA  . PHE A 1 66  ? 2.202   8.239   -9.713  1.00 54.74 ? 64   PHE A CA  1 
ATOM   509  C C   . PHE A 1 66  ? 2.913   7.790   -10.993 1.00 55.19 ? 64   PHE A C   1 
ATOM   510  O O   . PHE A 1 66  ? 2.519   6.829   -11.652 1.00 55.19 ? 64   PHE A O   1 
ATOM   511  C CB  . PHE A 1 66  ? 2.794   7.528   -8.491  1.00 54.47 ? 64   PHE A CB  1 
ATOM   512  C CG  . PHE A 1 66  ? 2.374   6.085   -8.345  1.00 53.77 ? 64   PHE A CG  1 
ATOM   513  C CD1 . PHE A 1 66  ? 1.345   5.733   -7.492  1.00 54.22 ? 64   PHE A CD1 1 
ATOM   514  C CD2 . PHE A 1 66  ? 3.039   5.076   -9.032  1.00 54.25 ? 64   PHE A CD2 1 
ATOM   515  C CE1 . PHE A 1 66  ? 0.961   4.389   -7.346  1.00 54.74 ? 64   PHE A CE1 1 
ATOM   516  C CE2 . PHE A 1 66  ? 2.673   3.731   -8.878  1.00 54.22 ? 64   PHE A CE2 1 
ATOM   517  C CZ  . PHE A 1 66  ? 1.634   3.391   -8.048  1.00 53.98 ? 64   PHE A CZ  1 
ATOM   518  N N   . LYS A 1 67  ? 3.950   8.539   -11.340 1.00 55.84 ? 65   LYS A N   1 
ATOM   519  C CA  . LYS A 1 67  ? 5.048   8.062   -12.169 1.00 56.57 ? 65   LYS A CA  1 
ATOM   520  C C   . LYS A 1 67  ? 6.032   7.295   -11.267 1.00 56.95 ? 65   LYS A C   1 
ATOM   521  O O   . LYS A 1 67  ? 6.177   7.624   -10.088 1.00 56.57 ? 65   LYS A O   1 
ATOM   522  C CB  . LYS A 1 67  ? 5.750   9.269   -12.817 1.00 56.68 ? 65   LYS A CB  1 
ATOM   523  C CG  . LYS A 1 67  ? 6.639   8.955   -14.014 1.00 57.53 ? 65   LYS A CG  1 
ATOM   524  C CD  . LYS A 1 67  ? 6.537   10.033  -15.118 1.00 58.08 ? 65   LYS A CD  1 
ATOM   525  C CE  . LYS A 1 67  ? 5.071   10.391  -15.446 1.00 58.74 ? 65   LYS A CE  1 
ATOM   526  N NZ  . LYS A 1 67  ? 4.864   10.964  -16.808 1.00 58.12 ? 65   LYS A NZ  1 
ATOM   527  N N   . PHE A 1 68  ? 6.700   6.277   -11.816 1.00 57.68 ? 66   PHE A N   1 
ATOM   528  C CA  . PHE A 1 68  ? 7.703   5.524   -11.064 1.00 58.20 ? 66   PHE A CA  1 
ATOM   529  C C   . PHE A 1 68  ? 8.974   6.342   -10.922 1.00 58.60 ? 66   PHE A C   1 
ATOM   530  O O   . PHE A 1 68  ? 9.465   6.893   -11.900 1.00 58.73 ? 66   PHE A O   1 
ATOM   531  C CB  . PHE A 1 68  ? 8.036   4.183   -11.741 1.00 58.24 ? 66   PHE A CB  1 
ATOM   532  C CG  . PHE A 1 68  ? 6.875   3.228   -11.795 1.00 58.91 ? 66   PHE A CG  1 
ATOM   533  C CD1 . PHE A 1 68  ? 6.302   2.743   -10.625 1.00 58.38 ? 66   PHE A CD1 1 
ATOM   534  C CD2 . PHE A 1 68  ? 6.351   2.819   -13.012 1.00 59.18 ? 66   PHE A CD2 1 
ATOM   535  C CE1 . PHE A 1 68  ? 5.225   1.878   -10.670 1.00 58.77 ? 66   PHE A CE1 1 
ATOM   536  C CE2 . PHE A 1 68  ? 5.279   1.946   -13.059 1.00 59.48 ? 66   PHE A CE2 1 
ATOM   537  C CZ  . PHE A 1 68  ? 4.708   1.482   -11.884 1.00 59.16 ? 66   PHE A CZ  1 
ATOM   538  N N   . GLY A 1 69  ? 9.499   6.407   -9.703  1.00 59.17 ? 67   GLY A N   1 
ATOM   539  C CA  . GLY A 1 69  ? 10.737  7.100   -9.412  1.00 59.58 ? 67   GLY A CA  1 
ATOM   540  C C   . GLY A 1 69  ? 10.472  8.531   -8.992  1.00 60.07 ? 67   GLY A C   1 
ATOM   541  O O   . GLY A 1 69  ? 11.327  9.184   -8.379  1.00 59.99 ? 67   GLY A O   1 
ATOM   542  N N   . GLU A 1 70  ? 9.262   8.996   -9.284  1.00 60.45 ? 68   GLU A N   1 
ATOM   543  C CA  . GLU A 1 70  ? 8.939   10.404  -9.219  1.00 61.04 ? 68   GLU A CA  1 
ATOM   544  C C   . GLU A 1 70  ? 8.290   10.712  -7.876  1.00 60.94 ? 68   GLU A C   1 
ATOM   545  O O   . GLU A 1 70  ? 7.182   10.282  -7.609  1.00 61.04 ? 68   GLU A O   1 
ATOM   546  C CB  . GLU A 1 70  ? 8.000   10.756  -10.381 1.00 61.20 ? 68   GLU A CB  1 
ATOM   547  C CG  . GLU A 1 70  ? 7.250   12.072  -10.214 1.00 62.71 ? 68   GLU A CG  1 
ATOM   548  C CD  . GLU A 1 70  ? 6.694   12.630  -11.516 1.00 63.91 ? 68   GLU A CD  1 
ATOM   549  O OE1 . GLU A 1 70  ? 5.447   12.826  -11.569 1.00 62.71 ? 68   GLU A OE1 1 
ATOM   550  O OE2 . GLU A 1 70  ? 7.504   12.896  -12.462 1.00 63.62 ? 68   GLU A OE2 1 
ATOM   551  N N   . GLU A 1 71  ? 8.977   11.466  -7.037  1.00 60.94 ? 69   GLU A N   1 
ATOM   552  C CA  . GLU A 1 71  ? 8.450   11.803  -5.733  1.00 61.01 ? 69   GLU A CA  1 
ATOM   553  C C   . GLU A 1 71  ? 7.124   12.555  -5.885  1.00 60.96 ? 69   GLU A C   1 
ATOM   554  O O   . GLU A 1 71  ? 6.882   13.215  -6.900  1.00 61.17 ? 69   GLU A O   1 
ATOM   555  C CB  . GLU A 1 71  ? 9.474   12.628  -4.960  1.00 61.28 ? 69   GLU A CB  1 
ATOM   556  C CG  . GLU A 1 71  ? 9.176   12.835  -3.480  1.00 62.03 ? 69   GLU A CG  1 
ATOM   557  C CD  . GLU A 1 71  ? 9.539   14.228  -3.018  1.00 64.05 ? 69   GLU A CD  1 
ATOM   558  O OE1 . GLU A 1 71  ? 10.256  14.339  -2.002  1.00 65.51 ? 69   GLU A OE1 1 
ATOM   559  O OE2 . GLU A 1 71  ? 9.122   15.217  -3.679  1.00 65.61 ? 69   GLU A OE2 1 
ATOM   560  N N   . PHE A 1 72  ? 6.264   12.423  -4.877  1.00 60.60 ? 70   PHE A N   1 
ATOM   561  C CA  . PHE A 1 72  ? 4.903   12.951  -4.914  1.00 60.22 ? 70   PHE A CA  1 
ATOM   562  C C   . PHE A 1 72  ? 4.280   12.946  -3.521  1.00 60.03 ? 70   PHE A C   1 
ATOM   563  O O   . PHE A 1 72  ? 4.466   12.017  -2.745  1.00 60.05 ? 70   PHE A O   1 
ATOM   564  C CB  . PHE A 1 72  ? 4.024   12.150  -5.877  1.00 60.26 ? 70   PHE A CB  1 
ATOM   565  C CG  . PHE A 1 72  ? 3.633   10.769  -5.375  1.00 59.74 ? 70   PHE A CG  1 
ATOM   566  C CD1 . PHE A 1 72  ? 4.420   9.668   -5.656  1.00 59.06 ? 70   PHE A CD1 1 
ATOM   567  C CD2 . PHE A 1 72  ? 2.458   10.578  -4.665  1.00 59.65 ? 70   PHE A CD2 1 
ATOM   568  C CE1 . PHE A 1 72  ? 4.067   8.410   -5.219  1.00 59.44 ? 70   PHE A CE1 1 
ATOM   569  C CE2 . PHE A 1 72  ? 2.083   9.308   -4.224  1.00 59.85 ? 70   PHE A CE2 1 
ATOM   570  C CZ  . PHE A 1 72  ? 2.891   8.222   -4.504  1.00 59.58 ? 70   PHE A CZ  1 
ATOM   571  N N   . ASP A 1 73  ? 3.527   13.991  -3.215  1.00 59.78 ? 71   ASP A N   1 
ATOM   572  C CA  . ASP A 1 73  ? 2.959   14.147  -1.886  1.00 59.31 ? 71   ASP A CA  1 
ATOM   573  C C   . ASP A 1 73  ? 1.725   13.295  -1.823  1.00 58.50 ? 71   ASP A C   1 
ATOM   574  O O   . ASP A 1 73  ? 1.070   13.045  -2.827  1.00 58.98 ? 71   ASP A O   1 
ATOM   575  C CB  . ASP A 1 73  ? 2.596   15.608  -1.593  1.00 59.58 ? 71   ASP A CB  1 
ATOM   576  C CG  . ASP A 1 73  ? 3.804   16.473  -1.292  1.00 60.15 ? 71   ASP A CG  1 
ATOM   577  O OD1 . ASP A 1 73  ? 4.924   15.944  -1.114  1.00 61.40 ? 71   ASP A OD1 1 
ATOM   578  O OD2 . ASP A 1 73  ? 3.711   17.710  -1.192  1.00 61.55 ? 71   ASP A OD2 1 
ATOM   579  N N   . GLU A 1 74  ? 1.401   12.868  -0.622  1.00 57.61 ? 72   GLU A N   1 
ATOM   580  C CA  . GLU A 1 74  ? 0.328   11.931  -0.417  1.00 56.92 ? 72   GLU A CA  1 
ATOM   581  C C   . GLU A 1 74  ? -0.173  12.120  0.992   1.00 56.01 ? 72   GLU A C   1 
ATOM   582  O O   . GLU A 1 74  ? 0.600   12.445  1.879   1.00 55.60 ? 72   GLU A O   1 
ATOM   583  C CB  . GLU A 1 74  ? 0.874   10.520  -0.611  1.00 57.15 ? 72   GLU A CB  1 
ATOM   584  C CG  . GLU A 1 74  ? -0.155  9.413   -0.688  1.00 57.77 ? 72   GLU A CG  1 
ATOM   585  C CD  . GLU A 1 74  ? 0.437   8.097   -0.248  1.00 59.08 ? 72   GLU A CD  1 
ATOM   586  O OE1 . GLU A 1 74  ? 1.563   7.786   -0.688  1.00 57.92 ? 72   GLU A OE1 1 
ATOM   587  O OE2 . GLU A 1 74  ? -0.212  7.391   0.553   1.00 61.14 ? 72   GLU A OE2 1 
ATOM   588  N N   . LYS A 1 75  ? -1.480  11.969  1.175   1.00 55.46 ? 73   LYS A N   1 
ATOM   589  C CA  . LYS A 1 75  ? -2.066  11.874  2.500   1.00 54.83 ? 73   LYS A CA  1 
ATOM   590  C C   . LYS A 1 75  ? -2.422  10.411  2.686   1.00 53.50 ? 73   LYS A C   1 
ATOM   591  O O   . LYS A 1 75  ? -3.104  9.821   1.846   1.00 53.18 ? 73   LYS A O   1 
ATOM   592  C CB  . LYS A 1 75  ? -3.296  12.786  2.625   1.00 55.43 ? 73   LYS A CB  1 
ATOM   593  C CG  . LYS A 1 75  ? -3.633  13.223  4.081   1.00 57.09 ? 73   LYS A CG  1 
ATOM   594  C CD  . LYS A 1 75  ? -4.033  14.723  4.186   1.00 57.76 ? 73   LYS A CD  1 
ATOM   595  C CE  . LYS A 1 75  ? -5.322  14.942  4.997   1.00 57.88 ? 73   LYS A CE  1 
ATOM   596  N NZ  . LYS A 1 75  ? -5.051  14.935  6.471   1.00 57.86 ? 73   LYS A NZ  1 
ATOM   597  N N   . THR A 1 76  ? -1.916  9.827   3.770   1.00 52.16 ? 74   THR A N   1 
ATOM   598  C CA  . THR A 1 76  ? -2.137  8.429   4.091   1.00 50.73 ? 74   THR A CA  1 
ATOM   599  C C   . THR A 1 76  ? -3.511  8.325   4.707   1.00 50.71 ? 74   THR A C   1 
ATOM   600  O O   . THR A 1 76  ? -4.103  9.348   5.086   1.00 50.09 ? 74   THR A O   1 
ATOM   601  C CB  . THR A 1 76  ? -1.039  7.836   5.070   1.00 50.34 ? 74   THR A CB  1 
ATOM   602  O OG1 . THR A 1 76  ? -1.118  8.434   6.365   1.00 47.49 ? 74   THR A OG1 1 
ATOM   603  C CG2 . THR A 1 76  ? 0.357   8.156   4.617   1.00 49.34 ? 74   THR A CG2 1 
ATOM   604  N N   . SER A 1 77  ? -4.007  7.089   4.806   1.00 50.55 ? 75   SER A N   1 
ATOM   605  C CA  . SER A 1 77  ? -5.356  6.835   5.302   1.00 50.52 ? 75   SER A CA  1 
ATOM   606  C C   . SER A 1 77  ? -5.529  7.343   6.722   1.00 50.54 ? 75   SER A C   1 
ATOM   607  O O   . SER A 1 77  ? -6.539  7.923   7.052   1.00 51.36 ? 75   SER A O   1 
ATOM   608  C CB  . SER A 1 77  ? -5.692  5.350   5.233   1.00 50.46 ? 75   SER A CB  1 
ATOM   609  O OG  . SER A 1 77  ? -4.725  4.544   5.897   1.00 50.70 ? 75   SER A OG  1 
ATOM   610  N N   . ASP A 1 78  ? -4.615  7.215   7.549   1.00 50.52 ? 76   ASP A N   1 
ATOM   611  C CA  . ASP A 1 78  ? -4.443  7.550   8.933   1.00 50.40 ? 76   ASP A CA  1 
ATOM   612  C C   . ASP A 1 78  ? -4.254  9.029   9.112   1.00 50.84 ? 76   ASP A C   1 
ATOM   613  O O   . ASP A 1 78  ? -4.492  9.659   10.129  1.00 50.70 ? 76   ASP A O   1 
ATOM   614  C CB  . ASP A 1 78  ? -3.373  6.776   9.650   1.00 50.05 ? 76   ASP A CB  1 
ATOM   615  C CG  . ASP A 1 78  ? -1.991  7.136   9.160   1.00 49.38 ? 76   ASP A CG  1 
ATOM   616  O OD1 . ASP A 1 78  ? -1.368  7.991   9.776   1.00 48.17 ? 76   ASP A OD1 1 
ATOM   617  O OD2 . ASP A 1 78  ? -1.608  6.592   8.131   1.00 47.35 ? 76   ASP A OD2 1 
ATOM   618  N N   . GLY A 1 79  ? -3.824  9.697   8.020   1.00 51.43 ? 77   GLY A N   1 
ATOM   619  C CA  . GLY A 1 79  ? -3.693  11.113  8.074   1.00 51.89 ? 77   GLY A CA  1 
ATOM   620  C C   . GLY A 1 79  ? -2.351  11.734  8.125   1.00 51.77 ? 77   GLY A C   1 
ATOM   621  O O   . GLY A 1 79  ? -2.244  12.913  8.419   1.00 52.34 ? 77   GLY A O   1 
ATOM   622  N N   . ARG A 1 80  ? -1.295  10.982  7.867   1.00 52.03 ? 78   ARG A N   1 
ATOM   623  C CA  . ARG A 1 80  ? 0.033   11.627  7.839   1.00 52.27 ? 78   ARG A CA  1 
ATOM   624  C C   . ARG A 1 80  ? 0.222   12.189  6.407   1.00 52.94 ? 78   ARG A C   1 
ATOM   625  O O   . ARG A 1 80  ? -0.225  11.679  5.411   1.00 52.69 ? 78   ARG A O   1 
ATOM   626  C CB  . ARG A 1 80  ? 1.072   10.598  8.188   1.00 52.20 ? 78   ARG A CB  1 
ATOM   627  C CG  . ARG A 1 80  ? 0.940   10.027  9.562   1.00 50.36 ? 78   ARG A CG  1 
ATOM   628  C CD  . ARG A 1 80  ? 1.957   8.726   9.678   1.00 49.30 ? 78   ARG A CD  1 
ATOM   629  N NE  . ARG A 1 80  ? 1.467   7.568   8.997   1.00 47.10 ? 78   ARG A NE  1 
ATOM   630  C CZ  . ARG A 1 80  ? 1.977   6.932   7.979   1.00 45.51 ? 78   ARG A CZ  1 
ATOM   631  N NH1 . ARG A 1 80  ? 1.345   5.920   7.451   1.00 45.30 ? 78   ARG A NH1 1 
ATOM   632  N NH2 . ARG A 1 80  ? 3.139   7.280   7.504   1.00 44.16 ? 78   ARG A NH2 1 
ATOM   633  N N   . ASN A 1 81  ? 0.706   13.406  6.293   1.00 53.62 ? 79   ASN A N   1 
ATOM   634  C CA  . ASN A 1 81  ? 1.157   13.966  5.028   1.00 54.03 ? 79   ASN A CA  1 
ATOM   635  C C   . ASN A 1 81  ? 2.556   13.424  4.807   1.00 53.86 ? 79   ASN A C   1 
ATOM   636  O O   . ASN A 1 81  ? 3.460   13.728  5.584   1.00 53.90 ? 79   ASN A O   1 
ATOM   637  C CB  . ASN A 1 81  ? 1.165   15.503  5.087   1.00 54.56 ? 79   ASN A CB  1 
ATOM   638  C CG  . ASN A 1 81  ? -0.217  16.072  5.303   1.00 54.45 ? 79   ASN A CG  1 
ATOM   639  O OD1 . ASN A 1 81  ? -0.835  16.566  4.376   1.00 54.95 ? 79   ASN A OD1 1 
ATOM   640  N ND2 . ASN A 1 81  ? -0.726  15.957  6.521   1.00 54.95 ? 79   ASN A ND2 1 
ATOM   641  N N   . VAL A 1 82  ? 2.720   12.594  3.778   1.00 53.94 ? 80   VAL A N   1 
ATOM   642  C CA  . VAL A 1 82  ? 3.993   11.912  3.500   1.00 54.06 ? 80   VAL A CA  1 
ATOM   643  C C   . VAL A 1 82  ? 4.540   12.248  2.110   1.00 54.29 ? 80   VAL A C   1 
ATOM   644  O O   . VAL A 1 82  ? 3.783   12.556  1.200   1.00 54.26 ? 80   VAL A O   1 
ATOM   645  C CB  . VAL A 1 82  ? 3.840   10.369  3.600   1.00 53.97 ? 80   VAL A CB  1 
ATOM   646  C CG1 . VAL A 1 82  ? 3.483   9.964   5.012   1.00 54.22 ? 80   VAL A CG1 1 
ATOM   647  C CG2 . VAL A 1 82  ? 2.804   9.825   2.588   1.00 53.26 ? 80   VAL A CG2 1 
ATOM   648  N N   . LYS A 1 83  ? 5.855   12.174  1.948   1.00 54.64 ? 81   LYS A N   1 
ATOM   649  C CA  . LYS A 1 83  ? 6.466   12.266  0.630   1.00 55.00 ? 81   LYS A CA  1 
ATOM   650  C C   . LYS A 1 83  ? 6.732   10.853  0.182   1.00 54.59 ? 81   LYS A C   1 
ATOM   651  O O   . LYS A 1 83  ? 7.484   10.122  0.839   1.00 54.47 ? 81   LYS A O   1 
ATOM   652  C CB  . LYS A 1 83  ? 7.800   13.015  0.677   1.00 55.54 ? 81   LYS A CB  1 
ATOM   653  C CG  . LYS A 1 83  ? 7.717   14.493  1.024   1.00 56.78 ? 81   LYS A CG  1 
ATOM   654  C CD  . LYS A 1 83  ? 9.135   15.083  1.185   1.00 58.50 ? 81   LYS A CD  1 
ATOM   655  C CE  . LYS A 1 83  ? 9.760   14.743  2.549   1.00 59.44 ? 81   LYS A CE  1 
ATOM   656  N NZ  . LYS A 1 83  ? 10.496  13.434  2.567   1.00 59.67 ? 81   LYS A NZ  1 
ATOM   657  N N   . SER A 1 84  ? 6.145   10.471  -0.943  1.00 53.81 ? 82   SER A N   1 
ATOM   658  C CA  . SER A 1 84  ? 6.243   9.106   -1.411  1.00 53.58 ? 82   SER A CA  1 
ATOM   659  C C   . SER A 1 84  ? 7.004   8.989   -2.713  1.00 53.07 ? 82   SER A C   1 
ATOM   660  O O   . SER A 1 84  ? 7.015   9.896   -3.517  1.00 53.57 ? 82   SER A O   1 
ATOM   661  C CB  . SER A 1 84  ? 4.842   8.532   -1.563  1.00 53.67 ? 82   SER A CB  1 
ATOM   662  O OG  . SER A 1 84  ? 4.092   8.817   -0.403  1.00 54.27 ? 82   SER A OG  1 
ATOM   663  N N   . VAL A 1 85  ? 7.671   7.866   -2.899  1.00 52.48 ? 83   VAL A N   1 
ATOM   664  C CA  . VAL A 1 85  ? 8.149   7.466   -4.208  1.00 52.10 ? 83   VAL A CA  1 
ATOM   665  C C   . VAL A 1 85  ? 7.784   5.988   -4.385  1.00 51.57 ? 83   VAL A C   1 
ATOM   666  O O   . VAL A 1 85  ? 7.958   5.201   -3.461  1.00 51.38 ? 83   VAL A O   1 
ATOM   667  C CB  . VAL A 1 85  ? 9.677   7.713   -4.361  1.00 52.07 ? 83   VAL A CB  1 
ATOM   668  C CG1 . VAL A 1 85  ? 10.517  6.838   -3.401  1.00 52.37 ? 83   VAL A CG1 1 
ATOM   669  C CG2 . VAL A 1 85  ? 10.101  7.472   -5.769  1.00 52.50 ? 83   VAL A CG2 1 
ATOM   670  N N   . VAL A 1 86  ? 7.227   5.633   -5.542  1.00 51.04 ? 84   VAL A N   1 
ATOM   671  C CA  . VAL A 1 86  ? 7.074   4.235   -5.941  1.00 50.99 ? 84   VAL A CA  1 
ATOM   672  C C   . VAL A 1 86  ? 8.107   3.864   -7.009  1.00 51.00 ? 84   VAL A C   1 
ATOM   673  O O   . VAL A 1 86  ? 8.087   4.408   -8.096  1.00 50.35 ? 84   VAL A O   1 
ATOM   674  C CB  . VAL A 1 86  ? 5.649   3.893   -6.496  1.00 50.83 ? 84   VAL A CB  1 
ATOM   675  C CG1 . VAL A 1 86  ? 5.468   2.383   -6.571  1.00 50.02 ? 84   VAL A CG1 1 
ATOM   676  C CG2 . VAL A 1 86  ? 4.537   4.527   -5.646  1.00 50.87 ? 84   VAL A CG2 1 
ATOM   677  N N   . GLU A 1 87  ? 8.990   2.920   -6.694  1.00 51.65 ? 85   GLU A N   1 
ATOM   678  C CA  . GLU A 1 87  ? 9.941   2.381   -7.661  1.00 52.59 ? 85   GLU A CA  1 
ATOM   679  C C   . GLU A 1 87  ? 9.423   1.080   -8.279  1.00 52.68 ? 85   GLU A C   1 
ATOM   680  O O   . GLU A 1 87  ? 8.805   0.270   -7.606  1.00 51.89 ? 85   GLU A O   1 
ATOM   681  C CB  . GLU A 1 87  ? 11.308  2.145   -6.999  1.00 52.91 ? 85   GLU A CB  1 
ATOM   682  C CG  . GLU A 1 87  ? 11.895  3.358   -6.271  1.00 54.65 ? 85   GLU A CG  1 
ATOM   683  C CD  . GLU A 1 87  ? 12.512  4.409   -7.192  1.00 58.69 ? 85   GLU A CD  1 
ATOM   684  O OE1 . GLU A 1 87  ? 13.141  5.377   -6.659  1.00 60.31 ? 85   GLU A OE1 1 
ATOM   685  O OE2 . GLU A 1 87  ? 12.359  4.291   -8.440  1.00 60.30 ? 85   GLU A OE2 1 
ATOM   686  N N   . LYS A 1 88  ? 9.666   0.896   -9.571  1.00 53.02 ? 86   LYS A N   1 
ATOM   687  C CA  . LYS A 1 88  ? 9.462   -0.395  -10.216 1.00 53.68 ? 86   LYS A CA  1 
ATOM   688  C C   . LYS A 1 88  ? 10.680  -1.300  -9.980  1.00 54.06 ? 86   LYS A C   1 
ATOM   689  O O   . LYS A 1 88  ? 11.785  -1.018  -10.451 1.00 54.03 ? 86   LYS A O   1 
ATOM   690  C CB  . LYS A 1 88  ? 9.216   -0.204  -11.706 1.00 54.02 ? 86   LYS A CB  1 
ATOM   691  C CG  . LYS A 1 88  ? 8.671   -1.424  -12.408 1.00 55.61 ? 86   LYS A CG  1 
ATOM   692  C CD  . LYS A 1 88  ? 8.010   -1.057  -13.741 1.00 57.93 ? 86   LYS A CD  1 
ATOM   693  C CE  . LYS A 1 88  ? 9.008   -0.939  -14.891 1.00 59.79 ? 86   LYS A CE  1 
ATOM   694  N NZ  . LYS A 1 88  ? 8.375   -1.322  -16.206 1.00 60.29 ? 86   LYS A NZ  1 
ATOM   695  N N   . ASN A 1 89  ? 10.473  -2.375  -9.221  1.00 54.24 ? 87   ASN A N   1 
ATOM   696  C CA  . ASN A 1 89  ? 11.507  -3.379  -8.987  1.00 54.50 ? 87   ASN A CA  1 
ATOM   697  C C   . ASN A 1 89  ? 11.523  -4.355  -10.159 1.00 55.28 ? 87   ASN A C   1 
ATOM   698  O O   . ASN A 1 89  ? 12.578  -4.636  -10.750 1.00 56.05 ? 87   ASN A O   1 
ATOM   699  C CB  . ASN A 1 89  ? 11.274  -4.120  -7.662  1.00 54.11 ? 87   ASN A CB  1 
ATOM   700  C CG  . ASN A 1 89  ? 10.975  -3.175  -6.514  1.00 53.43 ? 87   ASN A CG  1 
ATOM   701  O OD1 . ASN A 1 89  ? 9.868   -3.125  -6.010  1.00 52.30 ? 87   ASN A OD1 1 
ATOM   702  N ND2 . ASN A 1 89  ? 11.962  -2.407  -6.117  1.00 54.40 ? 87   ASN A ND2 1 
ATOM   703  N N   . SER A 1 90  ? 10.345  -4.869  -10.488 1.00 55.48 ? 88   SER A N   1 
ATOM   704  C CA  . SER A 1 90  ? 10.168  -5.730  -11.638 1.00 55.95 ? 88   SER A CA  1 
ATOM   705  C C   . SER A 1 90  ? 8.815   -5.439  -12.250 1.00 56.07 ? 88   SER A C   1 
ATOM   706  O O   . SER A 1 90  ? 8.216   -4.404  -11.972 1.00 56.44 ? 88   SER A O   1 
ATOM   707  C CB  . SER A 1 90  ? 10.271  -7.193  -11.213 1.00 56.00 ? 88   SER A CB  1 
ATOM   708  O OG  . SER A 1 90  ? 9.057   -7.639  -10.637 1.00 56.58 ? 88   SER A OG  1 
ATOM   709  N N   . GLU A 1 91  ? 8.347   -6.344  -13.098 1.00 56.28 ? 89   GLU A N   1 
ATOM   710  C CA  . GLU A 1 91  ? 7.002   -6.260  -13.662 1.00 56.53 ? 89   GLU A CA  1 
ATOM   711  C C   . GLU A 1 91  ? 5.931   -6.766  -12.679 1.00 55.28 ? 89   GLU A C   1 
ATOM   712  O O   . GLU A 1 91  ? 4.779   -6.329  -12.726 1.00 55.55 ? 89   GLU A O   1 
ATOM   713  C CB  . GLU A 1 91  ? 6.938   -7.059  -14.971 1.00 57.22 ? 89   GLU A CB  1 
ATOM   714  C CG  . GLU A 1 91  ? 7.690   -6.400  -16.124 1.00 59.25 ? 89   GLU A CG  1 
ATOM   715  C CD  . GLU A 1 91  ? 6.958   -5.200  -16.685 1.00 62.30 ? 89   GLU A CD  1 
ATOM   716  O OE1 . GLU A 1 91  ? 7.619   -4.177  -16.961 1.00 64.13 ? 89   GLU A OE1 1 
ATOM   717  O OE2 . GLU A 1 91  ? 5.718   -5.276  -16.854 1.00 65.16 ? 89   GLU A OE2 1 
ATOM   718  N N   . SER A 1 92  ? 6.308   -7.699  -11.810 1.00 53.85 ? 90   SER A N   1 
ATOM   719  C CA  . SER A 1 92  ? 5.397   -8.195  -10.781 1.00 52.79 ? 90   SER A CA  1 
ATOM   720  C C   . SER A 1 92  ? 5.651   -7.574  -9.391  1.00 51.52 ? 90   SER A C   1 
ATOM   721  O O   . SER A 1 92  ? 5.018   -7.942  -8.422  1.00 50.90 ? 90   SER A O   1 
ATOM   722  C CB  . SER A 1 92  ? 5.448   -9.722  -10.731 1.00 52.45 ? 90   SER A CB  1 
ATOM   723  O OG  . SER A 1 92  ? 6.745   -10.171 -10.416 1.00 52.76 ? 90   SER A OG  1 
ATOM   724  N N   . LYS A 1 93  ? 6.540   -6.596  -9.303  1.00 50.68 ? 91   LYS A N   1 
ATOM   725  C CA  . LYS A 1 93  ? 6.897   -6.018  -8.004  1.00 50.07 ? 91   LYS A CA  1 
ATOM   726  C C   . LYS A 1 93  ? 7.107   -4.510  -8.086  1.00 49.23 ? 91   LYS A C   1 
ATOM   727  O O   . LYS A 1 93  ? 7.672   -4.004  -9.043  1.00 49.04 ? 91   LYS A O   1 
ATOM   728  C CB  . LYS A 1 93  ? 8.157   -6.700  -7.453  1.00 49.94 ? 91   LYS A CB  1 
ATOM   729  C CG  . LYS A 1 93  ? 8.565   -6.252  -6.065  1.00 50.42 ? 91   LYS A CG  1 
ATOM   730  C CD  . LYS A 1 93  ? 9.107   -7.389  -5.210  1.00 51.27 ? 91   LYS A CD  1 
ATOM   731  C CE  . LYS A 1 93  ? 10.565  -7.212  -4.839  1.00 51.71 ? 91   LYS A CE  1 
ATOM   732  N NZ  . LYS A 1 93  ? 11.011  -8.243  -3.846  1.00 52.71 ? 91   LYS A NZ  1 
ATOM   733  N N   . LEU A 1 94  ? 6.623   -3.798  -7.077  1.00 48.69 ? 92   LEU A N   1 
ATOM   734  C CA  . LEU A 1 94  ? 6.958   -2.392  -6.890  1.00 47.89 ? 92   LEU A CA  1 
ATOM   735  C C   . LEU A 1 94  ? 7.088   -2.051  -5.413  1.00 47.46 ? 92   LEU A C   1 
ATOM   736  O O   . LEU A 1 94  ? 6.669   -2.821  -4.550  1.00 46.24 ? 92   LEU A O   1 
ATOM   737  C CB  . LEU A 1 94  ? 5.950   -1.486  -7.594  1.00 48.18 ? 92   LEU A CB  1 
ATOM   738  C CG  . LEU A 1 94  ? 4.464   -1.779  -7.512  1.00 48.90 ? 92   LEU A CG  1 
ATOM   739  C CD1 . LEU A 1 94  ? 3.961   -1.349  -6.150  1.00 50.27 ? 92   LEU A CD1 1 
ATOM   740  C CD2 . LEU A 1 94  ? 3.685   -1.070  -8.623  1.00 48.06 ? 92   LEU A CD2 1 
ATOM   741  N N   . THR A 1 95  ? 7.708   -0.902  -5.133  1.00 47.06 ? 93   THR A N   1 
ATOM   742  C CA  . THR A 1 95  ? 8.071   -0.519  -3.778  1.00 46.91 ? 93   THR A CA  1 
ATOM   743  C C   . THR A 1 95  ? 7.800   0.961   -3.481  1.00 46.84 ? 93   THR A C   1 
ATOM   744  O O   . THR A 1 95  ? 8.416   1.847   -4.041  1.00 46.17 ? 93   THR A O   1 
ATOM   745  C CB  . THR A 1 95  ? 9.539   -0.866  -3.530  1.00 46.85 ? 93   THR A CB  1 
ATOM   746  O OG1 . THR A 1 95  ? 9.740   -2.262  -3.775  1.00 47.69 ? 93   THR A OG1 1 
ATOM   747  C CG2 . THR A 1 95  ? 9.922   -0.691  -2.059  1.00 46.53 ? 93   THR A CG2 1 
ATOM   748  N N   . GLN A 1 96  ? 6.878   1.199   -2.558  1.00 47.20 ? 94   GLN A N   1 
ATOM   749  C CA  . GLN A 1 96  ? 6.413   2.517   -2.239  1.00 47.67 ? 94   GLN A CA  1 
ATOM   750  C C   . GLN A 1 96  ? 7.014   2.870   -0.914  1.00 48.26 ? 94   GLN A C   1 
ATOM   751  O O   . GLN A 1 96  ? 6.628   2.298   0.106   1.00 48.82 ? 94   GLN A O   1 
ATOM   752  C CB  . GLN A 1 96  ? 4.883   2.536   -2.152  1.00 47.61 ? 94   GLN A CB  1 
ATOM   753  C CG  . GLN A 1 96  ? 4.318   3.681   -1.338  1.00 48.61 ? 94   GLN A CG  1 
ATOM   754  C CD  . GLN A 1 96  ? 2.853   3.912   -1.589  1.00 50.10 ? 94   GLN A CD  1 
ATOM   755  O OE1 . GLN A 1 96  ? 2.118   2.983   -1.921  1.00 52.10 ? 94   GLN A OE1 1 
ATOM   756  N NE2 . GLN A 1 96  ? 2.416   5.147   -1.413  1.00 49.20 ? 94   GLN A NE2 1 
ATOM   757  N N   . THR A 1 97  ? 7.938   3.824   -0.909  1.00 48.81 ? 95   THR A N   1 
ATOM   758  C CA  . THR A 1 97  ? 8.501   4.304   0.345   1.00 49.60 ? 95   THR A CA  1 
ATOM   759  C C   . THR A 1 97  ? 7.763   5.590   0.701   1.00 50.01 ? 95   THR A C   1 
ATOM   760  O O   . THR A 1 97  ? 7.427   6.376   -0.163  1.00 50.04 ? 95   THR A O   1 
ATOM   761  C CB  . THR A 1 97  ? 10.049  4.459   0.283   1.00 49.45 ? 95   THR A CB  1 
ATOM   762  O OG1 . THR A 1 97  ? 10.397  5.790   -0.065  1.00 51.57 ? 95   THR A OG1 1 
ATOM   763  C CG2 . THR A 1 97  ? 10.673  3.609   -0.855  1.00 48.40 ? 95   THR A CG2 1 
ATOM   764  N N   . GLN A 1 98  ? 7.474   5.758   1.979   1.00 50.65 ? 96   GLN A N   1 
ATOM   765  C CA  . GLN A 1 98  ? 6.604   6.810   2.461   1.00 51.43 ? 96   GLN A CA  1 
ATOM   766  C C   . GLN A 1 98  ? 7.377   7.502   3.555   1.00 52.01 ? 96   GLN A C   1 
ATOM   767  O O   . GLN A 1 98  ? 7.661   6.901   4.600   1.00 51.04 ? 96   GLN A O   1 
ATOM   768  C CB  . GLN A 1 98  ? 5.305   6.238   3.042   1.00 51.38 ? 96   GLN A CB  1 
ATOM   769  C CG  . GLN A 1 98  ? 4.210   6.074   2.024   1.00 52.21 ? 96   GLN A CG  1 
ATOM   770  C CD  . GLN A 1 98  ? 2.929   5.516   2.614   1.00 51.01 ? 96   GLN A CD  1 
ATOM   771  O OE1 . GLN A 1 98  ? 2.962   4.659   3.485   1.00 52.62 ? 96   GLN A OE1 1 
ATOM   772  N NE2 . GLN A 1 98  ? 1.802   6.005   2.137   1.00 51.09 ? 96   GLN A NE2 1 
ATOM   773  N N   . VAL A 1 99  ? 7.711   8.765   3.316   1.00 52.93 ? 97   VAL A N   1 
ATOM   774  C CA  . VAL A 1 99  ? 8.526   9.506   4.255   1.00 53.97 ? 97   VAL A CA  1 
ATOM   775  C C   . VAL A 1 99  ? 7.696   10.582  4.912   1.00 54.34 ? 97   VAL A C   1 
ATOM   776  O O   . VAL A 1 99  ? 7.198   11.489  4.266   1.00 54.18 ? 97   VAL A O   1 
ATOM   777  C CB  . VAL A 1 99  ? 9.779   10.100  3.604   1.00 54.30 ? 97   VAL A CB  1 
ATOM   778  C CG1 . VAL A 1 99  ? 10.607  10.850  4.644   1.00 54.65 ? 97   VAL A CG1 1 
ATOM   779  C CG2 . VAL A 1 99  ? 10.620  8.989   2.984   1.00 55.17 ? 97   VAL A CG2 1 
ATOM   780  N N   . ASP A 1 100 ? 7.499   10.402  6.205   1.00 55.28 ? 98   ASP A N   1 
ATOM   781  C CA  . ASP A 1 100 ? 7.083   11.465  7.093   1.00 56.20 ? 98   ASP A CA  1 
ATOM   782  C C   . ASP A 1 100 ? 8.268   11.748  8.051   1.00 56.63 ? 98   ASP A C   1 
ATOM   783  O O   . ASP A 1 100 ? 9.287   11.039  8.006   1.00 56.86 ? 98   ASP A O   1 
ATOM   784  C CB  . ASP A 1 100 ? 5.775   11.068  7.796   1.00 56.55 ? 98   ASP A CB  1 
ATOM   785  C CG  . ASP A 1 100 ? 5.977   10.067  8.898   1.00 56.47 ? 98   ASP A CG  1 
ATOM   786  O OD1 . ASP A 1 100 ? 5.499   8.902   8.801   1.00 55.75 ? 98   ASP A OD1 1 
ATOM   787  O OD2 . ASP A 1 100 ? 6.588   10.384  9.919   1.00 57.58 ? 98   ASP A OD2 1 
ATOM   788  N N   . PRO A 1 101 ? 8.181   12.796  8.871   1.00 56.73 ? 99   PRO A N   1 
ATOM   789  C CA  . PRO A 1 101 ? 9.346   13.209  9.667   1.00 56.52 ? 99   PRO A CA  1 
ATOM   790  C C   . PRO A 1 101 ? 9.638   12.341  10.892  1.00 56.14 ? 99   PRO A C   1 
ATOM   791  O O   . PRO A 1 101 ? 10.770  12.389  11.399  1.00 56.41 ? 99   PRO A O   1 
ATOM   792  C CB  . PRO A 1 101 ? 9.010   14.662  10.068  1.00 56.97 ? 99   PRO A CB  1 
ATOM   793  C CG  . PRO A 1 101 ? 7.698   15.007  9.325   1.00 57.08 ? 99   PRO A CG  1 
ATOM   794  C CD  . PRO A 1 101 ? 7.029   13.696  9.078   1.00 56.75 ? 99   PRO A CD  1 
ATOM   795  N N   . LYS A 1 102 ? 8.653   11.590  11.380  1.00 55.17 ? 100  LYS A N   1 
ATOM   796  C CA  . LYS A 1 102 ? 8.896   10.597  12.426  1.00 54.67 ? 100  LYS A CA  1 
ATOM   797  C C   . LYS A 1 102 ? 9.437   9.230   11.908  1.00 53.83 ? 100  LYS A C   1 
ATOM   798  O O   . LYS A 1 102 ? 10.264  8.601   12.566  1.00 53.65 ? 100  LYS A O   1 
ATOM   799  C CB  . LYS A 1 102 ? 7.628   10.403  13.262  1.00 54.85 ? 100  LYS A CB  1 
ATOM   800  C CG  . LYS A 1 102 ? 7.134   11.671  13.961  1.00 55.81 ? 100  LYS A CG  1 
ATOM   801  C CD  . LYS A 1 102 ? 6.232   11.334  15.178  1.00 57.46 ? 100  LYS A CD  1 
ATOM   802  C CE  . LYS A 1 102 ? 4.770   11.708  14.957  1.00 57.31 ? 100  LYS A CE  1 
ATOM   803  N NZ  . LYS A 1 102 ? 3.961   11.553  16.200  1.00 57.06 ? 100  LYS A NZ  1 
ATOM   804  N N   . ASN A 1 103 ? 9.001   8.799   10.724  1.00 52.67 ? 101  ASN A N   1 
ATOM   805  C CA  . ASN A 1 103 ? 9.275   7.455   10.238  1.00 51.89 ? 101  ASN A CA  1 
ATOM   806  C C   . ASN A 1 103 ? 9.289   7.388   8.735   1.00 51.29 ? 101  ASN A C   1 
ATOM   807  O O   . ASN A 1 103 ? 8.738   8.249   8.077   1.00 52.07 ? 101  ASN A O   1 
ATOM   808  C CB  . ASN A 1 103 ? 8.184   6.493   10.709  1.00 51.94 ? 101  ASN A CB  1 
ATOM   809  C CG  . ASN A 1 103 ? 8.387   6.023   12.114  1.00 51.80 ? 101  ASN A CG  1 
ATOM   810  O OD1 . ASN A 1 103 ? 9.342   5.305   12.406  1.00 51.20 ? 101  ASN A OD1 1 
ATOM   811  N ND2 . ASN A 1 103 ? 7.479   6.417   13.003  1.00 52.41 ? 101  ASN A ND2 1 
ATOM   812  N N   . THR A 1 104 ? 9.887   6.328   8.206   1.00 50.33 ? 102  THR A N   1 
ATOM   813  C CA  . THR A 1 104 ? 9.820   5.986   6.788   1.00 49.40 ? 102  THR A CA  1 
ATOM   814  C C   . THR A 1 104 ? 9.200   4.598   6.638   1.00 47.89 ? 102  THR A C   1 
ATOM   815  O O   . THR A 1 104 ? 9.752   3.629   7.146   1.00 47.31 ? 102  THR A O   1 
ATOM   816  C CB  . THR A 1 104 ? 11.251  5.992   6.190   1.00 49.65 ? 102  THR A CB  1 
ATOM   817  O OG1 . THR A 1 104 ? 11.731  7.337   6.125   1.00 50.80 ? 102  THR A OG1 1 
ATOM   818  C CG2 . THR A 1 104 ? 11.277  5.517   4.724   1.00 50.07 ? 102  THR A CG2 1 
ATOM   819  N N   . THR A 1 105 ? 8.052   4.513   5.963   1.00 46.43 ? 103  THR A N   1 
ATOM   820  C CA  . THR A 1 105 ? 7.397   3.232   5.656   1.00 44.69 ? 103  THR A CA  1 
ATOM   821  C C   . THR A 1 105 ? 7.719   2.778   4.234   1.00 43.98 ? 103  THR A C   1 
ATOM   822  O O   . THR A 1 105 ? 7.474   3.495   3.298   1.00 43.44 ? 103  THR A O   1 
ATOM   823  C CB  . THR A 1 105 ? 5.865   3.340   5.807   1.00 44.68 ? 103  THR A CB  1 
ATOM   824  O OG1 . THR A 1 105 ? 5.517   3.873   7.088   1.00 41.91 ? 103  THR A OG1 1 
ATOM   825  C CG2 . THR A 1 105 ? 5.196   1.954   5.803   1.00 43.90 ? 103  THR A CG2 1 
ATOM   826  N N   . VAL A 1 106 ? 8.278   1.585   4.095   1.00 43.23 ? 104  VAL A N   1 
ATOM   827  C CA  . VAL A 1 106 ? 8.501   0.956   2.803   1.00 42.89 ? 104  VAL A CA  1 
ATOM   828  C C   . VAL A 1 106 ? 7.457   -0.128  2.581   1.00 42.55 ? 104  VAL A C   1 
ATOM   829  O O   . VAL A 1 106 ? 7.271   -1.012  3.428   1.00 42.57 ? 104  VAL A O   1 
ATOM   830  C CB  . VAL A 1 106 ? 9.870   0.278   2.751   1.00 42.99 ? 104  VAL A CB  1 
ATOM   831  C CG1 . VAL A 1 106 ? 10.079  -0.408  1.368   1.00 43.66 ? 104  VAL A CG1 1 
ATOM   832  C CG2 . VAL A 1 106 ? 10.968  1.295   3.039   1.00 43.28 ? 104  VAL A CG2 1 
ATOM   833  N N   . ILE A 1 107 ? 6.798   -0.086  1.434   1.00 41.89 ? 105  ILE A N   1 
ATOM   834  C CA  . ILE A 1 107 ? 5.696   -0.979  1.163   1.00 41.87 ? 105  ILE A CA  1 
ATOM   835  C C   . ILE A 1 107 ? 5.995   -1.699  -0.128  1.00 42.05 ? 105  ILE A C   1 
ATOM   836  O O   . ILE A 1 107 ? 5.813   -1.152  -1.222  1.00 42.16 ? 105  ILE A O   1 
ATOM   837  C CB  . ILE A 1 107 ? 4.381   -0.191  1.061   1.00 41.99 ? 105  ILE A CB  1 
ATOM   838  C CG1 . ILE A 1 107 ? 4.073   0.509   2.376   1.00 42.90 ? 105  ILE A CG1 1 
ATOM   839  C CG2 . ILE A 1 107 ? 3.235   -1.084  0.724   1.00 41.63 ? 105  ILE A CG2 1 
ATOM   840  C CD1 . ILE A 1 107 ? 3.564   1.902   2.192   1.00 44.79 ? 105  ILE A CD1 1 
ATOM   841  N N   . VAL A 1 108 ? 6.473   -2.924  0.008   1.00 41.69 ? 106  VAL A N   1 
ATOM   842  C CA  . VAL A 1 108 ? 6.706   -3.790  -1.125  1.00 41.80 ? 106  VAL A CA  1 
ATOM   843  C C   . VAL A 1 108 ? 5.358   -4.444  -1.391  1.00 42.06 ? 106  VAL A C   1 
ATOM   844  O O   . VAL A 1 108 ? 4.744   -4.977  -0.467  1.00 42.16 ? 106  VAL A O   1 
ATOM   845  C CB  . VAL A 1 108 ? 7.858   -4.808  -0.830  1.00 41.87 ? 106  VAL A CB  1 
ATOM   846  C CG1 . VAL A 1 108 ? 8.213   -5.650  -2.047  1.00 42.06 ? 106  VAL A CG1 1 
ATOM   847  C CG2 . VAL A 1 108 ? 9.132   -4.067  -0.352  1.00 42.12 ? 106  VAL A CG2 1 
ATOM   848  N N   . ARG A 1 109 ? 4.864   -4.283  -2.624  1.00 41.76 ? 107  ARG A N   1 
ATOM   849  C CA  . ARG A 1 109 ? 3.747   -5.031  -3.182  1.00 41.57 ? 107  ARG A CA  1 
ATOM   850  C C   . ARG A 1 109 ? 4.285   -5.905  -4.293  1.00 41.80 ? 107  ARG A C   1 
ATOM   851  O O   . ARG A 1 109 ? 4.981   -5.432  -5.165  1.00 41.78 ? 107  ARG A O   1 
ATOM   852  C CB  . ARG A 1 109 ? 2.694   -4.105  -3.782  1.00 41.52 ? 107  ARG A CB  1 
ATOM   853  C CG  . ARG A 1 109 ? 2.118   -3.093  -2.796  1.00 41.08 ? 107  ARG A CG  1 
ATOM   854  C CD  . ARG A 1 109 ? 0.959   -2.296  -3.346  1.00 40.37 ? 107  ARG A CD  1 
ATOM   855  N NE  . ARG A 1 109 ? 0.288   -1.608  -2.260  1.00 41.26 ? 107  ARG A NE  1 
ATOM   856  C CZ  . ARG A 1 109 ? 0.744   -0.492  -1.684  1.00 42.56 ? 107  ARG A CZ  1 
ATOM   857  N NH1 . ARG A 1 109 ? 1.833   0.127   -2.119  1.00 41.10 ? 107  ARG A NH1 1 
ATOM   858  N NH2 . ARG A 1 109 ? 0.083   0.028   -0.672  1.00 44.98 ? 107  ARG A NH2 1 
ATOM   859  N N   . GLU A 1 110 ? 3.927   -7.177  -4.273  1.00 42.04 ? 108  GLU A N   1 
ATOM   860  C CA  . GLU A 1 110 ? 4.473   -8.155  -5.190  1.00 42.62 ? 108  GLU A CA  1 
ATOM   861  C C   . GLU A 1 110 ? 3.355   -9.082  -5.652  1.00 42.15 ? 108  GLU A C   1 
ATOM   862  O O   . GLU A 1 110 ? 2.733   -9.734  -4.846  1.00 41.09 ? 108  GLU A O   1 
ATOM   863  C CB  . GLU A 1 110 ? 5.548   -8.971  -4.479  1.00 43.22 ? 108  GLU A CB  1 
ATOM   864  C CG  . GLU A 1 110 ? 6.389   -9.804  -5.421  1.00 46.85 ? 108  GLU A CG  1 
ATOM   865  C CD  . GLU A 1 110 ? 7.375   -10.703 -4.701  1.00 51.48 ? 108  GLU A CD  1 
ATOM   866  O OE1 . GLU A 1 110 ? 7.548   -10.527 -3.463  1.00 53.28 ? 108  GLU A OE1 1 
ATOM   867  O OE2 . GLU A 1 110 ? 7.951   -11.593 -5.385  1.00 53.73 ? 108  GLU A OE2 1 
ATOM   868  N N   . VAL A 1 111 ? 3.094   -9.112  -6.951  1.00 42.51 ? 109  VAL A N   1 
ATOM   869  C CA  . VAL A 1 111 ? 2.106   -10.012 -7.519  1.00 43.09 ? 109  VAL A CA  1 
ATOM   870  C C   . VAL A 1 111 ? 2.713   -11.376 -7.766  1.00 43.10 ? 109  VAL A C   1 
ATOM   871  O O   . VAL A 1 111 ? 3.739   -11.482 -8.400  1.00 43.25 ? 109  VAL A O   1 
ATOM   872  C CB  . VAL A 1 111 ? 1.547   -9.484  -8.845  1.00 43.16 ? 109  VAL A CB  1 
ATOM   873  C CG1 . VAL A 1 111 ? 0.620   -10.526 -9.476  1.00 43.00 ? 109  VAL A CG1 1 
ATOM   874  C CG2 . VAL A 1 111 ? 0.820   -8.149  -8.620  1.00 43.47 ? 109  VAL A CG2 1 
ATOM   875  N N   . ASP A 1 112 ? 2.063   -12.402 -7.243  1.00 43.60 ? 110  ASP A N   1 
ATOM   876  C CA  . ASP A 1 112 ? 2.397   -13.787 -7.516  1.00 44.02 ? 110  ASP A CA  1 
ATOM   877  C C   . ASP A 1 112 ? 1.095   -14.582 -7.730  1.00 44.18 ? 110  ASP A C   1 
ATOM   878  O O   . ASP A 1 112 ? 0.511   -15.127 -6.788  1.00 44.69 ? 110  ASP A O   1 
ATOM   879  C CB  . ASP A 1 112 ? 3.218   -14.371 -6.365  1.00 44.15 ? 110  ASP A CB  1 
ATOM   880  C CG  . ASP A 1 112 ? 3.729   -15.761 -6.670  1.00 45.38 ? 110  ASP A CG  1 
ATOM   881  O OD1 . ASP A 1 112 ? 4.387   -16.371 -5.797  1.00 47.67 ? 110  ASP A OD1 1 
ATOM   882  O OD2 . ASP A 1 112 ? 3.538   -16.319 -7.769  1.00 45.57 ? 110  ASP A OD2 1 
ATOM   883  N N   . GLY A 1 113 ? 0.662   -14.649 -8.982  1.00 44.11 ? 111  GLY A N   1 
ATOM   884  C CA  . GLY A 1 113 ? -0.537  -15.343 -9.347  1.00 44.35 ? 111  GLY A CA  1 
ATOM   885  C C   . GLY A 1 113 ? -1.738  -14.562 -8.874  1.00 45.01 ? 111  GLY A C   1 
ATOM   886  O O   . GLY A 1 113 ? -1.965  -13.434 -9.316  1.00 45.92 ? 111  GLY A O   1 
ATOM   887  N N   . ASP A 1 114 ? -2.501  -15.172 -7.970  1.00 44.81 ? 112  ASP A N   1 
ATOM   888  C CA  . ASP A 1 114 ? -3.699  -14.566 -7.417  1.00 44.76 ? 112  ASP A CA  1 
ATOM   889  C C   . ASP A 1 114 ? -3.447  -13.874 -6.087  1.00 43.43 ? 112  ASP A C   1 
ATOM   890  O O   . ASP A 1 114 ? -4.352  -13.322 -5.475  1.00 42.72 ? 112  ASP A O   1 
ATOM   891  C CB  . ASP A 1 114 ? -4.774  -15.647 -7.281  1.00 45.38 ? 112  ASP A CB  1 
ATOM   892  C CG  . ASP A 1 114 ? -5.276  -16.110 -8.636  1.00 47.81 ? 112  ASP A CG  1 
ATOM   893  O OD1 . ASP A 1 114 ? -5.148  -15.328 -9.615  1.00 48.00 ? 112  ASP A OD1 1 
ATOM   894  O OD2 . ASP A 1 114 ? -5.806  -17.234 -8.816  1.00 53.31 ? 112  ASP A OD2 1 
ATOM   895  N N   . THR A 1 115 ? -2.206  -13.895 -5.658  1.00 41.89 ? 113  THR A N   1 
ATOM   896  C CA  . THR A 1 115 ? -1.811  -13.198 -4.475  1.00 41.55 ? 113  THR A CA  1 
ATOM   897  C C   . THR A 1 115 ? -0.975  -11.943 -4.780  1.00 41.02 ? 113  THR A C   1 
ATOM   898  O O   . THR A 1 115 ? -0.058  -11.946 -5.597  1.00 39.99 ? 113  THR A O   1 
ATOM   899  C CB  . THR A 1 115 ? -1.029  -14.165 -3.564  1.00 41.63 ? 113  THR A CB  1 
ATOM   900  O OG1 . THR A 1 115 ? -1.851  -15.306 -3.273  1.00 41.51 ? 113  THR A OG1 1 
ATOM   901  C CG2 . THR A 1 115 ? -0.735  -13.520 -2.183  1.00 41.47 ? 113  THR A CG2 1 
ATOM   902  N N   . MET A 1 116 ? -1.322  -10.850 -4.120  1.00 40.85 ? 114  MET A N   1 
ATOM   903  C CA  . MET A 1 116 ? -0.410  -9.732  -4.038  1.00 40.64 ? 114  MET A CA  1 
ATOM   904  C C   . MET A 1 116 ? -0.046  -9.740  -2.610  1.00 40.58 ? 114  MET A C   1 
ATOM   905  O O   . MET A 1 116 ? -0.934  -9.700  -1.767  1.00 40.59 ? 114  MET A O   1 
ATOM   906  C CB  . MET A 1 116 ? -1.078  -8.421  -4.394  1.00 40.68 ? 114  MET A CB  1 
ATOM   907  C CG  . MET A 1 116 ? -0.215  -7.198  -4.086  1.00 40.49 ? 114  MET A CG  1 
ATOM   908  S SD  . MET A 1 116 ? -0.909  -5.806  -4.887  1.00 38.58 ? 114  MET A SD  1 
ATOM   909  C CE  . MET A 1 116 ? -2.193  -5.311  -3.593  1.00 40.25 ? 114  MET A CE  1 
ATOM   910  N N   . LYS A 1 117 ? 1.245   -9.843  -2.337  1.00 40.76 ? 115  LYS A N   1 
ATOM   911  C CA  . LYS A 1 117 ? 1.752   -9.750  -0.995  1.00 41.07 ? 115  LYS A CA  1 
ATOM   912  C C   . LYS A 1 117 ? 2.241   -8.341  -0.823  1.00 40.65 ? 115  LYS A C   1 
ATOM   913  O O   . LYS A 1 117 ? 3.048   -7.860  -1.592  1.00 40.87 ? 115  LYS A O   1 
ATOM   914  C CB  . LYS A 1 117 ? 2.892   -10.736 -0.754  1.00 41.23 ? 115  LYS A CB  1 
ATOM   915  C CG  . LYS A 1 117 ? 3.406   -10.708 0.701   1.00 42.79 ? 115  LYS A CG  1 
ATOM   916  C CD  . LYS A 1 117 ? 4.489   -11.768 1.030   1.00 44.44 ? 115  LYS A CD  1 
ATOM   917  C CE  . LYS A 1 117 ? 5.637   -11.785 0.036   1.00 44.67 ? 115  LYS A CE  1 
ATOM   918  N NZ  . LYS A 1 117 ? 6.901   -12.148 0.706   1.00 45.75 ? 115  LYS A NZ  1 
ATOM   919  N N   . THR A 1 118 ? 1.743   -7.697  0.207   1.00 40.75 ? 116  THR A N   1 
ATOM   920  C CA  . THR A 1 118 ? 2.142   -6.357  0.574   1.00 40.72 ? 116  THR A CA  1 
ATOM   921  C C   . THR A 1 118 ? 2.948   -6.489  1.841   1.00 40.51 ? 116  THR A C   1 
ATOM   922  O O   . THR A 1 118 ? 2.411   -6.827  2.868   1.00 40.01 ? 116  THR A O   1 
ATOM   923  C CB  . THR A 1 118 ? 0.923   -5.487  0.827   1.00 40.58 ? 116  THR A CB  1 
ATOM   924  O OG1 . THR A 1 118 ? 0.247   -5.239  -0.412  1.00 40.97 ? 116  THR A OG1 1 
ATOM   925  C CG2 . THR A 1 118 ? 1.330   -4.101  1.329   1.00 41.70 ? 116  THR A CG2 1 
ATOM   926  N N   . THR A 1 119 ? 4.252   -6.263  1.745   1.00 40.67 ? 117  THR A N   1 
ATOM   927  C CA  . THR A 1 119 ? 5.115   -6.234  2.899   1.00 40.47 ? 117  THR A CA  1 
ATOM   928  C C   . THR A 1 119 ? 5.231   -4.790  3.334   1.00 40.90 ? 117  THR A C   1 
ATOM   929  O O   . THR A 1 119 ? 5.496   -3.945  2.523   1.00 39.57 ? 117  THR A O   1 
ATOM   930  C CB  . THR A 1 119 ? 6.478   -6.793  2.522   1.00 40.37 ? 117  THR A CB  1 
ATOM   931  O OG1 . THR A 1 119 ? 6.314   -8.059  1.863   1.00 39.68 ? 117  THR A OG1 1 
ATOM   932  C CG2 . THR A 1 119 ? 7.284   -7.089  3.745   1.00 39.39 ? 117  THR A CG2 1 
ATOM   933  N N   . VAL A 1 120 ? 5.004   -4.508  4.615   1.00 42.12 ? 118  VAL A N   1 
ATOM   934  C CA  . VAL A 1 120 ? 5.137   -3.146  5.115   1.00 43.10 ? 118  VAL A CA  1 
ATOM   935  C C   . VAL A 1 120 ? 6.183   -3.081  6.233   1.00 44.00 ? 118  VAL A C   1 
ATOM   936  O O   . VAL A 1 120 ? 6.103   -3.797  7.207   1.00 43.51 ? 118  VAL A O   1 
ATOM   937  C CB  . VAL A 1 120 ? 3.795   -2.567  5.576   1.00 42.79 ? 118  VAL A CB  1 
ATOM   938  C CG1 . VAL A 1 120 ? 3.926   -1.083  5.792   1.00 43.00 ? 118  VAL A CG1 1 
ATOM   939  C CG2 . VAL A 1 120 ? 2.713   -2.843  4.536   1.00 42.55 ? 118  VAL A CG2 1 
ATOM   940  N N   . THR A 1 121 ? 7.165   -2.205  6.070   1.00 45.32 ? 119  THR A N   1 
ATOM   941  C CA  . THR A 1 121 ? 8.320   -2.164  6.951   1.00 46.03 ? 119  THR A CA  1 
ATOM   942  C C   . THR A 1 121 ? 8.552   -0.745  7.468   1.00 46.92 ? 119  THR A C   1 
ATOM   943  O O   . THR A 1 121 ? 8.701   0.195   6.693   1.00 46.45 ? 119  THR A O   1 
ATOM   944  C CB  . THR A 1 121 ? 9.566   -2.689  6.209   1.00 46.07 ? 119  THR A CB  1 
ATOM   945  O OG1 . THR A 1 121 ? 9.226   -3.872  5.478   1.00 45.87 ? 119  THR A OG1 1 
ATOM   946  C CG2 . THR A 1 121 ? 10.623  -3.174  7.192   1.00 46.12 ? 119  THR A CG2 1 
ATOM   947  N N   . VAL A 1 122 ? 8.521   -0.601  8.785   1.00 48.09 ? 120  VAL A N   1 
ATOM   948  C CA  . VAL A 1 122 ? 8.949   0.616   9.431   1.00 49.27 ? 120  VAL A CA  1 
ATOM   949  C C   . VAL A 1 122 ? 10.128  0.262   10.320  1.00 50.11 ? 120  VAL A C   1 
ATOM   950  O O   . VAL A 1 122 ? 9.970   -0.345  11.378  1.00 50.26 ? 120  VAL A O   1 
ATOM   951  C CB  . VAL A 1 122 ? 7.824   1.249   10.261  1.00 49.63 ? 120  VAL A CB  1 
ATOM   952  C CG1 . VAL A 1 122 ? 8.282   2.623   10.810  1.00 49.31 ? 120  VAL A CG1 1 
ATOM   953  C CG2 . VAL A 1 122 ? 6.560   1.386   9.411   1.00 49.57 ? 120  VAL A CG2 1 
ATOM   954  N N   . GLY A 1 123 ? 11.314  0.633   9.863   1.00 51.09 ? 121  GLY A N   1 
ATOM   955  C CA  . GLY A 1 123 ? 12.543  0.263   10.522  1.00 51.76 ? 121  GLY A CA  1 
ATOM   956  C C   . GLY A 1 123 ? 12.700  -1.237  10.530  1.00 52.52 ? 121  GLY A C   1 
ATOM   957  O O   . GLY A 1 123 ? 12.762  -1.873  9.477   1.00 52.76 ? 121  GLY A O   1 
ATOM   958  N N   . ASP A 1 124 ? 12.740  -1.790  11.735  1.00 53.09 ? 122  ASP A N   1 
ATOM   959  C CA  . ASP A 1 124 ? 12.940  -3.221  11.948  1.00 53.58 ? 122  ASP A CA  1 
ATOM   960  C C   . ASP A 1 124 ? 11.622  -3.995  12.070  1.00 52.61 ? 122  ASP A C   1 
ATOM   961  O O   . ASP A 1 124 ? 11.652  -5.205  12.229  1.00 52.67 ? 122  ASP A O   1 
ATOM   962  C CB  . ASP A 1 124 ? 13.744  -3.421  13.231  1.00 54.17 ? 122  ASP A CB  1 
ATOM   963  C CG  . ASP A 1 124 ? 13.025  -2.848  14.458  1.00 56.48 ? 122  ASP A CG  1 
ATOM   964  O OD1 . ASP A 1 124 ? 13.369  -3.229  15.607  1.00 58.95 ? 122  ASP A OD1 1 
ATOM   965  O OD2 . ASP A 1 124 ? 12.098  -2.004  14.352  1.00 57.54 ? 122  ASP A OD2 1 
ATOM   966  N N   . VAL A 1 125 ? 10.487  -3.294  12.032  1.00 51.52 ? 123  VAL A N   1 
ATOM   967  C CA  . VAL A 1 125 ? 9.171   -3.927  12.125  1.00 50.56 ? 123  VAL A CA  1 
ATOM   968  C C   . VAL A 1 125 ? 8.605   -4.208  10.719  1.00 49.58 ? 123  VAL A C   1 
ATOM   969  O O   . VAL A 1 125 ? 8.804   -3.431  9.786   1.00 48.95 ? 123  VAL A O   1 
ATOM   970  C CB  . VAL A 1 125 ? 8.167   -3.055  12.933  1.00 50.86 ? 123  VAL A CB  1 
ATOM   971  C CG1 . VAL A 1 125 ? 6.891   -3.818  13.226  1.00 50.77 ? 123  VAL A CG1 1 
ATOM   972  C CG2 . VAL A 1 125 ? 8.790   -2.578  14.251  1.00 51.55 ? 123  VAL A CG2 1 
ATOM   973  N N   . THR A 1 126 ? 7.910   -5.336  10.600  1.00 48.43 ? 124  THR A N   1 
ATOM   974  C CA  . THR A 1 126 ? 7.428   -5.854  9.335   1.00 47.22 ? 124  THR A CA  1 
ATOM   975  C C   . THR A 1 126 ? 6.078   -6.520  9.501   1.00 46.50 ? 124  THR A C   1 
ATOM   976  O O   . THR A 1 126 ? 5.860   -7.335  10.391  1.00 46.22 ? 124  THR A O   1 
ATOM   977  C CB  . THR A 1 126 ? 8.415   -6.860  8.761   1.00 47.21 ? 124  THR A CB  1 
ATOM   978  O OG1 . THR A 1 126 ? 9.641   -6.196  8.489   1.00 48.49 ? 124  THR A OG1 1 
ATOM   979  C CG2 . THR A 1 126 ? 7.973   -7.371  7.382   1.00 46.80 ? 124  THR A CG2 1 
ATOM   980  N N   . ALA A 1 127 ? 5.169   -6.148  8.618   1.00 45.70 ? 125  ALA A N   1 
ATOM   981  C CA  . ALA A 1 127 ? 3.877   -6.748  8.525   1.00 45.03 ? 125  ALA A CA  1 
ATOM   982  C C   . ALA A 1 127 ? 3.765   -7.215  7.102   1.00 44.90 ? 125  ALA A C   1 
ATOM   983  O O   . ALA A 1 127 ? 4.438   -6.715  6.211   1.00 45.30 ? 125  ALA A O   1 
ATOM   984  C CB  . ALA A 1 127 ? 2.810   -5.748  8.829   1.00 44.79 ? 125  ALA A CB  1 
ATOM   985  N N   . ILE A 1 128 ? 2.930   -8.208  6.895   1.00 44.57 ? 126  ILE A N   1 
ATOM   986  C CA  . ILE A 1 128 ? 2.705   -8.743  5.573   1.00 44.21 ? 126  ILE A CA  1 
ATOM   987  C C   . ILE A 1 128 ? 1.216   -8.805  5.404   1.00 43.28 ? 126  ILE A C   1 
ATOM   988  O O   . ILE A 1 128 ? 0.505   -9.262  6.282   1.00 42.77 ? 126  ILE A O   1 
ATOM   989  C CB  . ILE A 1 128 ? 3.341   -10.140 5.424   1.00 44.43 ? 126  ILE A CB  1 
ATOM   990  C CG1 . ILE A 1 128 ? 4.875   -9.997  5.441   1.00 44.64 ? 126  ILE A CG1 1 
ATOM   991  C CG2 . ILE A 1 128 ? 2.838   -10.814 4.138   1.00 45.10 ? 126  ILE A CG2 1 
ATOM   992  C CD1 . ILE A 1 128 ? 5.629   -11.276 5.452   1.00 44.73 ? 126  ILE A CD1 1 
ATOM   993  N N   . ARG A 1 129 ? 0.759   -8.340  4.255   1.00 42.48 ? 127  ARG A N   1 
ATOM   994  C CA  . ARG A 1 129 ? -0.648  -8.296  3.954   1.00 41.88 ? 127  ARG A CA  1 
ATOM   995  C C   . ARG A 1 129 ? -0.871  -8.922  2.608   1.00 41.21 ? 127  ARG A C   1 
ATOM   996  O O   . ARG A 1 129 ? -0.322  -8.490  1.623   1.00 40.31 ? 127  ARG A O   1 
ATOM   997  C CB  . ARG A 1 129 ? -1.134  -6.857  4.000   1.00 41.70 ? 127  ARG A CB  1 
ATOM   998  C CG  . ARG A 1 129 ? -1.481  -6.471  5.425   1.00 41.31 ? 127  ARG A CG  1 
ATOM   999  C CD  . ARG A 1 129 ? -1.337  -5.026  5.737   1.00 41.04 ? 127  ARG A CD  1 
ATOM   1000 N NE  . ARG A 1 129 ? -2.454  -4.235  5.225   1.00 40.94 ? 127  ARG A NE  1 
ATOM   1001 C CZ  . ARG A 1 129 ? -3.667  -4.196  5.757   1.00 41.04 ? 127  ARG A CZ  1 
ATOM   1002 N NH1 . ARG A 1 129 ? -4.587  -3.423  5.208   1.00 41.03 ? 127  ARG A NH1 1 
ATOM   1003 N NH2 . ARG A 1 129 ? -3.981  -4.921  6.824   1.00 43.34 ? 127  ARG A NH2 1 
ATOM   1004 N N   . ASN A 1 130 ? -1.665  -9.975  2.589   1.00 41.23 ? 128  ASN A N   1 
ATOM   1005 C CA  . ASN A 1 130 ? -2.015  -10.638 1.361   1.00 41.18 ? 128  ASN A CA  1 
ATOM   1006 C C   . ASN A 1 130 ? -3.367  -10.197 0.829   1.00 41.45 ? 128  ASN A C   1 
ATOM   1007 O O   . ASN A 1 130 ? -4.312  -10.040 1.572   1.00 41.53 ? 128  ASN A O   1 
ATOM   1008 C CB  . ASN A 1 130 ? -1.981  -12.117 1.578   1.00 41.25 ? 128  ASN A CB  1 
ATOM   1009 C CG  . ASN A 1 130 ? -0.588  -12.627 1.698   1.00 41.48 ? 128  ASN A CG  1 
ATOM   1010 O OD1 . ASN A 1 130 ? -0.300  -13.486 2.521   1.00 45.30 ? 128  ASN A OD1 1 
ATOM   1011 N ND2 . ASN A 1 130 ? 0.300   -12.104 0.876   1.00 41.67 ? 128  ASN A ND2 1 
ATOM   1012 N N   . TYR A 1 131 ? -3.415  -9.949  -0.472  1.00 41.74 ? 129  TYR A N   1 
ATOM   1013 C CA  . TYR A 1 131 ? -4.625  -9.625  -1.172  1.00 41.63 ? 129  TYR A CA  1 
ATOM   1014 C C   . TYR A 1 131 ? -4.927  -10.756 -2.172  1.00 42.98 ? 129  TYR A C   1 
ATOM   1015 O O   . TYR A 1 131 ? -4.065  -11.181 -2.905  1.00 41.97 ? 129  TYR A O   1 
ATOM   1016 C CB  . TYR A 1 131 ? -4.457  -8.278  -1.886  1.00 41.02 ? 129  TYR A CB  1 
ATOM   1017 C CG  . TYR A 1 131 ? -4.459  -7.072  -0.956  1.00 38.54 ? 129  TYR A CG  1 
ATOM   1018 C CD1 . TYR A 1 131 ? -5.564  -6.244  -0.876  1.00 37.47 ? 129  TYR A CD1 1 
ATOM   1019 C CD2 . TYR A 1 131 ? -3.352  -6.755  -0.170  1.00 35.61 ? 129  TYR A CD2 1 
ATOM   1020 C CE1 . TYR A 1 131 ? -5.582  -5.136  -0.047  1.00 35.32 ? 129  TYR A CE1 1 
ATOM   1021 C CE2 . TYR A 1 131 ? -3.359  -5.650  0.663   1.00 34.64 ? 129  TYR A CE2 1 
ATOM   1022 C CZ  . TYR A 1 131 ? -4.486  -4.851  0.725   1.00 34.88 ? 129  TYR A CZ  1 
ATOM   1023 O OH  . TYR A 1 131 ? -4.540  -3.761  1.538   1.00 31.59 ? 129  TYR A OH  1 
ATOM   1024 N N   . LYS A 1 132 ? -6.155  -11.268 -2.157  1.00 45.71 ? 130  LYS A N   1 
ATOM   1025 C CA  . LYS A 1 132 ? -6.628  -12.179 -3.187  1.00 47.55 ? 130  LYS A CA  1 
ATOM   1026 C C   . LYS A 1 132 ? -7.202  -11.344 -4.331  1.00 48.70 ? 130  LYS A C   1 
ATOM   1027 O O   . LYS A 1 132 ? -7.980  -10.417 -4.128  1.00 48.27 ? 130  LYS A O   1 
ATOM   1028 C CB  . LYS A 1 132 ? -7.693  -13.136 -2.650  1.00 47.92 ? 130  LYS A CB  1 
ATOM   1029 C CG  . LYS A 1 132 ? -7.177  -14.183 -1.669  1.00 51.02 ? 130  LYS A CG  1 
ATOM   1030 C CD  . LYS A 1 132 ? -8.274  -15.240 -1.327  1.00 54.51 ? 130  LYS A CD  1 
ATOM   1031 C CE  . LYS A 1 132 ? -8.433  -16.279 -2.460  1.00 55.75 ? 130  LYS A CE  1 
ATOM   1032 N NZ  . LYS A 1 132 ? -9.535  -17.261 -2.208  1.00 58.51 ? 130  LYS A NZ  1 
ATOM   1033 N N   . ARG A 1 133 ? -6.807  -11.713 -5.537  1.00 50.29 ? 131  ARG A N   1 
ATOM   1034 C CA  . ARG A 1 133 ? -7.249  -11.081 -6.759  1.00 51.65 ? 131  ARG A CA  1 
ATOM   1035 C C   . ARG A 1 133 ? -8.757  -11.249 -6.894  1.00 52.71 ? 131  ARG A C   1 
ATOM   1036 O O   . ARG A 1 133 ? -9.277  -12.322 -6.646  1.00 52.81 ? 131  ARG A O   1 
ATOM   1037 C CB  . ARG A 1 133 ? -6.534  -11.789 -7.896  1.00 51.84 ? 131  ARG A CB  1 
ATOM   1038 C CG  . ARG A 1 133 ? -6.667  -11.193 -9.235  1.00 52.32 ? 131  ARG A CG  1 
ATOM   1039 C CD  . ARG A 1 133 ? -5.645  -11.748 -10.193 1.00 53.20 ? 131  ARG A CD  1 
ATOM   1040 N NE  . ARG A 1 133 ? -5.185  -10.666 -11.043 1.00 54.97 ? 131  ARG A NE  1 
ATOM   1041 C CZ  . ARG A 1 133 ? -3.943  -10.496 -11.467 1.00 55.86 ? 131  ARG A CZ  1 
ATOM   1042 N NH1 . ARG A 1 133 ? -3.680  -9.441  -12.223 1.00 57.48 ? 131  ARG A NH1 1 
ATOM   1043 N NH2 . ARG A 1 133 ? -2.968  -11.350 -11.153 1.00 55.78 ? 131  ARG A NH2 1 
ATOM   1044 N N   . LEU A 1 134 ? -9.458  -10.188 -7.257  1.00 54.36 ? 132  LEU A N   1 
ATOM   1045 C CA  . LEU A 1 134 ? -10.900 -10.273 -7.477  1.00 55.75 ? 132  LEU A CA  1 
ATOM   1046 C C   . LEU A 1 134 ? -11.212 -10.571 -8.945  1.00 56.98 ? 132  LEU A C   1 
ATOM   1047 O O   . LEU A 1 134 ? -10.649 -9.934  -9.846  1.00 57.65 ? 132  LEU A O   1 
ATOM   1048 C CB  . LEU A 1 134 ? -11.593 -8.994  -7.040  1.00 55.26 ? 132  LEU A CB  1 
ATOM   1049 C CG  . LEU A 1 134 ? -11.450 -8.715  -5.548  1.00 56.02 ? 132  LEU A CG  1 
ATOM   1050 C CD1 . LEU A 1 134 ? -12.189 -7.443  -5.202  1.00 56.41 ? 132  LEU A CD1 1 
ATOM   1051 C CD2 . LEU A 1 134 ? -11.956 -9.885  -4.703  1.00 57.17 ? 132  LEU A CD2 1 
ATOM   1052 N N   . SER A 1 135 ? -12.090 -11.561 -9.146  1.00 58.08 ? 133  SER A N   1 
ATOM   1053 C CA  . SER A 1 135 ? -12.608 -11.989 -10.454 1.00 59.12 ? 133  SER A CA  1 
ATOM   1054 C C   . SER A 1 135 ? -11.547 -12.675 -11.301 1.00 59.88 ? 133  SER A C   1 
ATOM   1055 O O   . SER A 1 135 ? -11.346 -13.887 -11.175 1.00 60.57 ? 133  SER A O   1 
ATOM   1056 C CB  . SER A 1 135 ? -13.255 -10.830 -11.227 1.00 59.36 ? 133  SER A CB  1 
ATOM   1057 O OG  . SER A 1 135 ? -14.644 -10.777 -10.958 1.00 59.20 ? 133  SER A OG  1 
HETATM 1058 C C1  . ACD B 2 .   ? -1.683  -2.019  1.868   1.00 42.26 ? 1134 ACD A C1  1 
HETATM 1059 C C2  . ACD B 2 .   ? -0.538  -1.533  2.715   1.00 39.72 ? 1134 ACD A C2  1 
HETATM 1060 C C3  . ACD B 2 .   ? -0.828  -0.093  3.129   1.00 38.25 ? 1134 ACD A C3  1 
HETATM 1061 C C4  . ACD B 2 .   ? -0.278  0.154   4.537   1.00 38.38 ? 1134 ACD A C4  1 
HETATM 1062 C C5  . ACD B 2 .   ? 0.909   1.110   4.505   1.00 38.28 ? 1134 ACD A C5  1 
HETATM 1063 C C6  . ACD B 2 .   ? 1.279   1.700   5.653   1.00 37.97 ? 1134 ACD A C6  1 
HETATM 1064 C C7  . ACD B 2 .   ? 0.551   1.416   6.952   1.00 35.96 ? 1134 ACD A C7  1 
HETATM 1065 C C8  . ACD B 2 .   ? 0.317   2.750   7.551   1.00 35.69 ? 1134 ACD A C8  1 
HETATM 1066 C C9  . ACD B 2 .   ? -0.817  3.190   8.090   1.00 34.44 ? 1134 ACD A C9  1 
HETATM 1067 C C10 . ACD B 2 .   ? -2.105  2.438   8.211   1.00 35.15 ? 1134 ACD A C10 1 
HETATM 1068 C C11 . ACD B 2 .   ? -2.823  3.158   9.322   1.00 34.73 ? 1134 ACD A C11 1 
HETATM 1069 C C12 . ACD B 2 .   ? -4.044  2.850   9.719   1.00 36.46 ? 1134 ACD A C12 1 
HETATM 1070 C C13 . ACD B 2 .   ? -4.826  1.756   9.068   1.00 37.48 ? 1134 ACD A C13 1 
HETATM 1071 C C14 . ACD B 2 .   ? -6.171  2.312   8.627   1.00 37.77 ? 1134 ACD A C14 1 
HETATM 1072 C C15 . ACD B 2 .   ? -6.914  1.721   7.684   1.00 36.34 ? 1134 ACD A C15 1 
HETATM 1073 C C16 . ACD B 2 .   ? -6.507  0.424   7.001   1.00 33.51 ? 1134 ACD A C16 1 
HETATM 1074 C C17 . ACD B 2 .   ? -6.271  0.641   5.516   1.00 32.23 ? 1134 ACD A C17 1 
HETATM 1075 C C18 . ACD B 2 .   ? -7.526  1.197   4.848   1.00 30.77 ? 1134 ACD A C18 1 
HETATM 1076 C C19 . ACD B 2 .   ? -7.208  2.574   4.283   1.00 32.43 ? 1134 ACD A C19 1 
HETATM 1077 C C20 . ACD B 2 .   ? -8.423  3.254   3.649   1.00 33.63 ? 1134 ACD A C20 1 
HETATM 1078 O O1  . ACD B 2 .   ? -1.940  -1.526  0.766   1.00 43.76 ? 1134 ACD A O1  1 
HETATM 1079 O O2  . ACD B 2 .   ? -2.424  -2.996  2.373   1.00 45.25 ? 1134 ACD A O2  1 
HETATM 1080 O O   . HOH C 3 .   ? -4.094  -13.252 11.629  1.00 52.50 ? 2001 HOH A O   1 
HETATM 1081 O O   . HOH C 3 .   ? 6.795   7.950   20.768  1.00 57.13 ? 2002 HOH A O   1 
HETATM 1082 O O   . HOH C 3 .   ? -14.760 -6.942  -7.983  1.00 52.39 ? 2003 HOH A O   1 
HETATM 1083 O O   . HOH C 3 .   ? -11.036 -11.727 1.691   1.00 54.39 ? 2004 HOH A O   1 
HETATM 1084 O O   . HOH C 3 .   ? -5.789  -16.899 5.460   1.00 60.59 ? 2005 HOH A O   1 
HETATM 1085 O O   . HOH C 3 .   ? 6.618   9.760   18.096  1.00 54.19 ? 2006 HOH A O   1 
HETATM 1086 O O   . HOH C 3 .   ? -2.115  -7.931  10.962  1.00 36.91 ? 2007 HOH A O   1 
HETATM 1087 O O   . HOH C 3 .   ? -4.307  -10.697 11.828  1.00 48.86 ? 2008 HOH A O   1 
HETATM 1088 O O   . HOH C 3 .   ? -1.908  -13.607 12.806  1.00 66.87 ? 2009 HOH A O   1 
HETATM 1089 O O   . HOH C 3 .   ? -14.810 2.655   9.875   1.00 53.21 ? 2010 HOH A O   1 
HETATM 1090 O O   . HOH C 3 .   ? 11.278  2.077   12.778  1.00 83.99 ? 2011 HOH A O   1 
HETATM 1091 O O   . HOH C 3 .   ? 8.269   3.637   17.050  1.00 55.55 ? 2012 HOH A O   1 
HETATM 1092 O O   . HOH C 3 .   ? -3.520  8.389   13.354  1.00 40.44 ? 2013 HOH A O   1 
HETATM 1093 O O   . HOH C 3 .   ? -11.703 2.830   15.965  1.00 35.88 ? 2014 HOH A O   1 
HETATM 1094 O O   . HOH C 3 .   ? -6.926  -3.240  7.210   1.00 47.73 ? 2015 HOH A O   1 
HETATM 1095 O O   . HOH C 3 .   ? 8.668   11.211  16.648  1.00 46.64 ? 2016 HOH A O   1 
HETATM 1096 O O   . HOH C 3 .   ? -14.325 -0.400  14.048  1.00 56.73 ? 2017 HOH A O   1 
HETATM 1097 O O   . HOH C 3 .   ? -7.937  -6.417  8.283   1.00 37.11 ? 2018 HOH A O   1 
HETATM 1098 O O   . HOH C 3 .   ? -14.002 -3.882  5.830   1.00 41.49 ? 2019 HOH A O   1 
HETATM 1099 O O   . HOH C 3 .   ? -13.218 -4.036  0.414   1.00 48.11 ? 2020 HOH A O   1 
HETATM 1100 O O   . HOH C 3 .   ? -7.497  1.442   -9.854  1.00 76.37 ? 2021 HOH A O   1 
HETATM 1101 O O   . HOH C 3 .   ? -10.510 -0.661  -5.014  1.00 29.92 ? 2022 HOH A O   1 
HETATM 1102 O O   . HOH C 3 .   ? 12.104  -10.141 9.439   1.00 56.85 ? 2023 HOH A O   1 
HETATM 1103 O O   . HOH C 3 .   ? -6.046  6.274   -19.620 1.00 50.49 ? 2024 HOH A O   1 
HETATM 1104 O O   . HOH C 3 .   ? 2.055   6.802   -22.891 1.00 52.88 ? 2025 HOH A O   1 
HETATM 1105 O O   . HOH C 3 .   ? 6.349   5.462   -15.023 1.00 63.39 ? 2026 HOH A O   1 
HETATM 1106 O O   . HOH C 3 .   ? 0.228   14.170  -12.047 0.50 41.18 ? 2027 HOH A O   1 
HETATM 1107 O O   . HOH C 3 .   ? -2.782  6.361   -13.599 1.00 61.68 ? 2028 HOH A O   1 
HETATM 1108 O O   . HOH C 3 .   ? -6.770  3.250   -9.769  1.00 69.16 ? 2029 HOH A O   1 
HETATM 1109 O O   . HOH C 3 .   ? -4.507  4.157   -2.683  1.00 43.01 ? 2030 HOH A O   1 
HETATM 1110 O O   . HOH C 3 .   ? -14.445 -2.038  -0.278  1.00 57.59 ? 2031 HOH A O   1 
HETATM 1111 O O   . HOH C 3 .   ? -14.800 -1.618  -4.835  1.00 50.05 ? 2032 HOH A O   1 
HETATM 1112 O O   . HOH C 3 .   ? -15.818 3.737   -2.978  1.00 65.60 ? 2033 HOH A O   1 
HETATM 1113 O O   . HOH C 3 .   ? -15.691 4.406   8.885   1.00 45.05 ? 2034 HOH A O   1 
HETATM 1114 O O   . HOH C 3 .   ? -14.096 -2.113  3.906   1.00 42.94 ? 2035 HOH A O   1 
HETATM 1115 O O   . HOH C 3 .   ? -9.045  9.826   9.532   1.00 65.14 ? 2036 HOH A O   1 
HETATM 1116 O O   . HOH C 3 .   ? -15.893 1.982   -0.048  1.00 39.55 ? 2037 HOH A O   1 
HETATM 1117 O O   . HOH C 3 .   ? -4.878  11.560  -5.794  1.00 32.32 ? 2038 HOH A O   1 
HETATM 1118 O O   . HOH C 3 .   ? -8.669  6.139   -8.157  1.00 65.81 ? 2039 HOH A O   1 
HETATM 1119 O O   . HOH C 3 .   ? -1.195  12.942  -9.429  1.00 75.63 ? 2040 HOH A O   1 
HETATM 1120 O O   . HOH C 3 .   ? 6.364   7.579   -7.436  1.00 37.41 ? 2041 HOH A O   1 
HETATM 1121 O O   . HOH C 3 .   ? 5.027   9.958   -9.271  1.00 54.45 ? 2042 HOH A O   1 
HETATM 1122 O O   . HOH C 3 .   ? 12.143  11.640  -10.848 1.00 68.85 ? 2043 HOH A O   1 
HETATM 1123 O O   . HOH C 3 .   ? 5.141   13.685  -14.655 1.00 57.09 ? 2044 HOH A O   1 
HETATM 1124 O O   . HOH C 3 .   ? 9.019   14.284  -8.338  1.00 66.51 ? 2045 HOH A O   1 
HETATM 1125 O O   . HOH C 3 .   ? 11.524  13.300  -8.749  1.00 69.37 ? 2046 HOH A O   1 
HETATM 1126 O O   . HOH C 3 .   ? -3.118  11.005  -1.651  1.00 43.62 ? 2047 HOH A O   1 
HETATM 1127 O O   . HOH C 3 .   ? -2.977  7.543   0.561   1.00 57.32 ? 2048 HOH A O   1 
HETATM 1128 O O   . HOH C 3 .   ? -6.355  10.748  4.652   1.00 69.85 ? 2049 HOH A O   1 
HETATM 1129 O O   . HOH C 3 .   ? -1.292  8.862   11.901  1.00 39.76 ? 2050 HOH A O   1 
HETATM 1130 O O   . HOH C 3 .   ? -0.230  15.232  2.246   1.00 52.55 ? 2051 HOH A O   1 
HETATM 1131 O O   . HOH C 3 .   ? 1.542   14.442  10.287  1.00 45.04 ? 2052 HOH A O   1 
HETATM 1132 O O   . HOH C 3 .   ? -1.214  20.820  4.511   1.00 49.98 ? 2053 HOH A O   1 
HETATM 1133 O O   . HOH C 3 .   ? -0.010  20.033  1.812   1.00 57.63 ? 2054 HOH A O   1 
HETATM 1134 O O   . HOH C 3 .   ? 12.919  -0.208  -5.512  1.00 53.95 ? 2055 HOH A O   1 
HETATM 1135 O O   . HOH C 3 .   ? 10.354  -8.014  -15.369 1.00 56.28 ? 2056 HOH A O   1 
HETATM 1136 O O   . HOH C 3 .   ? 10.857  2.943   -3.720  1.00 49.90 ? 2057 HOH A O   1 
HETATM 1137 O O   . HOH C 3 .   ? 3.156   4.658   6.076   1.00 38.76 ? 2058 HOH A O   1 
HETATM 1138 O O   . HOH C 3 .   ? 6.038   7.082   6.710   1.00 44.38 ? 2059 HOH A O   1 
HETATM 1139 O O   . HOH C 3 .   ? -0.313  4.784   3.946   1.00 44.78 ? 2060 HOH A O   1 
HETATM 1140 O O   . HOH C 3 .   ? 10.716  9.387   14.995  1.00 47.74 ? 2061 HOH A O   1 
HETATM 1141 O O   . HOH C 3 .   ? 4.372   -0.553  -3.355  1.00 48.48 ? 2062 HOH A O   1 
HETATM 1142 O O   . HOH C 3 .   ? 7.379   -9.147  -1.498  1.00 46.30 ? 2063 HOH A O   1 
HETATM 1143 O O   . HOH C 3 .   ? -4.516  -16.214 -11.863 1.00 53.86 ? 2064 HOH A O   1 
HETATM 1144 O O   . HOH C 3 .   ? -5.179  -18.896 -7.425  1.00 46.75 ? 2065 HOH A O   1 
HETATM 1145 O O   . HOH C 3 .   ? -0.507  -17.003 -4.573  1.00 49.82 ? 2066 HOH A O   1 
HETATM 1146 O O   . HOH C 3 .   ? 7.312   -10.853 2.896   1.00 58.20 ? 2067 HOH A O   1 
HETATM 1147 O O   . HOH C 3 .   ? 5.712   -7.857  -0.559  1.00 40.75 ? 2068 HOH A O   1 
HETATM 1148 O O   . HOH C 3 .   ? 8.526   -3.801  2.821   1.00 46.55 ? 2069 HOH A O   1 
HETATM 1149 O O   . HOH C 3 .   ? 12.966  -1.096  16.504  1.00 45.76 ? 2070 HOH A O   1 
HETATM 1150 O O   . HOH C 3 .   ? 9.252   -7.567  12.152  1.00 59.59 ? 2071 HOH A O   1 
HETATM 1151 O O   . HOH C 3 .   ? 11.549  -6.562  10.051  1.00 53.73 ? 2072 HOH A O   1 
HETATM 1152 O O   . HOH C 3 .   ? -5.609  -5.707  9.017   1.00 36.19 ? 2073 HOH A O   1 
HETATM 1153 O O   . HOH C 3 .   ? -7.579  -8.726  -10.989 1.00 67.12 ? 2074 HOH A O   1 
HETATM 1154 O O   . HOH C 3 .   ? -1.792  -3.249  -0.995  1.00 45.15 ? 2075 HOH A O   1 
HETATM 1155 O O   . HOH C 3 .   ? -3.923  -0.087  0.048   1.00 66.62 ? 2076 HOH A O   1 
# 
loop_
_pdbx_poly_seq_scheme.asym_id 
_pdbx_poly_seq_scheme.entity_id 
_pdbx_poly_seq_scheme.seq_id 
_pdbx_poly_seq_scheme.mon_id 
_pdbx_poly_seq_scheme.ndb_seq_num 
_pdbx_poly_seq_scheme.pdb_seq_num 
_pdbx_poly_seq_scheme.auth_seq_num 
_pdbx_poly_seq_scheme.pdb_mon_id 
_pdbx_poly_seq_scheme.auth_mon_id 
_pdbx_poly_seq_scheme.pdb_strand_id 
_pdbx_poly_seq_scheme.pdb_ins_code 
_pdbx_poly_seq_scheme.hetero 
A 1 1   GLY 1   -1  -1  GLY GLY A . n 
A 1 2   SER 2   0   0   SER SER A . n 
A 1 3   MET 3   1   1   MET MET A . n 
A 1 4   SER 4   2   2   SER SER A . n 
A 1 5   SER 5   3   3   SER SER A . n 
A 1 6   PHE 6   4   4   PHE PHE A . n 
A 1 7   LEU 7   5   5   LEU LEU A . n 
A 1 8   GLY 8   6   6   GLY GLY A . n 
A 1 9   LYS 9   7   7   LYS LYS A . n 
A 1 10  TRP 10  8   8   TRP TRP A . n 
A 1 11  LYS 11  9   9   LYS LYS A . n 
A 1 12  LEU 12  10  10  LEU LEU A . n 
A 1 13  SER 13  11  11  SER SER A . n 
A 1 14  GLU 14  12  12  GLU GLU A . n 
A 1 15  SER 15  13  13  SER SER A . n 
A 1 16  HIS 16  14  14  HIS HIS A . n 
A 1 17  ASN 17  15  15  ASN ASN A . n 
A 1 18  PHE 18  16  16  PHE PHE A . n 
A 1 19  ASP 19  17  17  ASP ASP A . n 
A 1 20  ALA 20  18  18  ALA ALA A . n 
A 1 21  VAL 21  19  19  VAL VAL A . n 
A 1 22  MET 22  20  20  MET MET A . n 
A 1 23  SER 23  21  21  SER SER A . n 
A 1 24  LYS 24  22  22  LYS LYS A . n 
A 1 25  LEU 25  23  23  LEU LEU A . n 
A 1 26  GLY 26  24  24  GLY GLY A . n 
A 1 27  VAL 27  25  25  VAL VAL A . n 
A 1 28  SER 28  26  26  SER SER A . n 
A 1 29  TRP 29  27  27  TRP TRP A . n 
A 1 30  ALA 30  28  28  ALA ALA A . n 
A 1 31  THR 31  29  29  THR THR A . n 
A 1 32  ARG 32  30  30  ARG ARG A . n 
A 1 33  GLN 33  31  31  GLN GLN A . n 
A 1 34  ILE 34  32  32  ILE ILE A . n 
A 1 35  GLY 35  33  33  GLY GLY A . n 
A 1 36  ASN 36  34  34  ASN ASN A . n 
A 1 37  THR 37  35  35  THR THR A . n 
A 1 38  VAL 38  36  36  VAL VAL A . n 
A 1 39  THR 39  37  37  THR THR A . n 
A 1 40  PRO 40  38  38  PRO PRO A . n 
A 1 41  THR 41  39  39  THR THR A . n 
A 1 42  VAL 42  40  40  VAL VAL A . n 
A 1 43  THR 43  41  41  THR THR A . n 
A 1 44  PHE 44  42  42  PHE PHE A . n 
A 1 45  THR 45  43  43  THR THR A . n 
A 1 46  MET 46  44  44  MET MET A . n 
A 1 47  ASP 47  45  45  ASP ASP A . n 
A 1 48  GLY 48  46  46  GLY GLY A . n 
A 1 49  ASP 49  47  47  ASP ASP A . n 
A 1 50  LYS 50  48  48  LYS LYS A . n 
A 1 51  MET 51  49  49  MET MET A . n 
A 1 52  THR 52  50  50  THR THR A . n 
A 1 53  MET 53  51  51  MET MET A . n 
A 1 54  LEU 54  52  52  LEU LEU A . n 
A 1 55  THR 55  53  53  THR THR A . n 
A 1 56  GLU 56  54  54  GLU GLU A . n 
A 1 57  SER 57  55  55  SER SER A . n 
A 1 58  THR 58  56  56  THR THR A . n 
A 1 59  PHE 59  57  57  PHE PHE A . n 
A 1 60  LYS 60  58  58  LYS LYS A . n 
A 1 61  ASN 61  59  59  ASN ASN A . n 
A 1 62  LEU 62  60  60  LEU LEU A . n 
A 1 63  SER 63  61  61  SER SER A . n 
A 1 64  CYS 64  62  62  CYS CYS A . n 
A 1 65  THR 65  63  63  THR THR A . n 
A 1 66  PHE 66  64  64  PHE PHE A . n 
A 1 67  LYS 67  65  65  LYS LYS A . n 
A 1 68  PHE 68  66  66  PHE PHE A . n 
A 1 69  GLY 69  67  67  GLY GLY A . n 
A 1 70  GLU 70  68  68  GLU GLU A . n 
A 1 71  GLU 71  69  69  GLU GLU A . n 
A 1 72  PHE 72  70  70  PHE PHE A . n 
A 1 73  ASP 73  71  71  ASP ASP A . n 
A 1 74  GLU 74  72  72  GLU GLU A . n 
A 1 75  LYS 75  73  73  LYS LYS A . n 
A 1 76  THR 76  74  74  THR THR A . n 
A 1 77  SER 77  75  75  SER SER A . n 
A 1 78  ASP 78  76  76  ASP ASP A . n 
A 1 79  GLY 79  77  77  GLY GLY A . n 
A 1 80  ARG 80  78  78  ARG ARG A . n 
A 1 81  ASN 81  79  79  ASN ASN A . n 
A 1 82  VAL 82  80  80  VAL VAL A . n 
A 1 83  LYS 83  81  81  LYS LYS A . n 
A 1 84  SER 84  82  82  SER SER A . n 
A 1 85  VAL 85  83  83  VAL VAL A . n 
A 1 86  VAL 86  84  84  VAL VAL A . n 
A 1 87  GLU 87  85  85  GLU GLU A . n 
A 1 88  LYS 88  86  86  LYS LYS A . n 
A 1 89  ASN 89  87  87  ASN ASN A . n 
A 1 90  SER 90  88  88  SER SER A . n 
A 1 91  GLU 91  89  89  GLU GLU A . n 
A 1 92  SER 92  90  90  SER SER A . n 
A 1 93  LYS 93  91  91  LYS LYS A . n 
A 1 94  LEU 94  92  92  LEU LEU A . n 
A 1 95  THR 95  93  93  THR THR A . n 
A 1 96  GLN 96  94  94  GLN GLN A . n 
A 1 97  THR 97  95  95  THR THR A . n 
A 1 98  GLN 98  96  96  GLN GLN A . n 
A 1 99  VAL 99  97  97  VAL VAL A . n 
A 1 100 ASP 100 98  98  ASP ASP A . n 
A 1 101 PRO 101 99  99  PRO PRO A . n 
A 1 102 LYS 102 100 100 LYS LYS A . n 
A 1 103 ASN 103 101 101 ASN ASN A . n 
A 1 104 THR 104 102 102 THR THR A . n 
A 1 105 THR 105 103 103 THR THR A . n 
A 1 106 VAL 106 104 104 VAL VAL A . n 
A 1 107 ILE 107 105 105 ILE ILE A . n 
A 1 108 VAL 108 106 106 VAL VAL A . n 
A 1 109 ARG 109 107 107 ARG ARG A . n 
A 1 110 GLU 110 108 108 GLU GLU A . n 
A 1 111 VAL 111 109 109 VAL VAL A . n 
A 1 112 ASP 112 110 110 ASP ASP A . n 
A 1 113 GLY 113 111 111 GLY GLY A . n 
A 1 114 ASP 114 112 112 ASP ASP A . n 
A 1 115 THR 115 113 113 THR THR A . n 
A 1 116 MET 116 114 114 MET MET A . n 
A 1 117 LYS 117 115 115 LYS LYS A . n 
A 1 118 THR 118 116 116 THR THR A . n 
A 1 119 THR 119 117 117 THR THR A . n 
A 1 120 VAL 120 118 118 VAL VAL A . n 
A 1 121 THR 121 119 119 THR THR A . n 
A 1 122 VAL 122 120 120 VAL VAL A . n 
A 1 123 GLY 123 121 121 GLY GLY A . n 
A 1 124 ASP 124 122 122 ASP ASP A . n 
A 1 125 VAL 125 123 123 VAL VAL A . n 
A 1 126 THR 126 124 124 THR THR A . n 
A 1 127 ALA 127 125 125 ALA ALA A . n 
A 1 128 ILE 128 126 126 ILE ILE A . n 
A 1 129 ARG 129 127 127 ARG ARG A . n 
A 1 130 ASN 130 128 128 ASN ASN A . n 
A 1 131 TYR 131 129 129 TYR TYR A . n 
A 1 132 LYS 132 130 130 LYS LYS A . n 
A 1 133 ARG 133 131 131 ARG ARG A . n 
A 1 134 LEU 134 132 132 LEU LEU A . n 
A 1 135 SER 135 133 133 SER SER A . n 
# 
loop_
_pdbx_nonpoly_scheme.asym_id 
_pdbx_nonpoly_scheme.entity_id 
_pdbx_nonpoly_scheme.mon_id 
_pdbx_nonpoly_scheme.ndb_seq_num 
_pdbx_nonpoly_scheme.pdb_seq_num 
_pdbx_nonpoly_scheme.auth_seq_num 
_pdbx_nonpoly_scheme.pdb_mon_id 
_pdbx_nonpoly_scheme.auth_mon_id 
_pdbx_nonpoly_scheme.pdb_strand_id 
_pdbx_nonpoly_scheme.pdb_ins_code 
B 2 ACD 1  1134 1134 ACD ACD A . 
C 3 HOH 1  2001 2001 HOH HOH A . 
C 3 HOH 2  2002 2002 HOH HOH A . 
C 3 HOH 3  2003 2003 HOH HOH A . 
C 3 HOH 4  2004 2004 HOH HOH A . 
C 3 HOH 5  2005 2005 HOH HOH A . 
C 3 HOH 6  2006 2006 HOH HOH A . 
C 3 HOH 7  2007 2007 HOH HOH A . 
C 3 HOH 8  2008 2008 HOH HOH A . 
C 3 HOH 9  2009 2009 HOH HOH A . 
C 3 HOH 10 2010 2010 HOH HOH A . 
C 3 HOH 11 2011 2011 HOH HOH A . 
C 3 HOH 12 2012 2012 HOH HOH A . 
C 3 HOH 13 2013 2013 HOH HOH A . 
C 3 HOH 14 2014 2014 HOH HOH A . 
C 3 HOH 15 2015 2015 HOH HOH A . 
C 3 HOH 16 2016 2016 HOH HOH A . 
C 3 HOH 17 2017 2017 HOH HOH A . 
C 3 HOH 18 2018 2018 HOH HOH A . 
C 3 HOH 19 2019 2019 HOH HOH A . 
C 3 HOH 20 2020 2020 HOH HOH A . 
C 3 HOH 21 2021 2021 HOH HOH A . 
C 3 HOH 22 2022 2022 HOH HOH A . 
C 3 HOH 23 2023 2023 HOH HOH A . 
C 3 HOH 24 2024 2024 HOH HOH A . 
C 3 HOH 25 2025 2025 HOH HOH A . 
C 3 HOH 26 2026 2026 HOH HOH A . 
C 3 HOH 27 2027 2027 HOH HOH A . 
C 3 HOH 28 2028 2028 HOH HOH A . 
C 3 HOH 29 2029 2029 HOH HOH A . 
C 3 HOH 30 2030 2030 HOH HOH A . 
C 3 HOH 31 2031 2031 HOH HOH A . 
C 3 HOH 32 2032 2032 HOH HOH A . 
C 3 HOH 33 2033 2033 HOH HOH A . 
C 3 HOH 34 2034 2034 HOH HOH A . 
C 3 HOH 35 2035 2035 HOH HOH A . 
C 3 HOH 36 2036 2036 HOH HOH A . 
C 3 HOH 37 2037 2037 HOH HOH A . 
C 3 HOH 38 2038 2038 HOH HOH A . 
C 3 HOH 39 2039 2039 HOH HOH A . 
C 3 HOH 40 2040 2040 HOH HOH A . 
C 3 HOH 41 2041 2041 HOH HOH A . 
C 3 HOH 42 2042 2042 HOH HOH A . 
C 3 HOH 43 2043 2043 HOH HOH A . 
C 3 HOH 44 2044 2044 HOH HOH A . 
C 3 HOH 45 2045 2045 HOH HOH A . 
C 3 HOH 46 2046 2046 HOH HOH A . 
C 3 HOH 47 2047 2047 HOH HOH A . 
C 3 HOH 48 2048 2048 HOH HOH A . 
C 3 HOH 49 2049 2049 HOH HOH A . 
C 3 HOH 50 2050 2050 HOH HOH A . 
C 3 HOH 51 2051 2051 HOH HOH A . 
C 3 HOH 52 2052 2052 HOH HOH A . 
C 3 HOH 53 2053 2053 HOH HOH A . 
C 3 HOH 54 2054 2054 HOH HOH A . 
C 3 HOH 55 2055 2055 HOH HOH A . 
C 3 HOH 56 2056 2056 HOH HOH A . 
C 3 HOH 57 2057 2057 HOH HOH A . 
C 3 HOH 58 2058 2058 HOH HOH A . 
C 3 HOH 59 2059 2059 HOH HOH A . 
C 3 HOH 60 2060 2060 HOH HOH A . 
C 3 HOH 61 2061 2061 HOH HOH A . 
C 3 HOH 62 2062 2062 HOH HOH A . 
C 3 HOH 63 2063 2063 HOH HOH A . 
C 3 HOH 64 2064 2064 HOH HOH A . 
C 3 HOH 65 2065 2065 HOH HOH A . 
C 3 HOH 66 2066 2066 HOH HOH A . 
C 3 HOH 67 2067 2067 HOH HOH A . 
C 3 HOH 68 2068 2068 HOH HOH A . 
C 3 HOH 69 2069 2069 HOH HOH A . 
C 3 HOH 70 2070 2070 HOH HOH A . 
C 3 HOH 71 2071 2071 HOH HOH A . 
C 3 HOH 72 2072 2072 HOH HOH A . 
C 3 HOH 73 2073 2073 HOH HOH A . 
C 3 HOH 74 2074 2074 HOH HOH A . 
C 3 HOH 75 2075 2075 HOH HOH A . 
C 3 HOH 76 2076 2076 HOH HOH A . 
# 
_pdbx_struct_assembly.id                   1 
_pdbx_struct_assembly.details              author_and_software_defined_assembly 
_pdbx_struct_assembly.method_details       PQS 
_pdbx_struct_assembly.oligomeric_details   monomeric 
_pdbx_struct_assembly.oligomeric_count     1 
# 
_pdbx_struct_assembly_gen.assembly_id       1 
_pdbx_struct_assembly_gen.oper_expression   1 
_pdbx_struct_assembly_gen.asym_id_list      A,B,C 
# 
_pdbx_struct_oper_list.id                   1 
_pdbx_struct_oper_list.type                 'identity operation' 
_pdbx_struct_oper_list.name                 1_555 
_pdbx_struct_oper_list.symmetry_operation   x,y,z 
_pdbx_struct_oper_list.matrix[1][1]         1.0000000000 
_pdbx_struct_oper_list.matrix[1][2]         0.0000000000 
_pdbx_struct_oper_list.matrix[1][3]         0.0000000000 
_pdbx_struct_oper_list.vector[1]            0.0000000000 
_pdbx_struct_oper_list.matrix[2][1]         0.0000000000 
_pdbx_struct_oper_list.matrix[2][2]         1.0000000000 
_pdbx_struct_oper_list.matrix[2][3]         0.0000000000 
_pdbx_struct_oper_list.vector[2]            0.0000000000 
_pdbx_struct_oper_list.matrix[3][1]         0.0000000000 
_pdbx_struct_oper_list.matrix[3][2]         0.0000000000 
_pdbx_struct_oper_list.matrix[3][3]         1.0000000000 
_pdbx_struct_oper_list.vector[3]            0.0000000000 
# 
loop_
_pdbx_audit_revision_history.ordinal 
_pdbx_audit_revision_history.data_content_type 
_pdbx_audit_revision_history.major_revision 
_pdbx_audit_revision_history.minor_revision 
_pdbx_audit_revision_history.revision_date 
1 'Structure model' 1 0 2004-09-23 
2 'Structure model' 1 1 2011-05-08 
3 'Structure model' 1 2 2011-07-13 
4 'Structure model' 1 3 2023-12-13 
# 
_pdbx_audit_revision_details.ordinal             1 
_pdbx_audit_revision_details.revision_ordinal    1 
_pdbx_audit_revision_details.data_content_type   'Structure model' 
_pdbx_audit_revision_details.provider            repository 
_pdbx_audit_revision_details.type                'Initial release' 
_pdbx_audit_revision_details.description         ? 
_pdbx_audit_revision_details.details             ? 
# 
loop_
_pdbx_audit_revision_group.ordinal 
_pdbx_audit_revision_group.revision_ordinal 
_pdbx_audit_revision_group.data_content_type 
_pdbx_audit_revision_group.group 
1 2 'Structure model' 'Version format compliance' 
2 3 'Structure model' 'Version format compliance' 
3 4 'Structure model' 'Data collection'           
4 4 'Structure model' 'Database references'       
5 4 'Structure model' Other                       
6 4 'Structure model' 'Refinement description'    
# 
loop_
_pdbx_audit_revision_category.ordinal 
_pdbx_audit_revision_category.revision_ordinal 
_pdbx_audit_revision_category.data_content_type 
_pdbx_audit_revision_category.category 
1 4 'Structure model' chem_comp_atom                
2 4 'Structure model' chem_comp_bond                
3 4 'Structure model' database_2                    
4 4 'Structure model' pdbx_database_status          
5 4 'Structure model' pdbx_initial_refinement_model 
# 
loop_
_pdbx_audit_revision_item.ordinal 
_pdbx_audit_revision_item.revision_ordinal 
_pdbx_audit_revision_item.data_content_type 
_pdbx_audit_revision_item.item 
1 4 'Structure model' '_database_2.pdbx_DOI'                 
2 4 'Structure model' '_database_2.pdbx_database_accession'  
3 4 'Structure model' '_pdbx_database_status.status_code_sf' 
# 
loop_
_software.name 
_software.classification 
_software.version 
_software.citation_id 
_software.pdbx_ordinal 
REFMAC    refinement       . ? 1 
DENZO     'data reduction' . ? 2 
SCALEPACK 'data scaling'   . ? 3 
AMoRE     phasing          . ? 4 
# 
loop_
_pdbx_database_remark.id 
_pdbx_database_remark.text 
650 
;
HELIX
THESE HELIX BOUNDARIES WERE PROVIDED BY THE DEPOSITOR
HELIX 1 PHE A 16 LEU A 23
HELIX 2 ALA A 28 THR A 35
;
700 
;
SHEET
THESE STRAND BOUNDARIES WERE PROVIDED BY THE DEPOSITOR
STRAND A GLY A 6 HIS A 14
STRAND B THR A 39 ASP A 45
STRAND C LYS A 48 SER A 55
STRAND D LYS A 58 CYS A 62
STRAND E PHE A 70 LYS A 73
STRAND F ASN A 79 LYS A 86
STRAND G LYS A 91 ASP A 98
STRAND H ASN A 101 ASP A 110
STRAND I THR A 113 VAL A 120
STRAND J ILE A 126 ARG A 131
;
# 
_pdbx_entry_details.entry_id                 1VYG 
_pdbx_entry_details.compound_details         ? 
_pdbx_entry_details.source_details           ? 
_pdbx_entry_details.nonpolymer_details       ? 
_pdbx_entry_details.sequence_details         '2 EXTRA AMINO ACIDS AT THE N-TERMINUS' 
_pdbx_entry_details.has_ligand_of_interest   ? 
# 
_pdbx_validate_close_contact.id               1 
_pdbx_validate_close_contact.PDB_model_num    1 
_pdbx_validate_close_contact.auth_atom_id_1   O 
_pdbx_validate_close_contact.auth_asym_id_1   A 
_pdbx_validate_close_contact.auth_comp_id_1   HOH 
_pdbx_validate_close_contact.auth_seq_id_1    2021 
_pdbx_validate_close_contact.PDB_ins_code_1   ? 
_pdbx_validate_close_contact.label_alt_id_1   ? 
_pdbx_validate_close_contact.auth_atom_id_2   O 
_pdbx_validate_close_contact.auth_asym_id_2   A 
_pdbx_validate_close_contact.auth_comp_id_2   HOH 
_pdbx_validate_close_contact.auth_seq_id_2    2029 
_pdbx_validate_close_contact.PDB_ins_code_2   ? 
_pdbx_validate_close_contact.label_alt_id_2   ? 
_pdbx_validate_close_contact.dist             1.95 
# 
loop_
_pdbx_validate_torsion.id 
_pdbx_validate_torsion.PDB_model_num 
_pdbx_validate_torsion.auth_comp_id 
_pdbx_validate_torsion.auth_asym_id 
_pdbx_validate_torsion.auth_seq_id 
_pdbx_validate_torsion.PDB_ins_code 
_pdbx_validate_torsion.label_alt_id 
_pdbx_validate_torsion.phi 
_pdbx_validate_torsion.psi 
1 1 SER A 0  ? ? 33.48  88.12  
2 1 MET A 1  ? ? 79.36  41.14  
3 1 ASN A 15 ? ? 72.59  30.13  
4 1 PHE A 57 ? ? -67.16 -70.86 
# 
_pdbx_distant_solvent_atoms.id                                1 
_pdbx_distant_solvent_atoms.PDB_model_num                     1 
_pdbx_distant_solvent_atoms.auth_atom_id                      O 
_pdbx_distant_solvent_atoms.label_alt_id                      ? 
_pdbx_distant_solvent_atoms.auth_asym_id                      A 
_pdbx_distant_solvent_atoms.auth_comp_id                      HOH 
_pdbx_distant_solvent_atoms.auth_seq_id                       2002 
_pdbx_distant_solvent_atoms.PDB_ins_code                      ? 
_pdbx_distant_solvent_atoms.neighbor_macromolecule_distance   6.47 
_pdbx_distant_solvent_atoms.neighbor_ligand_distance          . 
# 
loop_
_chem_comp_atom.comp_id 
_chem_comp_atom.atom_id 
_chem_comp_atom.type_symbol 
_chem_comp_atom.pdbx_aromatic_flag 
_chem_comp_atom.pdbx_stereo_config 
_chem_comp_atom.pdbx_ordinal 
ACD C1   C N N 1   
ACD C2   C N N 2   
ACD C3   C N N 3   
ACD C4   C N N 4   
ACD C5   C N N 5   
ACD C6   C N N 6   
ACD C7   C N N 7   
ACD C8   C N N 8   
ACD C9   C N N 9   
ACD C10  C N N 10  
ACD C11  C N N 11  
ACD C12  C N N 12  
ACD C13  C N N 13  
ACD C14  C N N 14  
ACD C15  C N N 15  
ACD C16  C N N 16  
ACD C17  C N N 17  
ACD C18  C N N 18  
ACD C19  C N N 19  
ACD C20  C N N 20  
ACD O1   O N N 21  
ACD O2   O N N 22  
ACD H21  H N N 23  
ACD H22  H N N 24  
ACD H31  H N N 25  
ACD H32  H N N 26  
ACD H41  H N N 27  
ACD H42  H N N 28  
ACD H5   H N N 29  
ACD H6   H N N 30  
ACD H71  H N N 31  
ACD H72  H N N 32  
ACD H8   H N N 33  
ACD H9   H N N 34  
ACD H101 H N N 35  
ACD H102 H N N 36  
ACD H11  H N N 37  
ACD H12  H N N 38  
ACD H131 H N N 39  
ACD H132 H N N 40  
ACD H14  H N N 41  
ACD H15  H N N 42  
ACD H161 H N N 43  
ACD H162 H N N 44  
ACD H171 H N N 45  
ACD H172 H N N 46  
ACD H181 H N N 47  
ACD H182 H N N 48  
ACD H191 H N N 49  
ACD H192 H N N 50  
ACD H201 H N N 51  
ACD H202 H N N 52  
ACD H203 H N N 53  
ACD HO2  H N N 54  
ALA N    N N N 55  
ALA CA   C N S 56  
ALA C    C N N 57  
ALA O    O N N 58  
ALA CB   C N N 59  
ALA OXT  O N N 60  
ALA H    H N N 61  
ALA H2   H N N 62  
ALA HA   H N N 63  
ALA HB1  H N N 64  
ALA HB2  H N N 65  
ALA HB3  H N N 66  
ALA HXT  H N N 67  
ARG N    N N N 68  
ARG CA   C N S 69  
ARG C    C N N 70  
ARG O    O N N 71  
ARG CB   C N N 72  
ARG CG   C N N 73  
ARG CD   C N N 74  
ARG NE   N N N 75  
ARG CZ   C N N 76  
ARG NH1  N N N 77  
ARG NH2  N N N 78  
ARG OXT  O N N 79  
ARG H    H N N 80  
ARG H2   H N N 81  
ARG HA   H N N 82  
ARG HB2  H N N 83  
ARG HB3  H N N 84  
ARG HG2  H N N 85  
ARG HG3  H N N 86  
ARG HD2  H N N 87  
ARG HD3  H N N 88  
ARG HE   H N N 89  
ARG HH11 H N N 90  
ARG HH12 H N N 91  
ARG HH21 H N N 92  
ARG HH22 H N N 93  
ARG HXT  H N N 94  
ASN N    N N N 95  
ASN CA   C N S 96  
ASN C    C N N 97  
ASN O    O N N 98  
ASN CB   C N N 99  
ASN CG   C N N 100 
ASN OD1  O N N 101 
ASN ND2  N N N 102 
ASN OXT  O N N 103 
ASN H    H N N 104 
ASN H2   H N N 105 
ASN HA   H N N 106 
ASN HB2  H N N 107 
ASN HB3  H N N 108 
ASN HD21 H N N 109 
ASN HD22 H N N 110 
ASN HXT  H N N 111 
ASP N    N N N 112 
ASP CA   C N S 113 
ASP C    C N N 114 
ASP O    O N N 115 
ASP CB   C N N 116 
ASP CG   C N N 117 
ASP OD1  O N N 118 
ASP OD2  O N N 119 
ASP OXT  O N N 120 
ASP H    H N N 121 
ASP H2   H N N 122 
ASP HA   H N N 123 
ASP HB2  H N N 124 
ASP HB3  H N N 125 
ASP HD2  H N N 126 
ASP HXT  H N N 127 
CYS N    N N N 128 
CYS CA   C N R 129 
CYS C    C N N 130 
CYS O    O N N 131 
CYS CB   C N N 132 
CYS SG   S N N 133 
CYS OXT  O N N 134 
CYS H    H N N 135 
CYS H2   H N N 136 
CYS HA   H N N 137 
CYS HB2  H N N 138 
CYS HB3  H N N 139 
CYS HG   H N N 140 
CYS HXT  H N N 141 
GLN N    N N N 142 
GLN CA   C N S 143 
GLN C    C N N 144 
GLN O    O N N 145 
GLN CB   C N N 146 
GLN CG   C N N 147 
GLN CD   C N N 148 
GLN OE1  O N N 149 
GLN NE2  N N N 150 
GLN OXT  O N N 151 
GLN H    H N N 152 
GLN H2   H N N 153 
GLN HA   H N N 154 
GLN HB2  H N N 155 
GLN HB3  H N N 156 
GLN HG2  H N N 157 
GLN HG3  H N N 158 
GLN HE21 H N N 159 
GLN HE22 H N N 160 
GLN HXT  H N N 161 
GLU N    N N N 162 
GLU CA   C N S 163 
GLU C    C N N 164 
GLU O    O N N 165 
GLU CB   C N N 166 
GLU CG   C N N 167 
GLU CD   C N N 168 
GLU OE1  O N N 169 
GLU OE2  O N N 170 
GLU OXT  O N N 171 
GLU H    H N N 172 
GLU H2   H N N 173 
GLU HA   H N N 174 
GLU HB2  H N N 175 
GLU HB3  H N N 176 
GLU HG2  H N N 177 
GLU HG3  H N N 178 
GLU HE2  H N N 179 
GLU HXT  H N N 180 
GLY N    N N N 181 
GLY CA   C N N 182 
GLY C    C N N 183 
GLY O    O N N 184 
GLY OXT  O N N 185 
GLY H    H N N 186 
GLY H2   H N N 187 
GLY HA2  H N N 188 
GLY HA3  H N N 189 
GLY HXT  H N N 190 
HIS N    N N N 191 
HIS CA   C N S 192 
HIS C    C N N 193 
HIS O    O N N 194 
HIS CB   C N N 195 
HIS CG   C Y N 196 
HIS ND1  N Y N 197 
HIS CD2  C Y N 198 
HIS CE1  C Y N 199 
HIS NE2  N Y N 200 
HIS OXT  O N N 201 
HIS H    H N N 202 
HIS H2   H N N 203 
HIS HA   H N N 204 
HIS HB2  H N N 205 
HIS HB3  H N N 206 
HIS HD1  H N N 207 
HIS HD2  H N N 208 
HIS HE1  H N N 209 
HIS HE2  H N N 210 
HIS HXT  H N N 211 
HOH O    O N N 212 
HOH H1   H N N 213 
HOH H2   H N N 214 
ILE N    N N N 215 
ILE CA   C N S 216 
ILE C    C N N 217 
ILE O    O N N 218 
ILE CB   C N S 219 
ILE CG1  C N N 220 
ILE CG2  C N N 221 
ILE CD1  C N N 222 
ILE OXT  O N N 223 
ILE H    H N N 224 
ILE H2   H N N 225 
ILE HA   H N N 226 
ILE HB   H N N 227 
ILE HG12 H N N 228 
ILE HG13 H N N 229 
ILE HG21 H N N 230 
ILE HG22 H N N 231 
ILE HG23 H N N 232 
ILE HD11 H N N 233 
ILE HD12 H N N 234 
ILE HD13 H N N 235 
ILE HXT  H N N 236 
LEU N    N N N 237 
LEU CA   C N S 238 
LEU C    C N N 239 
LEU O    O N N 240 
LEU CB   C N N 241 
LEU CG   C N N 242 
LEU CD1  C N N 243 
LEU CD2  C N N 244 
LEU OXT  O N N 245 
LEU H    H N N 246 
LEU H2   H N N 247 
LEU HA   H N N 248 
LEU HB2  H N N 249 
LEU HB3  H N N 250 
LEU HG   H N N 251 
LEU HD11 H N N 252 
LEU HD12 H N N 253 
LEU HD13 H N N 254 
LEU HD21 H N N 255 
LEU HD22 H N N 256 
LEU HD23 H N N 257 
LEU HXT  H N N 258 
LYS N    N N N 259 
LYS CA   C N S 260 
LYS C    C N N 261 
LYS O    O N N 262 
LYS CB   C N N 263 
LYS CG   C N N 264 
LYS CD   C N N 265 
LYS CE   C N N 266 
LYS NZ   N N N 267 
LYS OXT  O N N 268 
LYS H    H N N 269 
LYS H2   H N N 270 
LYS HA   H N N 271 
LYS HB2  H N N 272 
LYS HB3  H N N 273 
LYS HG2  H N N 274 
LYS HG3  H N N 275 
LYS HD2  H N N 276 
LYS HD3  H N N 277 
LYS HE2  H N N 278 
LYS HE3  H N N 279 
LYS HZ1  H N N 280 
LYS HZ2  H N N 281 
LYS HZ3  H N N 282 
LYS HXT  H N N 283 
MET N    N N N 284 
MET CA   C N S 285 
MET C    C N N 286 
MET O    O N N 287 
MET CB   C N N 288 
MET CG   C N N 289 
MET SD   S N N 290 
MET CE   C N N 291 
MET OXT  O N N 292 
MET H    H N N 293 
MET H2   H N N 294 
MET HA   H N N 295 
MET HB2  H N N 296 
MET HB3  H N N 297 
MET HG2  H N N 298 
MET HG3  H N N 299 
MET HE1  H N N 300 
MET HE2  H N N 301 
MET HE3  H N N 302 
MET HXT  H N N 303 
PHE N    N N N 304 
PHE CA   C N S 305 
PHE C    C N N 306 
PHE O    O N N 307 
PHE CB   C N N 308 
PHE CG   C Y N 309 
PHE CD1  C Y N 310 
PHE CD2  C Y N 311 
PHE CE1  C Y N 312 
PHE CE2  C Y N 313 
PHE CZ   C Y N 314 
PHE OXT  O N N 315 
PHE H    H N N 316 
PHE H2   H N N 317 
PHE HA   H N N 318 
PHE HB2  H N N 319 
PHE HB3  H N N 320 
PHE HD1  H N N 321 
PHE HD2  H N N 322 
PHE HE1  H N N 323 
PHE HE2  H N N 324 
PHE HZ   H N N 325 
PHE HXT  H N N 326 
PRO N    N N N 327 
PRO CA   C N S 328 
PRO C    C N N 329 
PRO O    O N N 330 
PRO CB   C N N 331 
PRO CG   C N N 332 
PRO CD   C N N 333 
PRO OXT  O N N 334 
PRO H    H N N 335 
PRO HA   H N N 336 
PRO HB2  H N N 337 
PRO HB3  H N N 338 
PRO HG2  H N N 339 
PRO HG3  H N N 340 
PRO HD2  H N N 341 
PRO HD3  H N N 342 
PRO HXT  H N N 343 
SER N    N N N 344 
SER CA   C N S 345 
SER C    C N N 346 
SER O    O N N 347 
SER CB   C N N 348 
SER OG   O N N 349 
SER OXT  O N N 350 
SER H    H N N 351 
SER H2   H N N 352 
SER HA   H N N 353 
SER HB2  H N N 354 
SER HB3  H N N 355 
SER HG   H N N 356 
SER HXT  H N N 357 
THR N    N N N 358 
THR CA   C N S 359 
THR C    C N N 360 
THR O    O N N 361 
THR CB   C N R 362 
THR OG1  O N N 363 
THR CG2  C N N 364 
THR OXT  O N N 365 
THR H    H N N 366 
THR H2   H N N 367 
THR HA   H N N 368 
THR HB   H N N 369 
THR HG1  H N N 370 
THR HG21 H N N 371 
THR HG22 H N N 372 
THR HG23 H N N 373 
THR HXT  H N N 374 
TRP N    N N N 375 
TRP CA   C N S 376 
TRP C    C N N 377 
TRP O    O N N 378 
TRP CB   C N N 379 
TRP CG   C Y N 380 
TRP CD1  C Y N 381 
TRP CD2  C Y N 382 
TRP NE1  N Y N 383 
TRP CE2  C Y N 384 
TRP CE3  C Y N 385 
TRP CZ2  C Y N 386 
TRP CZ3  C Y N 387 
TRP CH2  C Y N 388 
TRP OXT  O N N 389 
TRP H    H N N 390 
TRP H2   H N N 391 
TRP HA   H N N 392 
TRP HB2  H N N 393 
TRP HB3  H N N 394 
TRP HD1  H N N 395 
TRP HE1  H N N 396 
TRP HE3  H N N 397 
TRP HZ2  H N N 398 
TRP HZ3  H N N 399 
TRP HH2  H N N 400 
TRP HXT  H N N 401 
TYR N    N N N 402 
TYR CA   C N S 403 
TYR C    C N N 404 
TYR O    O N N 405 
TYR CB   C N N 406 
TYR CG   C Y N 407 
TYR CD1  C Y N 408 
TYR CD2  C Y N 409 
TYR CE1  C Y N 410 
TYR CE2  C Y N 411 
TYR CZ   C Y N 412 
TYR OH   O N N 413 
TYR OXT  O N N 414 
TYR H    H N N 415 
TYR H2   H N N 416 
TYR HA   H N N 417 
TYR HB2  H N N 418 
TYR HB3  H N N 419 
TYR HD1  H N N 420 
TYR HD2  H N N 421 
TYR HE1  H N N 422 
TYR HE2  H N N 423 
TYR HH   H N N 424 
TYR HXT  H N N 425 
VAL N    N N N 426 
VAL CA   C N S 427 
VAL C    C N N 428 
VAL O    O N N 429 
VAL CB   C N N 430 
VAL CG1  C N N 431 
VAL CG2  C N N 432 
VAL OXT  O N N 433 
VAL H    H N N 434 
VAL H2   H N N 435 
VAL HA   H N N 436 
VAL HB   H N N 437 
VAL HG11 H N N 438 
VAL HG12 H N N 439 
VAL HG13 H N N 440 
VAL HG21 H N N 441 
VAL HG22 H N N 442 
VAL HG23 H N N 443 
VAL HXT  H N N 444 
# 
loop_
_chem_comp_bond.comp_id 
_chem_comp_bond.atom_id_1 
_chem_comp_bond.atom_id_2 
_chem_comp_bond.value_order 
_chem_comp_bond.pdbx_aromatic_flag 
_chem_comp_bond.pdbx_stereo_config 
_chem_comp_bond.pdbx_ordinal 
ACD C1  C2   sing N N 1   
ACD C1  O1   doub N N 2   
ACD C1  O2   sing N N 3   
ACD C2  C3   sing N N 4   
ACD C2  H21  sing N N 5   
ACD C2  H22  sing N N 6   
ACD C3  C4   sing N N 7   
ACD C3  H31  sing N N 8   
ACD C3  H32  sing N N 9   
ACD C4  C5   sing N N 10  
ACD C4  H41  sing N N 11  
ACD C4  H42  sing N N 12  
ACD C5  C6   doub N Z 13  
ACD C5  H5   sing N N 14  
ACD C6  C7   sing N N 15  
ACD C6  H6   sing N N 16  
ACD C7  C8   sing N N 17  
ACD C7  H71  sing N N 18  
ACD C7  H72  sing N N 19  
ACD C8  C9   doub N Z 20  
ACD C8  H8   sing N N 21  
ACD C9  C10  sing N N 22  
ACD C9  H9   sing N N 23  
ACD C10 C11  sing N N 24  
ACD C10 H101 sing N N 25  
ACD C10 H102 sing N N 26  
ACD C11 C12  doub N Z 27  
ACD C11 H11  sing N N 28  
ACD C12 C13  sing N N 29  
ACD C12 H12  sing N N 30  
ACD C13 C14  sing N N 31  
ACD C13 H131 sing N N 32  
ACD C13 H132 sing N N 33  
ACD C14 C15  doub N Z 34  
ACD C14 H14  sing N N 35  
ACD C15 C16  sing N N 36  
ACD C15 H15  sing N N 37  
ACD C16 C17  sing N N 38  
ACD C16 H161 sing N N 39  
ACD C16 H162 sing N N 40  
ACD C17 C18  sing N N 41  
ACD C17 H171 sing N N 42  
ACD C17 H172 sing N N 43  
ACD C18 C19  sing N N 44  
ACD C18 H181 sing N N 45  
ACD C18 H182 sing N N 46  
ACD C19 C20  sing N N 47  
ACD C19 H191 sing N N 48  
ACD C19 H192 sing N N 49  
ACD C20 H201 sing N N 50  
ACD C20 H202 sing N N 51  
ACD C20 H203 sing N N 52  
ACD O2  HO2  sing N N 53  
ALA N   CA   sing N N 54  
ALA N   H    sing N N 55  
ALA N   H2   sing N N 56  
ALA CA  C    sing N N 57  
ALA CA  CB   sing N N 58  
ALA CA  HA   sing N N 59  
ALA C   O    doub N N 60  
ALA C   OXT  sing N N 61  
ALA CB  HB1  sing N N 62  
ALA CB  HB2  sing N N 63  
ALA CB  HB3  sing N N 64  
ALA OXT HXT  sing N N 65  
ARG N   CA   sing N N 66  
ARG N   H    sing N N 67  
ARG N   H2   sing N N 68  
ARG CA  C    sing N N 69  
ARG CA  CB   sing N N 70  
ARG CA  HA   sing N N 71  
ARG C   O    doub N N 72  
ARG C   OXT  sing N N 73  
ARG CB  CG   sing N N 74  
ARG CB  HB2  sing N N 75  
ARG CB  HB3  sing N N 76  
ARG CG  CD   sing N N 77  
ARG CG  HG2  sing N N 78  
ARG CG  HG3  sing N N 79  
ARG CD  NE   sing N N 80  
ARG CD  HD2  sing N N 81  
ARG CD  HD3  sing N N 82  
ARG NE  CZ   sing N N 83  
ARG NE  HE   sing N N 84  
ARG CZ  NH1  sing N N 85  
ARG CZ  NH2  doub N N 86  
ARG NH1 HH11 sing N N 87  
ARG NH1 HH12 sing N N 88  
ARG NH2 HH21 sing N N 89  
ARG NH2 HH22 sing N N 90  
ARG OXT HXT  sing N N 91  
ASN N   CA   sing N N 92  
ASN N   H    sing N N 93  
ASN N   H2   sing N N 94  
ASN CA  C    sing N N 95  
ASN CA  CB   sing N N 96  
ASN CA  HA   sing N N 97  
ASN C   O    doub N N 98  
ASN C   OXT  sing N N 99  
ASN CB  CG   sing N N 100 
ASN CB  HB2  sing N N 101 
ASN CB  HB3  sing N N 102 
ASN CG  OD1  doub N N 103 
ASN CG  ND2  sing N N 104 
ASN ND2 HD21 sing N N 105 
ASN ND2 HD22 sing N N 106 
ASN OXT HXT  sing N N 107 
ASP N   CA   sing N N 108 
ASP N   H    sing N N 109 
ASP N   H2   sing N N 110 
ASP CA  C    sing N N 111 
ASP CA  CB   sing N N 112 
ASP CA  HA   sing N N 113 
ASP C   O    doub N N 114 
ASP C   OXT  sing N N 115 
ASP CB  CG   sing N N 116 
ASP CB  HB2  sing N N 117 
ASP CB  HB3  sing N N 118 
ASP CG  OD1  doub N N 119 
ASP CG  OD2  sing N N 120 
ASP OD2 HD2  sing N N 121 
ASP OXT HXT  sing N N 122 
CYS N   CA   sing N N 123 
CYS N   H    sing N N 124 
CYS N   H2   sing N N 125 
CYS CA  C    sing N N 126 
CYS CA  CB   sing N N 127 
CYS CA  HA   sing N N 128 
CYS C   O    doub N N 129 
CYS C   OXT  sing N N 130 
CYS CB  SG   sing N N 131 
CYS CB  HB2  sing N N 132 
CYS CB  HB3  sing N N 133 
CYS SG  HG   sing N N 134 
CYS OXT HXT  sing N N 135 
GLN N   CA   sing N N 136 
GLN N   H    sing N N 137 
GLN N   H2   sing N N 138 
GLN CA  C    sing N N 139 
GLN CA  CB   sing N N 140 
GLN CA  HA   sing N N 141 
GLN C   O    doub N N 142 
GLN C   OXT  sing N N 143 
GLN CB  CG   sing N N 144 
GLN CB  HB2  sing N N 145 
GLN CB  HB3  sing N N 146 
GLN CG  CD   sing N N 147 
GLN CG  HG2  sing N N 148 
GLN CG  HG3  sing N N 149 
GLN CD  OE1  doub N N 150 
GLN CD  NE2  sing N N 151 
GLN NE2 HE21 sing N N 152 
GLN NE2 HE22 sing N N 153 
GLN OXT HXT  sing N N 154 
GLU N   CA   sing N N 155 
GLU N   H    sing N N 156 
GLU N   H2   sing N N 157 
GLU CA  C    sing N N 158 
GLU CA  CB   sing N N 159 
GLU CA  HA   sing N N 160 
GLU C   O    doub N N 161 
GLU C   OXT  sing N N 162 
GLU CB  CG   sing N N 163 
GLU CB  HB2  sing N N 164 
GLU CB  HB3  sing N N 165 
GLU CG  CD   sing N N 166 
GLU CG  HG2  sing N N 167 
GLU CG  HG3  sing N N 168 
GLU CD  OE1  doub N N 169 
GLU CD  OE2  sing N N 170 
GLU OE2 HE2  sing N N 171 
GLU OXT HXT  sing N N 172 
GLY N   CA   sing N N 173 
GLY N   H    sing N N 174 
GLY N   H2   sing N N 175 
GLY CA  C    sing N N 176 
GLY CA  HA2  sing N N 177 
GLY CA  HA3  sing N N 178 
GLY C   O    doub N N 179 
GLY C   OXT  sing N N 180 
GLY OXT HXT  sing N N 181 
HIS N   CA   sing N N 182 
HIS N   H    sing N N 183 
HIS N   H2   sing N N 184 
HIS CA  C    sing N N 185 
HIS CA  CB   sing N N 186 
HIS CA  HA   sing N N 187 
HIS C   O    doub N N 188 
HIS C   OXT  sing N N 189 
HIS CB  CG   sing N N 190 
HIS CB  HB2  sing N N 191 
HIS CB  HB3  sing N N 192 
HIS CG  ND1  sing Y N 193 
HIS CG  CD2  doub Y N 194 
HIS ND1 CE1  doub Y N 195 
HIS ND1 HD1  sing N N 196 
HIS CD2 NE2  sing Y N 197 
HIS CD2 HD2  sing N N 198 
HIS CE1 NE2  sing Y N 199 
HIS CE1 HE1  sing N N 200 
HIS NE2 HE2  sing N N 201 
HIS OXT HXT  sing N N 202 
HOH O   H1   sing N N 203 
HOH O   H2   sing N N 204 
ILE N   CA   sing N N 205 
ILE N   H    sing N N 206 
ILE N   H2   sing N N 207 
ILE CA  C    sing N N 208 
ILE CA  CB   sing N N 209 
ILE CA  HA   sing N N 210 
ILE C   O    doub N N 211 
ILE C   OXT  sing N N 212 
ILE CB  CG1  sing N N 213 
ILE CB  CG2  sing N N 214 
ILE CB  HB   sing N N 215 
ILE CG1 CD1  sing N N 216 
ILE CG1 HG12 sing N N 217 
ILE CG1 HG13 sing N N 218 
ILE CG2 HG21 sing N N 219 
ILE CG2 HG22 sing N N 220 
ILE CG2 HG23 sing N N 221 
ILE CD1 HD11 sing N N 222 
ILE CD1 HD12 sing N N 223 
ILE CD1 HD13 sing N N 224 
ILE OXT HXT  sing N N 225 
LEU N   CA   sing N N 226 
LEU N   H    sing N N 227 
LEU N   H2   sing N N 228 
LEU CA  C    sing N N 229 
LEU CA  CB   sing N N 230 
LEU CA  HA   sing N N 231 
LEU C   O    doub N N 232 
LEU C   OXT  sing N N 233 
LEU CB  CG   sing N N 234 
LEU CB  HB2  sing N N 235 
LEU CB  HB3  sing N N 236 
LEU CG  CD1  sing N N 237 
LEU CG  CD2  sing N N 238 
LEU CG  HG   sing N N 239 
LEU CD1 HD11 sing N N 240 
LEU CD1 HD12 sing N N 241 
LEU CD1 HD13 sing N N 242 
LEU CD2 HD21 sing N N 243 
LEU CD2 HD22 sing N N 244 
LEU CD2 HD23 sing N N 245 
LEU OXT HXT  sing N N 246 
LYS N   CA   sing N N 247 
LYS N   H    sing N N 248 
LYS N   H2   sing N N 249 
LYS CA  C    sing N N 250 
LYS CA  CB   sing N N 251 
LYS CA  HA   sing N N 252 
LYS C   O    doub N N 253 
LYS C   OXT  sing N N 254 
LYS CB  CG   sing N N 255 
LYS CB  HB2  sing N N 256 
LYS CB  HB3  sing N N 257 
LYS CG  CD   sing N N 258 
LYS CG  HG2  sing N N 259 
LYS CG  HG3  sing N N 260 
LYS CD  CE   sing N N 261 
LYS CD  HD2  sing N N 262 
LYS CD  HD3  sing N N 263 
LYS CE  NZ   sing N N 264 
LYS CE  HE2  sing N N 265 
LYS CE  HE3  sing N N 266 
LYS NZ  HZ1  sing N N 267 
LYS NZ  HZ2  sing N N 268 
LYS NZ  HZ3  sing N N 269 
LYS OXT HXT  sing N N 270 
MET N   CA   sing N N 271 
MET N   H    sing N N 272 
MET N   H2   sing N N 273 
MET CA  C    sing N N 274 
MET CA  CB   sing N N 275 
MET CA  HA   sing N N 276 
MET C   O    doub N N 277 
MET C   OXT  sing N N 278 
MET CB  CG   sing N N 279 
MET CB  HB2  sing N N 280 
MET CB  HB3  sing N N 281 
MET CG  SD   sing N N 282 
MET CG  HG2  sing N N 283 
MET CG  HG3  sing N N 284 
MET SD  CE   sing N N 285 
MET CE  HE1  sing N N 286 
MET CE  HE2  sing N N 287 
MET CE  HE3  sing N N 288 
MET OXT HXT  sing N N 289 
PHE N   CA   sing N N 290 
PHE N   H    sing N N 291 
PHE N   H2   sing N N 292 
PHE CA  C    sing N N 293 
PHE CA  CB   sing N N 294 
PHE CA  HA   sing N N 295 
PHE C   O    doub N N 296 
PHE C   OXT  sing N N 297 
PHE CB  CG   sing N N 298 
PHE CB  HB2  sing N N 299 
PHE CB  HB3  sing N N 300 
PHE CG  CD1  doub Y N 301 
PHE CG  CD2  sing Y N 302 
PHE CD1 CE1  sing Y N 303 
PHE CD1 HD1  sing N N 304 
PHE CD2 CE2  doub Y N 305 
PHE CD2 HD2  sing N N 306 
PHE CE1 CZ   doub Y N 307 
PHE CE1 HE1  sing N N 308 
PHE CE2 CZ   sing Y N 309 
PHE CE2 HE2  sing N N 310 
PHE CZ  HZ   sing N N 311 
PHE OXT HXT  sing N N 312 
PRO N   CA   sing N N 313 
PRO N   CD   sing N N 314 
PRO N   H    sing N N 315 
PRO CA  C    sing N N 316 
PRO CA  CB   sing N N 317 
PRO CA  HA   sing N N 318 
PRO C   O    doub N N 319 
PRO C   OXT  sing N N 320 
PRO CB  CG   sing N N 321 
PRO CB  HB2  sing N N 322 
PRO CB  HB3  sing N N 323 
PRO CG  CD   sing N N 324 
PRO CG  HG2  sing N N 325 
PRO CG  HG3  sing N N 326 
PRO CD  HD2  sing N N 327 
PRO CD  HD3  sing N N 328 
PRO OXT HXT  sing N N 329 
SER N   CA   sing N N 330 
SER N   H    sing N N 331 
SER N   H2   sing N N 332 
SER CA  C    sing N N 333 
SER CA  CB   sing N N 334 
SER CA  HA   sing N N 335 
SER C   O    doub N N 336 
SER C   OXT  sing N N 337 
SER CB  OG   sing N N 338 
SER CB  HB2  sing N N 339 
SER CB  HB3  sing N N 340 
SER OG  HG   sing N N 341 
SER OXT HXT  sing N N 342 
THR N   CA   sing N N 343 
THR N   H    sing N N 344 
THR N   H2   sing N N 345 
THR CA  C    sing N N 346 
THR CA  CB   sing N N 347 
THR CA  HA   sing N N 348 
THR C   O    doub N N 349 
THR C   OXT  sing N N 350 
THR CB  OG1  sing N N 351 
THR CB  CG2  sing N N 352 
THR CB  HB   sing N N 353 
THR OG1 HG1  sing N N 354 
THR CG2 HG21 sing N N 355 
THR CG2 HG22 sing N N 356 
THR CG2 HG23 sing N N 357 
THR OXT HXT  sing N N 358 
TRP N   CA   sing N N 359 
TRP N   H    sing N N 360 
TRP N   H2   sing N N 361 
TRP CA  C    sing N N 362 
TRP CA  CB   sing N N 363 
TRP CA  HA   sing N N 364 
TRP C   O    doub N N 365 
TRP C   OXT  sing N N 366 
TRP CB  CG   sing N N 367 
TRP CB  HB2  sing N N 368 
TRP CB  HB3  sing N N 369 
TRP CG  CD1  doub Y N 370 
TRP CG  CD2  sing Y N 371 
TRP CD1 NE1  sing Y N 372 
TRP CD1 HD1  sing N N 373 
TRP CD2 CE2  doub Y N 374 
TRP CD2 CE3  sing Y N 375 
TRP NE1 CE2  sing Y N 376 
TRP NE1 HE1  sing N N 377 
TRP CE2 CZ2  sing Y N 378 
TRP CE3 CZ3  doub Y N 379 
TRP CE3 HE3  sing N N 380 
TRP CZ2 CH2  doub Y N 381 
TRP CZ2 HZ2  sing N N 382 
TRP CZ3 CH2  sing Y N 383 
TRP CZ3 HZ3  sing N N 384 
TRP CH2 HH2  sing N N 385 
TRP OXT HXT  sing N N 386 
TYR N   CA   sing N N 387 
TYR N   H    sing N N 388 
TYR N   H2   sing N N 389 
TYR CA  C    sing N N 390 
TYR CA  CB   sing N N 391 
TYR CA  HA   sing N N 392 
TYR C   O    doub N N 393 
TYR C   OXT  sing N N 394 
TYR CB  CG   sing N N 395 
TYR CB  HB2  sing N N 396 
TYR CB  HB3  sing N N 397 
TYR CG  CD1  doub Y N 398 
TYR CG  CD2  sing Y N 399 
TYR CD1 CE1  sing Y N 400 
TYR CD1 HD1  sing N N 401 
TYR CD2 CE2  doub Y N 402 
TYR CD2 HD2  sing N N 403 
TYR CE1 CZ   doub Y N 404 
TYR CE1 HE1  sing N N 405 
TYR CE2 CZ   sing Y N 406 
TYR CE2 HE2  sing N N 407 
TYR CZ  OH   sing N N 408 
TYR OH  HH   sing N N 409 
TYR OXT HXT  sing N N 410 
VAL N   CA   sing N N 411 
VAL N   H    sing N N 412 
VAL N   H2   sing N N 413 
VAL CA  C    sing N N 414 
VAL CA  CB   sing N N 415 
VAL CA  HA   sing N N 416 
VAL C   O    doub N N 417 
VAL C   OXT  sing N N 418 
VAL CB  CG1  sing N N 419 
VAL CB  CG2  sing N N 420 
VAL CB  HB   sing N N 421 
VAL CG1 HG11 sing N N 422 
VAL CG1 HG12 sing N N 423 
VAL CG1 HG13 sing N N 424 
VAL CG2 HG21 sing N N 425 
VAL CG2 HG22 sing N N 426 
VAL CG2 HG23 sing N N 427 
VAL OXT HXT  sing N N 428 
# 
loop_
_pdbx_entity_nonpoly.entity_id 
_pdbx_entity_nonpoly.name 
_pdbx_entity_nonpoly.comp_id 
2 'ARACHIDONIC ACID' ACD 
3 water              HOH 
# 
_pdbx_initial_refinement_model.id               1 
_pdbx_initial_refinement_model.entity_id_list   ? 
_pdbx_initial_refinement_model.type             'experimental model' 
_pdbx_initial_refinement_model.source_name      PDB 
_pdbx_initial_refinement_model.accession_code   1VYF 
_pdbx_initial_refinement_model.details          'PDBE ENTRY 1VYF' 
# 
